data_6UD3
#
_entry.id   6UD3
#
_cell.length_a   1.00
_cell.length_b   1.00
_cell.length_c   1.00
_cell.angle_alpha   90.00
_cell.angle_beta   90.00
_cell.angle_gamma   90.00
#
_symmetry.space_group_name_H-M   'P 1'
#
loop_
_entity.id
_entity.type
_entity.pdbx_description
1 polymer 'Glycine receptor subunit alphaZ1'
2 non-polymer 2-acetamido-2-deoxy-beta-D-glucopyranose
3 non-polymer GLYCINE
4 non-polymer '(1aR,2aR,3S,6R,6aS,8aS,8bR,9R)-2a-hydroxy-8b-methyl-9-(prop-1-en-2-yl)hexahydro-3,6-methano-1,5,7-trioxacyclopenta[ij]c yclopropa[a]azulene-4,8(3H)-dione'
#
_entity_poly.entity_id   1
_entity_poly.type   'polypeptide(L)'
_entity_poly.pdbx_seq_one_letter_code
;MFALGIYLWETIVFFSLAASQQAAARKAASPMPPSEFLDKLMGKVSGYDARIRPNFKGPPVNVTCNIFINSFGSIAETTM
DYRVNIFLRQQWNDPRLAYSEYPDDSLDLDPSMLDSIWKPDLFFANEKGANFHEVTTDNKLLRISKNGNVLYSIRITLVL
ACPMDLKNFPMDVQTCIMQLESFGYTMNDLIFEWDEKGAVQVADGLTLPQFILKEEKDLRYCTKHYNTGKFTCIEARFHL
ERQMGYYLIQMYIPSLLIVILSWVSFWINMDAAPARVGLGITTVLTMTTQSSGSRASLPKVSYVKAIDIWMAVCLLFVFS
ALLEYAAVNFIARQHKELLRFQRRRRHLKEDEAGDGRFSFAAYGMGPACLQAKDGMAIKGNNNNAPTSTNPPEKTVEEMR
KLFISRAKRIDTVSRVAFPLVFLIFNIFYWITYKIIRSEDIHKQGLVPRGSHHHHHHHH
;
_entity_poly.pdbx_strand_id   A,C,E,D,B
#
# COMPACT_ATOMS: atom_id res chain seq x y z
N PRO A 31 7.63 26.75 -54.01
CA PRO A 31 8.95 27.38 -53.94
C PRO A 31 9.97 26.52 -53.18
N MET A 32 10.46 27.01 -52.04
CA MET A 32 11.43 26.26 -51.26
C MET A 32 10.73 25.19 -50.43
N PRO A 33 11.38 24.05 -50.17
CA PRO A 33 10.75 23.00 -49.37
C PRO A 33 10.80 23.33 -47.89
N PRO A 34 9.79 22.90 -47.12
CA PRO A 34 9.81 23.18 -45.67
C PRO A 34 10.86 22.36 -44.93
N SER A 35 11.09 21.11 -45.35
CA SER A 35 12.07 20.28 -44.66
C SER A 35 13.49 20.74 -44.99
N GLU A 36 13.71 21.23 -46.21
CA GLU A 36 14.99 21.83 -46.58
C GLU A 36 15.28 23.07 -45.73
N PHE A 37 14.26 23.91 -45.50
CA PHE A 37 14.43 25.08 -44.64
C PHE A 37 14.63 24.68 -43.18
N LEU A 38 13.96 23.61 -42.74
CA LEU A 38 14.10 23.14 -41.36
C LEU A 38 15.50 22.55 -41.13
N ASP A 39 16.07 21.91 -42.15
CA ASP A 39 17.43 21.40 -42.02
C ASP A 39 18.45 22.52 -42.16
N LYS A 40 18.17 23.53 -42.98
CA LYS A 40 19.07 24.69 -43.08
C LYS A 40 19.09 25.51 -41.80
N LEU A 41 17.96 25.58 -41.10
CA LEU A 41 17.89 26.41 -39.90
C LEU A 41 18.59 25.74 -38.72
N MET A 42 18.33 24.45 -38.52
CA MET A 42 18.95 23.69 -37.44
C MET A 42 19.62 22.46 -38.04
N GLY A 43 20.91 22.29 -37.78
CA GLY A 43 21.64 21.16 -38.31
C GLY A 43 23.08 21.48 -38.67
N LYS A 44 23.52 21.01 -39.83
CA LYS A 44 24.91 21.20 -40.24
C LYS A 44 25.14 22.61 -40.78
N VAL A 45 24.11 23.25 -41.31
CA VAL A 45 24.24 24.60 -41.85
C VAL A 45 24.35 25.60 -40.70
N SER A 46 23.71 25.30 -39.59
CA SER A 46 23.73 26.18 -38.43
C SER A 46 25.07 26.07 -37.72
N GLY A 47 25.65 27.21 -37.37
CA GLY A 47 26.95 27.18 -36.73
C GLY A 47 26.89 26.78 -35.28
N TYR A 48 25.74 26.98 -34.64
CA TYR A 48 25.59 26.65 -33.24
C TYR A 48 25.33 25.15 -33.10
N ASP A 49 25.94 24.55 -32.08
CA ASP A 49 25.85 23.13 -31.80
C ASP A 49 24.74 22.86 -30.78
N ALA A 50 24.19 23.94 -30.19
CA ALA A 50 23.10 24.03 -29.20
C ALA A 50 23.63 23.67 -27.81
N ARG A 51 24.93 23.45 -27.65
CA ARG A 51 25.44 23.16 -26.32
C ARG A 51 25.91 24.44 -25.62
N ILE A 52 25.84 25.58 -26.31
CA ILE A 52 26.26 26.88 -25.77
C ILE A 52 25.02 27.74 -25.54
N ARG A 53 25.01 28.44 -24.40
CA ARG A 53 23.88 29.31 -24.07
C ARG A 53 23.75 30.43 -25.10
N PRO A 54 22.52 30.83 -25.48
CA PRO A 54 22.35 31.90 -26.48
C PRO A 54 22.92 33.20 -25.92
N ASN A 55 23.48 34.03 -26.82
CA ASN A 55 24.12 35.31 -26.47
C ASN A 55 25.22 35.11 -25.42
N PHE A 56 26.08 34.13 -25.69
CA PHE A 56 27.19 33.77 -24.80
C PHE A 56 28.12 34.98 -24.65
N LYS A 57 28.67 35.13 -23.43
CA LYS A 57 29.53 36.27 -23.00
C LYS A 57 28.75 37.57 -23.14
N GLY A 58 27.48 37.51 -22.75
CA GLY A 58 26.54 38.61 -22.79
C GLY A 58 25.61 38.49 -21.60
N PRO A 59 24.77 39.51 -21.37
CA PRO A 59 23.83 39.50 -20.22
C PRO A 59 22.90 38.31 -20.30
N PRO A 60 22.66 37.62 -19.17
CA PRO A 60 21.79 36.42 -19.15
C PRO A 60 20.42 36.58 -19.79
N VAL A 61 20.03 35.58 -20.59
CA VAL A 61 18.72 35.66 -21.23
C VAL A 61 17.63 35.26 -20.25
N ASN A 62 16.72 36.18 -19.95
CA ASN A 62 15.64 35.87 -19.03
C ASN A 62 14.61 34.93 -19.66
N VAL A 63 13.92 34.13 -18.84
CA VAL A 63 12.95 33.20 -19.41
C VAL A 63 11.63 33.43 -18.70
N THR A 64 10.56 33.71 -19.47
CA THR A 64 9.23 33.95 -18.92
C THR A 64 8.51 32.62 -18.66
N CYS A 65 7.95 32.42 -17.46
CA CYS A 65 7.30 31.14 -17.17
C CYS A 65 5.83 31.32 -16.82
N ASN A 66 4.92 30.73 -17.60
CA ASN A 66 3.48 30.75 -17.32
C ASN A 66 3.09 29.36 -16.82
N ILE A 67 2.40 29.26 -15.68
CA ILE A 67 2.02 27.96 -15.15
C ILE A 67 0.50 27.73 -15.22
N PHE A 68 0.07 26.61 -15.83
CA PHE A 68 -1.34 26.25 -15.93
C PHE A 68 -1.52 24.94 -15.17
N ILE A 69 -2.46 24.89 -14.22
CA ILE A 69 -2.67 23.68 -13.43
C ILE A 69 -3.73 22.82 -14.12
N ASN A 70 -3.30 21.70 -14.73
CA ASN A 70 -4.23 20.82 -15.44
C ASN A 70 -5.24 20.17 -14.48
N SER A 71 -4.78 19.68 -13.31
CA SER A 71 -5.68 19.01 -12.36
C SER A 71 -5.03 18.93 -10.98
N PHE A 72 -5.45 19.81 -10.09
CA PHE A 72 -5.09 19.83 -8.68
C PHE A 72 -5.90 18.75 -7.94
N GLY A 73 -5.35 18.22 -6.84
CA GLY A 73 -6.06 17.21 -6.09
C GLY A 73 -5.16 16.12 -5.56
N SER A 74 -5.78 15.07 -4.98
CA SER A 74 -5.09 13.90 -4.40
C SER A 74 -4.03 14.32 -3.37
N ILE A 75 -4.36 15.35 -2.58
CA ILE A 75 -3.45 15.86 -1.57
C ILE A 75 -3.38 14.90 -0.40
N ALA A 76 -2.18 14.43 -0.10
CA ALA A 76 -1.95 13.48 0.98
C ALA A 76 -1.68 14.24 2.27
N GLU A 77 -2.50 13.99 3.30
CA GLU A 77 -2.31 14.70 4.56
C GLU A 77 -1.34 14.00 5.50
N THR A 78 -1.24 12.67 5.43
CA THR A 78 -0.37 11.92 6.32
C THR A 78 1.11 12.01 5.95
N THR A 79 1.44 12.40 4.71
CA THR A 79 2.83 12.51 4.30
C THR A 79 3.19 13.90 3.80
N MET A 80 2.26 14.87 3.87
CA MET A 80 2.48 16.29 3.56
C MET A 80 2.97 16.49 2.12
N ASP A 81 2.13 16.07 1.18
CA ASP A 81 2.45 16.19 -0.24
C ASP A 81 1.15 16.35 -1.02
N TYR A 82 1.30 16.56 -2.33
CA TYR A 82 0.15 16.74 -3.21
C TYR A 82 0.58 16.48 -4.64
N ARG A 83 -0.38 16.01 -5.44
CA ARG A 83 -0.16 15.67 -6.84
C ARG A 83 -0.79 16.74 -7.71
N VAL A 84 0.02 17.29 -8.61
CA VAL A 84 -0.44 18.34 -9.53
C VAL A 84 0.34 18.22 -10.83
N ASN A 85 -0.35 18.40 -11.95
CA ASN A 85 0.30 18.37 -13.25
C ASN A 85 0.19 19.77 -13.86
N ILE A 86 1.33 20.44 -14.02
CA ILE A 86 1.37 21.74 -14.63
C ILE A 86 1.84 21.59 -16.08
N PHE A 87 1.73 22.68 -16.84
CA PHE A 87 2.07 22.65 -18.26
C PHE A 87 3.38 23.35 -18.63
N LEU A 88 3.81 24.37 -17.86
CA LEU A 88 5.18 24.92 -17.84
C LEU A 88 5.58 25.46 -19.21
N ARG A 89 4.84 26.47 -19.67
CA ARG A 89 5.15 27.11 -20.95
C ARG A 89 6.24 28.17 -20.69
N GLN A 90 7.38 28.03 -21.35
CA GLN A 90 8.47 28.97 -21.10
C GLN A 90 8.98 29.61 -22.38
N GLN A 91 9.13 30.94 -22.35
CA GLN A 91 9.57 31.73 -23.50
C GLN A 91 10.88 32.45 -23.19
N TRP A 92 11.81 32.41 -24.14
CA TRP A 92 13.06 33.14 -24.12
C TRP A 92 13.41 33.58 -25.53
N ASN A 93 14.29 34.58 -25.63
CA ASN A 93 14.69 35.13 -26.91
C ASN A 93 16.15 34.81 -27.19
N ASP A 94 16.47 34.49 -28.44
CA ASP A 94 17.83 34.24 -28.85
C ASP A 94 18.16 35.03 -30.12
N PRO A 95 19.39 35.51 -30.25
CA PRO A 95 19.79 36.16 -31.51
C PRO A 95 19.88 35.17 -32.66
N ARG A 96 20.22 33.92 -32.39
CA ARG A 96 20.19 32.88 -33.39
C ARG A 96 18.75 32.48 -33.68
N LEU A 97 18.61 31.59 -34.69
CA LEU A 97 17.34 31.05 -35.18
C LEU A 97 16.38 32.16 -35.63
N ALA A 98 16.93 33.17 -36.29
CA ALA A 98 16.13 34.25 -36.85
C ALA A 98 16.20 34.13 -38.37
N TYR A 99 15.15 33.56 -38.95
CA TYR A 99 15.14 33.35 -40.40
C TYR A 99 14.82 34.65 -41.14
N SER A 100 13.71 35.31 -40.75
CA SER A 100 13.22 36.56 -41.33
C SER A 100 13.00 36.46 -42.84
N GLU A 101 12.52 35.30 -43.29
CA GLU A 101 12.28 35.09 -44.72
C GLU A 101 10.94 34.44 -45.03
N TYR A 102 10.22 33.90 -44.02
CA TYR A 102 8.90 33.35 -44.27
C TYR A 102 7.83 34.43 -44.09
N PRO A 103 6.71 34.36 -44.84
CA PRO A 103 5.71 35.42 -44.73
C PRO A 103 4.83 35.37 -43.48
N ASP A 104 4.92 34.32 -42.67
CA ASP A 104 4.08 34.24 -41.48
C ASP A 104 4.86 34.69 -40.23
N ASP A 105 4.13 34.81 -39.13
CA ASP A 105 4.73 35.33 -37.89
C ASP A 105 5.48 34.24 -37.13
N SER A 106 4.87 33.07 -36.97
CA SER A 106 5.43 31.99 -36.18
C SER A 106 5.39 30.69 -36.96
N LEU A 107 6.11 29.69 -36.46
CA LEU A 107 6.18 28.37 -37.09
C LEU A 107 5.98 27.29 -36.03
N ASP A 108 5.18 26.28 -36.37
CA ASP A 108 4.90 25.17 -35.46
C ASP A 108 5.85 24.01 -35.77
N LEU A 109 6.85 23.83 -34.92
CA LEU A 109 7.89 22.85 -35.20
C LEU A 109 7.47 21.45 -34.73
N ASP A 110 8.26 20.47 -35.16
CA ASP A 110 8.02 19.09 -34.80
C ASP A 110 8.43 18.88 -33.35
N PRO A 111 7.84 17.90 -32.65
CA PRO A 111 8.32 17.56 -31.31
C PRO A 111 9.47 16.56 -31.28
N SER A 112 10.13 16.31 -32.41
CA SER A 112 11.33 15.48 -32.46
C SER A 112 12.60 16.31 -32.53
N MET A 113 12.50 17.64 -32.61
CA MET A 113 13.65 18.53 -32.71
C MET A 113 13.93 19.26 -31.40
N LEU A 114 13.79 18.57 -30.27
CA LEU A 114 13.88 19.23 -28.99
C LEU A 114 15.31 19.51 -28.57
N ASP A 115 16.27 18.75 -29.09
CA ASP A 115 17.67 18.92 -28.73
C ASP A 115 18.31 20.10 -29.43
N SER A 116 17.72 20.57 -30.54
CA SER A 116 18.28 21.69 -31.28
C SER A 116 17.93 23.03 -30.68
N ILE A 117 16.89 23.09 -29.85
CA ILE A 117 16.41 24.35 -29.30
C ILE A 117 17.29 24.81 -28.15
N TRP A 118 17.87 23.86 -27.39
CA TRP A 118 18.58 24.08 -26.12
C TRP A 118 17.69 24.81 -25.11
N LYS A 119 16.68 24.09 -24.67
CA LYS A 119 15.84 24.59 -23.61
C LYS A 119 16.63 24.72 -22.30
N PRO A 120 16.29 25.70 -21.47
CA PRO A 120 17.02 25.91 -20.21
C PRO A 120 16.68 24.88 -19.15
N ASP A 121 17.61 24.75 -18.20
CA ASP A 121 17.43 23.81 -17.11
C ASP A 121 16.45 24.35 -16.08
N LEU A 122 15.66 23.44 -15.51
CA LEU A 122 14.68 23.83 -14.50
C LEU A 122 14.40 22.61 -13.63
N PHE A 123 14.46 22.77 -12.31
CA PHE A 123 14.11 21.69 -11.40
C PHE A 123 13.33 22.26 -10.23
N PHE A 124 12.63 21.37 -9.52
CA PHE A 124 11.86 21.74 -8.35
C PHE A 124 12.60 21.25 -7.11
N ALA A 125 12.74 22.11 -6.11
CA ALA A 125 13.57 21.79 -4.96
C ALA A 125 12.85 20.97 -3.90
N ASN A 126 11.55 20.76 -4.03
CA ASN A 126 10.76 20.00 -3.07
C ASN A 126 9.96 18.93 -3.81
N GLU A 127 10.64 18.21 -4.71
CA GLU A 127 10.00 17.32 -5.66
C GLU A 127 10.25 15.85 -5.35
N LYS A 128 9.18 15.06 -5.38
CA LYS A 128 9.25 13.62 -5.25
C LYS A 128 8.78 12.98 -6.55
N GLY A 129 9.55 12.02 -7.07
CA GLY A 129 9.17 11.30 -8.27
C GLY A 129 9.16 12.12 -9.54
N ALA A 130 7.95 12.50 -9.97
CA ALA A 130 7.66 13.38 -11.11
C ALA A 130 8.23 12.85 -12.44
N ASN A 131 7.66 11.73 -12.87
CA ASN A 131 8.04 11.18 -14.16
C ASN A 131 7.35 11.96 -15.28
N PHE A 132 7.83 11.73 -16.51
CA PHE A 132 7.25 12.35 -17.68
C PHE A 132 6.00 11.60 -18.15
N HIS A 133 5.32 12.18 -19.13
CA HIS A 133 4.16 11.56 -19.76
C HIS A 133 4.53 11.13 -21.18
N GLU A 134 3.94 10.01 -21.63
CA GLU A 134 4.20 9.48 -22.96
C GLU A 134 2.97 8.76 -23.48
N VAL A 135 2.17 9.45 -24.29
CA VAL A 135 1.04 8.83 -24.99
C VAL A 135 1.12 9.22 -26.46
N THR A 136 1.59 8.27 -27.27
CA THR A 136 1.77 8.14 -28.73
C THR A 136 2.87 9.02 -29.31
N THR A 137 3.36 9.99 -28.54
CA THR A 137 4.43 10.94 -28.86
C THR A 137 4.98 11.50 -27.55
N ASP A 138 6.01 12.35 -27.69
CA ASP A 138 6.36 13.26 -26.61
C ASP A 138 5.28 14.33 -26.50
N ASN A 139 4.81 14.54 -25.27
CA ASN A 139 3.77 15.54 -24.96
C ASN A 139 4.41 16.90 -24.71
N LYS A 140 4.90 17.48 -25.81
CA LYS A 140 5.67 18.72 -25.80
C LYS A 140 5.17 19.64 -26.90
N LEU A 141 5.30 20.94 -26.67
CA LEU A 141 4.92 21.96 -27.64
C LEU A 141 6.15 22.74 -28.05
N LEU A 142 6.18 23.16 -29.31
CA LEU A 142 7.35 23.85 -29.84
C LEU A 142 6.91 24.89 -30.86
N ARG A 143 7.37 26.13 -30.68
CA ARG A 143 7.06 27.23 -31.59
C ARG A 143 8.31 28.10 -31.73
N ILE A 144 8.36 28.85 -32.83
CA ILE A 144 9.49 29.74 -33.13
C ILE A 144 8.99 30.87 -34.04
N SER A 145 9.32 32.10 -33.68
CA SER A 145 8.90 33.27 -34.41
C SER A 145 10.09 33.83 -35.19
N LYS A 146 9.85 34.95 -35.88
CA LYS A 146 10.90 35.58 -36.68
C LYS A 146 11.96 36.22 -35.81
N ASN A 147 11.56 36.77 -34.67
CA ASN A 147 12.52 37.41 -33.76
C ASN A 147 13.28 36.38 -32.93
N GLY A 148 12.67 35.25 -32.62
CA GLY A 148 13.29 34.22 -31.80
C GLY A 148 12.55 33.88 -30.52
N ASN A 149 11.37 34.45 -30.29
CA ASN A 149 10.60 34.15 -29.10
C ASN A 149 9.91 32.80 -29.27
N VAL A 150 10.28 31.85 -28.41
CA VAL A 150 9.83 30.47 -28.53
C VAL A 150 8.75 30.19 -27.50
N LEU A 151 8.04 29.07 -27.68
CA LEU A 151 6.98 28.65 -26.77
C LEU A 151 7.15 27.15 -26.53
N TYR A 152 7.38 26.77 -25.27
CA TYR A 152 7.68 25.38 -24.94
C TYR A 152 6.98 24.98 -23.64
N SER A 153 5.93 24.17 -23.76
CA SER A 153 5.14 23.70 -22.63
C SER A 153 5.17 22.18 -22.53
N ILE A 154 5.14 21.68 -21.28
CA ILE A 154 5.30 20.26 -20.99
C ILE A 154 4.41 19.85 -19.82
N ARG A 155 3.50 18.92 -20.05
CA ARG A 155 2.63 18.46 -18.97
C ARG A 155 3.40 17.42 -18.15
N ILE A 156 3.68 17.74 -16.88
CA ILE A 156 4.44 16.88 -15.96
C ILE A 156 3.66 16.76 -14.67
N THR A 157 3.35 15.53 -14.28
CA THR A 157 2.67 15.25 -13.03
C THR A 157 3.68 15.30 -11.89
N LEU A 158 3.56 16.32 -11.04
CA LEU A 158 4.55 16.64 -10.02
C LEU A 158 3.98 16.36 -8.64
N VAL A 159 4.61 15.44 -7.91
CA VAL A 159 4.32 15.27 -6.49
C VAL A 159 5.30 16.17 -5.74
N LEU A 160 4.75 17.15 -5.03
CA LEU A 160 5.54 18.14 -4.31
C LEU A 160 5.27 18.09 -2.81
N ALA A 161 6.34 18.15 -2.03
CA ALA A 161 6.25 18.14 -0.57
C ALA A 161 6.06 19.55 -0.03
N CYS A 162 5.00 19.76 0.76
CA CYS A 162 4.70 21.06 1.33
C CYS A 162 4.76 20.98 2.85
N PRO A 163 5.47 21.89 3.52
CA PRO A 163 5.55 21.87 4.99
C PRO A 163 4.36 22.55 5.67
N MET A 164 3.22 21.88 5.62
CA MET A 164 1.99 22.40 6.20
C MET A 164 2.09 22.45 7.73
N ASP A 165 1.57 23.53 8.30
CA ASP A 165 1.55 23.71 9.75
C ASP A 165 0.12 23.46 10.24
N LEU A 166 -0.06 22.36 10.96
CA LEU A 166 -1.37 21.98 11.45
C LEU A 166 -1.55 22.49 12.88
N LYS A 167 -1.60 23.82 12.99
CA LYS A 167 -1.79 24.44 14.29
C LYS A 167 -3.22 24.27 14.76
N ASN A 168 -4.19 24.47 13.86
CA ASN A 168 -5.58 24.14 14.15
C ASN A 168 -5.99 23.18 13.04
N PHE A 169 -6.33 21.96 13.41
CA PHE A 169 -6.72 20.93 12.45
C PHE A 169 -8.04 21.19 11.67
N PRO A 170 -9.16 21.66 12.28
CA PRO A 170 -10.38 21.84 11.46
C PRO A 170 -10.35 23.01 10.50
N MET A 171 -9.86 24.17 10.92
CA MET A 171 -9.82 25.32 10.02
C MET A 171 -8.71 25.09 8.99
N ASP A 172 -7.46 25.05 9.47
CA ASP A 172 -6.28 24.54 8.75
C ASP A 172 -6.03 25.29 7.44
N VAL A 173 -5.74 26.58 7.59
CA VAL A 173 -5.23 27.36 6.46
C VAL A 173 -3.83 26.87 6.12
N GLN A 174 -3.66 26.36 4.91
CA GLN A 174 -2.41 25.79 4.46
C GLN A 174 -1.88 26.59 3.29
N THR A 175 -0.56 26.54 3.12
CA THR A 175 0.12 27.21 2.01
C THR A 175 1.01 26.21 1.29
N CYS A 176 0.74 26.02 0.00
CA CYS A 176 1.48 25.11 -0.86
C CYS A 176 2.30 25.92 -1.84
N ILE A 177 3.54 25.49 -2.07
CA ILE A 177 4.51 26.24 -2.86
C ILE A 177 5.06 25.34 -3.96
N MET A 178 5.56 25.99 -5.02
CA MET A 178 6.30 25.30 -6.05
C MET A 178 7.52 26.15 -6.38
N GLN A 179 8.71 25.57 -6.36
CA GLN A 179 9.94 26.35 -6.44
C GLN A 179 10.64 26.07 -7.78
N LEU A 180 10.44 26.96 -8.75
CA LEU A 180 11.08 26.86 -10.05
C LEU A 180 12.52 27.31 -9.90
N GLU A 181 13.48 26.39 -10.08
CA GLU A 181 14.86 26.67 -9.80
C GLU A 181 15.73 26.10 -10.92
N SER A 182 16.81 26.81 -11.24
CA SER A 182 17.78 26.34 -12.22
C SER A 182 18.85 25.51 -11.53
N PHE A 183 19.60 24.76 -12.34
CA PHE A 183 20.61 23.85 -11.80
C PHE A 183 21.78 23.81 -12.78
N GLY A 184 22.81 24.59 -12.48
CA GLY A 184 23.99 24.68 -13.32
C GLY A 184 24.26 26.03 -13.92
N TYR A 185 23.30 26.95 -13.88
CA TYR A 185 23.50 28.29 -14.43
C TYR A 185 23.20 29.32 -13.34
N THR A 186 24.21 30.12 -13.03
CA THR A 186 24.22 31.06 -11.90
C THR A 186 23.35 32.29 -12.18
N MET A 187 23.36 33.22 -11.21
CA MET A 187 22.57 34.45 -11.34
C MET A 187 23.12 35.34 -12.42
N ASN A 188 24.43 35.31 -12.65
CA ASN A 188 24.98 36.13 -13.72
C ASN A 188 25.05 35.36 -15.03
N ASP A 189 24.33 34.22 -15.13
CA ASP A 189 24.32 33.37 -16.32
C ASP A 189 22.91 33.10 -16.82
N LEU A 190 21.93 32.86 -15.93
CA LEU A 190 20.55 32.59 -16.34
C LEU A 190 19.60 33.00 -15.21
N ILE A 191 18.69 33.94 -15.47
CA ILE A 191 17.74 34.41 -14.48
C ILE A 191 16.32 34.15 -14.97
N PHE A 192 15.51 33.47 -14.17
CA PHE A 192 14.13 33.23 -14.51
C PHE A 192 13.27 34.40 -13.99
N GLU A 193 12.11 34.58 -14.61
CA GLU A 193 11.17 35.63 -14.24
C GLU A 193 9.76 35.13 -14.46
N TRP A 194 8.80 35.87 -13.89
CA TRP A 194 7.38 35.58 -14.07
C TRP A 194 6.84 36.31 -15.30
N ASP A 195 5.52 36.32 -15.44
CA ASP A 195 4.82 36.99 -16.53
C ASP A 195 3.97 38.12 -15.97
N GLU A 196 3.52 39.00 -16.86
CA GLU A 196 2.68 40.14 -16.47
C GLU A 196 1.24 40.03 -16.96
N LYS A 197 1.00 39.36 -18.08
CA LYS A 197 -0.36 39.09 -18.56
C LYS A 197 -0.70 37.67 -18.08
N GLY A 198 -1.20 37.58 -16.85
CA GLY A 198 -1.51 36.29 -16.25
C GLY A 198 -0.30 35.67 -15.58
N ALA A 199 -0.45 35.19 -14.35
CA ALA A 199 0.68 34.60 -13.63
C ALA A 199 0.52 33.09 -13.51
N VAL A 200 -0.52 32.60 -12.85
CA VAL A 200 -0.74 31.17 -12.79
C VAL A 200 -2.21 30.95 -13.14
N GLN A 201 -2.45 30.25 -14.24
CA GLN A 201 -3.82 29.96 -14.65
C GLN A 201 -4.29 28.65 -14.05
N VAL A 202 -5.60 28.43 -14.07
CA VAL A 202 -6.08 27.18 -13.50
C VAL A 202 -7.11 26.61 -14.48
N ALA A 203 -7.27 25.30 -14.44
CA ALA A 203 -8.21 24.57 -15.29
C ALA A 203 -9.64 24.99 -14.96
N ASP A 204 -10.41 25.33 -15.98
CA ASP A 204 -11.81 25.74 -15.82
C ASP A 204 -12.63 24.58 -15.27
N GLY A 205 -13.56 24.92 -14.37
CA GLY A 205 -14.49 24.01 -13.70
C GLY A 205 -13.92 22.86 -12.89
N LEU A 206 -12.86 23.13 -12.14
CA LEU A 206 -12.15 22.19 -11.26
C LEU A 206 -12.34 22.57 -9.81
N THR A 207 -12.78 21.61 -9.00
CA THR A 207 -13.01 21.85 -7.59
C THR A 207 -12.42 20.66 -6.86
N LEU A 208 -12.09 20.90 -5.60
CA LEU A 208 -11.53 19.91 -4.71
C LEU A 208 -12.41 19.66 -3.51
N PRO A 209 -12.72 18.40 -3.19
CA PRO A 209 -13.58 18.12 -2.02
C PRO A 209 -12.96 18.58 -0.70
N GLN A 210 -11.67 18.30 -0.51
CA GLN A 210 -10.96 18.66 0.71
C GLN A 210 -10.81 20.17 0.91
N PHE A 211 -10.41 20.92 -0.13
CA PHE A 211 -10.17 22.36 0.06
C PHE A 211 -10.65 23.18 -1.12
N ILE A 212 -10.93 24.46 -0.91
CA ILE A 212 -11.35 25.33 -2.00
C ILE A 212 -10.16 26.22 -2.36
N LEU A 213 -9.73 26.18 -3.63
CA LEU A 213 -8.56 26.95 -4.04
C LEU A 213 -8.79 28.46 -4.04
N LYS A 214 -8.00 29.19 -3.24
CA LYS A 214 -8.11 30.65 -3.19
C LYS A 214 -7.62 31.23 -4.51
N GLU A 215 -8.27 32.29 -4.96
CA GLU A 215 -7.94 32.93 -6.23
C GLU A 215 -6.99 34.10 -6.06
N GLU A 216 -6.46 34.30 -4.84
CA GLU A 216 -5.54 35.41 -4.59
C GLU A 216 -4.24 35.17 -5.34
N LYS A 217 -3.73 33.92 -5.27
CA LYS A 217 -2.51 33.46 -5.95
C LYS A 217 -1.28 34.31 -5.68
N ASP A 218 -1.08 34.70 -4.40
CA ASP A 218 0.07 35.50 -3.98
C ASP A 218 1.37 34.87 -4.48
N LEU A 219 2.19 35.68 -5.13
CA LEU A 219 3.44 35.19 -5.68
C LEU A 219 4.55 36.22 -5.58
N ARG A 220 5.76 35.70 -5.45
CA ARG A 220 7.00 36.47 -5.32
C ARG A 220 8.13 35.50 -5.62
N TYR A 221 9.36 35.93 -5.42
CA TYR A 221 10.48 35.03 -5.69
C TYR A 221 11.61 35.28 -4.69
N CYS A 222 12.20 34.17 -4.24
CA CYS A 222 13.34 34.18 -3.34
C CYS A 222 14.63 34.09 -4.15
N THR A 223 15.73 33.75 -3.49
CA THR A 223 16.99 33.44 -4.16
C THR A 223 17.72 32.38 -3.34
N LYS A 224 18.71 31.75 -3.96
CA LYS A 224 19.49 30.70 -3.31
C LYS A 224 20.96 31.08 -3.28
N HIS A 225 21.63 30.74 -2.18
CA HIS A 225 23.06 30.99 -1.98
C HIS A 225 23.70 29.71 -1.49
N TYR A 226 24.26 28.93 -2.41
CA TYR A 226 24.95 27.70 -2.08
C TYR A 226 26.45 27.99 -1.96
N ASN A 227 27.25 26.94 -1.86
CA ASN A 227 28.70 27.11 -1.77
C ASN A 227 29.37 27.18 -3.12
N THR A 228 28.61 27.06 -4.21
CA THR A 228 29.14 27.11 -5.56
C THR A 228 28.78 28.36 -6.32
N GLY A 229 27.77 29.10 -5.88
CA GLY A 229 27.38 30.32 -6.55
C GLY A 229 25.97 30.72 -6.17
N LYS A 230 25.49 31.76 -6.82
CA LYS A 230 24.16 32.32 -6.61
C LYS A 230 23.23 31.80 -7.71
N PHE A 231 22.21 31.05 -7.30
CA PHE A 231 21.23 30.46 -8.21
C PHE A 231 19.86 31.09 -7.99
N THR A 232 19.14 31.31 -9.08
CA THR A 232 17.81 31.89 -9.00
C THR A 232 16.79 30.85 -8.56
N CYS A 233 15.76 31.32 -7.88
CA CYS A 233 14.72 30.43 -7.37
C CYS A 233 13.41 31.19 -7.38
N ILE A 234 12.54 30.85 -8.31
CA ILE A 234 11.26 31.53 -8.50
C ILE A 234 10.18 30.66 -7.91
N GLU A 235 9.24 31.26 -7.17
CA GLU A 235 8.27 30.44 -6.49
C GLU A 235 6.86 31.00 -6.72
N ALA A 236 5.89 30.28 -6.20
CA ALA A 236 4.48 30.66 -6.29
C ALA A 236 3.78 30.02 -5.11
N ARG A 237 2.96 30.79 -4.40
CA ARG A 237 2.30 30.33 -3.19
C ARG A 237 0.82 30.14 -3.42
N PHE A 238 0.32 28.96 -3.05
CA PHE A 238 -1.12 28.74 -3.08
C PHE A 238 -1.66 28.82 -1.67
N HIS A 239 -2.99 28.89 -1.59
CA HIS A 239 -3.69 28.97 -0.32
C HIS A 239 -4.87 28.00 -0.29
N LEU A 240 -4.85 27.05 0.66
CA LEU A 240 -5.89 26.03 0.79
C LEU A 240 -6.49 26.05 2.19
N GLU A 241 -7.80 26.35 2.28
CA GLU A 241 -8.54 26.22 3.52
C GLU A 241 -9.48 25.03 3.47
N ARG A 242 -9.78 24.45 4.61
CA ARG A 242 -10.64 23.28 4.68
C ARG A 242 -12.10 23.67 4.48
N GLN A 243 -12.79 22.94 3.61
CA GLN A 243 -14.24 23.09 3.46
C GLN A 243 -14.87 22.30 4.58
N MET A 244 -15.30 23.02 5.62
CA MET A 244 -15.84 22.41 6.82
C MET A 244 -17.19 21.75 6.57
N GLY A 245 -17.46 20.69 7.31
CA GLY A 245 -18.70 19.97 7.14
C GLY A 245 -18.55 18.50 7.46
N TYR A 246 -17.61 17.89 6.72
CA TYR A 246 -17.30 16.48 6.87
C TYR A 246 -16.77 16.19 8.26
N TYR A 247 -15.89 17.07 8.75
CA TYR A 247 -15.27 16.91 10.07
C TYR A 247 -16.33 16.94 11.16
N LEU A 248 -17.29 17.88 11.00
CA LEU A 248 -18.36 18.06 11.97
C LEU A 248 -19.23 16.82 12.06
N ILE A 249 -19.62 16.26 10.90
CA ILE A 249 -20.47 15.06 10.87
C ILE A 249 -19.72 13.86 11.44
N GLN A 250 -18.46 13.67 11.04
CA GLN A 250 -17.66 12.52 11.44
C GLN A 250 -17.32 12.48 12.91
N MET A 251 -16.88 13.60 13.49
CA MET A 251 -16.47 13.53 14.88
C MET A 251 -17.17 14.52 15.81
N TYR A 252 -17.49 15.74 15.36
CA TYR A 252 -18.10 16.70 16.28
C TYR A 252 -19.49 16.21 16.68
N ILE A 253 -20.31 15.76 15.71
CA ILE A 253 -21.66 15.30 16.02
C ILE A 253 -21.60 14.03 16.89
N PRO A 254 -20.77 12.97 16.64
CA PRO A 254 -20.78 11.77 17.54
C PRO A 254 -20.34 12.08 18.96
N SER A 255 -19.30 12.91 19.12
CA SER A 255 -18.77 13.29 20.43
C SER A 255 -19.83 14.02 21.22
N LEU A 256 -20.58 14.92 20.55
CA LEU A 256 -21.63 15.70 21.19
C LEU A 256 -22.65 14.71 21.75
N LEU A 257 -23.23 13.86 20.86
CA LEU A 257 -24.23 12.86 21.25
C LEU A 257 -23.75 12.06 22.47
N ILE A 258 -22.44 11.68 22.48
CA ILE A 258 -21.88 10.89 23.57
C ILE A 258 -21.98 11.66 24.90
N VAL A 259 -21.67 12.97 24.82
CA VAL A 259 -21.76 13.85 25.99
C VAL A 259 -23.20 13.95 26.45
N ILE A 260 -24.12 14.04 25.47
CA ILE A 260 -25.55 14.12 25.73
C ILE A 260 -26.01 12.87 26.45
N LEU A 261 -25.47 11.69 26.03
CA LEU A 261 -25.83 10.40 26.61
C LEU A 261 -25.47 10.39 28.08
N SER A 262 -24.27 10.95 28.39
CA SER A 262 -23.82 11.00 29.77
C SER A 262 -24.77 11.86 30.59
N TRP A 263 -25.21 12.98 29.99
CA TRP A 263 -26.13 13.88 30.72
C TRP A 263 -27.44 13.19 31.06
N VAL A 264 -27.96 12.40 30.10
CA VAL A 264 -29.24 11.71 30.29
C VAL A 264 -29.13 10.67 31.41
N SER A 265 -27.92 10.08 31.61
CA SER A 265 -27.65 9.03 32.63
C SER A 265 -28.18 9.39 34.02
N PHE A 266 -27.97 10.64 34.43
CA PHE A 266 -28.41 11.16 35.72
C PHE A 266 -29.92 11.10 35.85
N TRP A 267 -30.59 11.55 34.79
CA TRP A 267 -32.04 11.51 34.67
C TRP A 267 -32.51 10.08 34.36
N ILE A 268 -31.72 9.28 33.60
CA ILE A 268 -32.11 7.91 33.24
C ILE A 268 -32.21 7.03 34.48
N ASN A 269 -31.24 7.11 35.37
CA ASN A 269 -31.20 6.30 36.57
C ASN A 269 -31.09 7.08 37.86
N MET A 270 -32.03 6.86 38.76
CA MET A 270 -31.98 7.53 40.04
C MET A 270 -32.03 6.48 41.14
N ASP A 271 -33.01 5.57 41.06
CA ASP A 271 -33.20 4.53 42.06
C ASP A 271 -32.02 3.56 42.11
N ALA A 272 -31.51 3.14 40.96
CA ALA A 272 -30.42 2.17 40.95
C ALA A 272 -29.15 2.79 40.38
N ALA A 273 -28.13 2.74 41.18
CA ALA A 273 -26.77 3.21 40.91
C ALA A 273 -25.96 2.45 39.82
N PRO A 274 -25.96 1.00 39.75
CA PRO A 274 -25.16 0.26 38.74
C PRO A 274 -25.16 0.79 37.30
N ALA A 275 -26.39 0.97 36.82
CA ALA A 275 -26.67 1.45 35.47
C ALA A 275 -25.91 2.74 35.14
N ARG A 276 -25.88 3.69 36.08
CA ARG A 276 -25.10 4.93 35.90
C ARG A 276 -23.63 4.62 35.83
N VAL A 277 -23.16 3.70 36.72
CA VAL A 277 -21.73 3.32 36.74
C VAL A 277 -21.31 2.80 35.37
N GLY A 278 -22.04 1.79 34.87
CA GLY A 278 -21.73 1.20 33.57
C GLY A 278 -21.86 2.12 32.37
N LEU A 279 -22.90 2.99 32.35
CA LEU A 279 -22.98 4.08 31.37
C LEU A 279 -21.73 4.94 31.35
N GLY A 280 -21.30 5.42 32.53
CA GLY A 280 -20.13 6.27 32.61
C GLY A 280 -18.83 5.60 32.20
N ILE A 281 -18.70 4.30 32.55
CA ILE A 281 -17.53 3.49 32.20
C ILE A 281 -17.40 3.35 30.69
N THR A 282 -18.46 2.92 30.06
CA THR A 282 -18.37 2.64 28.66
C THR A 282 -18.39 3.91 27.84
N THR A 283 -19.05 4.96 28.34
CA THR A 283 -18.96 6.23 27.65
C THR A 283 -17.53 6.75 27.65
N VAL A 284 -16.81 6.62 28.78
CA VAL A 284 -15.39 6.99 28.83
C VAL A 284 -14.55 6.10 27.91
N LEU A 285 -14.88 4.80 27.85
CA LEU A 285 -14.13 3.87 27.00
C LEU A 285 -14.36 4.11 25.51
N THR A 286 -15.60 4.39 25.13
CA THR A 286 -15.87 4.69 23.72
C THR A 286 -15.36 6.08 23.34
N MET A 287 -15.28 7.01 24.30
CA MET A 287 -14.68 8.30 24.04
C MET A 287 -13.18 8.17 23.79
N THR A 288 -12.50 7.34 24.59
CA THR A 288 -11.08 7.08 24.36
C THR A 288 -10.83 6.31 23.07
N THR A 289 -11.74 5.39 22.73
CA THR A 289 -11.70 4.68 21.44
C THR A 289 -11.84 5.64 20.26
N GLN A 290 -12.79 6.57 20.34
CA GLN A 290 -13.00 7.56 19.28
C GLN A 290 -11.83 8.55 19.21
N SER A 291 -11.24 8.91 20.36
CA SER A 291 -10.10 9.82 20.38
C SER A 291 -8.84 9.15 19.83
N SER A 292 -8.72 7.83 20.01
CA SER A 292 -7.62 7.06 19.45
C SER A 292 -7.81 6.86 17.95
N GLY A 293 -9.06 6.65 17.52
CA GLY A 293 -9.36 6.42 16.12
C GLY A 293 -9.38 7.68 15.28
N SER A 294 -9.45 8.85 15.93
CA SER A 294 -9.48 10.11 15.18
C SER A 294 -8.12 10.52 14.65
N ARG A 295 -7.05 10.03 15.25
CA ARG A 295 -5.70 10.37 14.84
C ARG A 295 -5.06 9.33 13.92
N ALA A 296 -5.87 8.49 13.26
CA ALA A 296 -5.26 7.47 12.42
C ALA A 296 -4.79 8.06 11.09
N SER A 297 -5.60 8.94 10.49
CA SER A 297 -5.22 9.60 9.25
C SER A 297 -4.20 10.72 9.49
N LEU A 298 -4.07 11.19 10.72
CA LEU A 298 -3.18 12.28 11.08
C LEU A 298 -1.74 11.81 11.10
N PRO A 299 -0.79 12.65 10.70
CA PRO A 299 0.62 12.33 10.90
C PRO A 299 1.00 12.58 12.34
N LYS A 300 2.07 11.89 12.77
CA LYS A 300 2.49 12.03 14.16
C LYS A 300 3.14 13.40 14.36
N VAL A 301 2.58 14.19 15.30
CA VAL A 301 3.06 15.57 15.53
C VAL A 301 3.01 15.80 17.04
N SER A 302 3.91 16.66 17.54
CA SER A 302 4.07 16.87 18.98
C SER A 302 3.02 17.79 19.57
N TYR A 303 2.70 18.89 18.90
CA TYR A 303 1.87 19.94 19.50
C TYR A 303 0.40 19.53 19.48
N VAL A 304 -0.43 20.38 20.10
CA VAL A 304 -1.81 20.07 20.42
C VAL A 304 -2.71 20.82 19.44
N LYS A 305 -3.61 20.07 18.80
CA LYS A 305 -4.57 20.62 17.86
C LYS A 305 -5.87 20.97 18.58
N ALA A 306 -6.84 21.50 17.82
CA ALA A 306 -8.13 21.85 18.39
C ALA A 306 -8.94 20.58 18.72
N ILE A 307 -8.79 19.56 17.90
CA ILE A 307 -9.43 18.26 18.20
C ILE A 307 -8.89 17.68 19.46
N ASP A 308 -7.59 17.82 19.72
CA ASP A 308 -6.99 17.29 20.92
C ASP A 308 -7.32 18.11 22.17
N ILE A 309 -7.91 19.29 22.01
CA ILE A 309 -8.50 20.02 23.13
C ILE A 309 -9.95 19.62 23.33
N TRP A 310 -10.71 19.55 22.22
CA TRP A 310 -12.14 19.22 22.26
C TRP A 310 -12.39 17.83 22.84
N MET A 311 -11.68 16.82 22.33
CA MET A 311 -11.85 15.45 22.82
C MET A 311 -11.42 15.31 24.28
N ALA A 312 -10.36 16.04 24.67
CA ALA A 312 -9.85 15.98 26.04
C ALA A 312 -10.82 16.63 27.02
N VAL A 313 -11.47 17.72 26.61
CA VAL A 313 -12.40 18.41 27.49
C VAL A 313 -13.72 17.64 27.58
N CYS A 314 -14.15 16.99 26.48
CA CYS A 314 -15.37 16.18 26.53
C CYS A 314 -15.15 14.89 27.33
N LEU A 315 -13.95 14.33 27.25
CA LEU A 315 -13.57 13.19 28.07
C LEU A 315 -13.46 13.61 29.55
N LEU A 316 -13.09 14.87 29.79
CA LEU A 316 -13.06 15.44 31.13
C LEU A 316 -14.48 15.54 31.66
N PHE A 317 -15.41 16.06 30.86
CA PHE A 317 -16.81 16.22 31.25
C PHE A 317 -17.43 14.87 31.62
N VAL A 318 -17.31 13.88 30.73
CA VAL A 318 -17.88 12.54 30.95
C VAL A 318 -17.27 11.91 32.20
N PHE A 319 -15.94 12.06 32.36
CA PHE A 319 -15.22 11.51 33.51
C PHE A 319 -15.73 12.19 34.78
N SER A 320 -15.70 13.53 34.80
CA SER A 320 -16.16 14.38 35.91
C SER A 320 -17.55 13.95 36.36
N ALA A 321 -18.43 13.66 35.38
CA ALA A 321 -19.79 13.22 35.69
C ALA A 321 -19.75 11.93 36.47
N LEU A 322 -18.88 11.00 36.03
CA LEU A 322 -18.74 9.72 36.71
C LEU A 322 -18.23 9.96 38.14
N LEU A 323 -17.27 10.89 38.28
CA LEU A 323 -16.71 11.25 39.58
C LEU A 323 -17.81 11.74 40.51
N GLU A 324 -18.60 12.74 40.03
CA GLU A 324 -19.75 13.34 40.73
C GLU A 324 -20.63 12.20 41.29
N TYR A 325 -20.80 11.18 40.44
CA TYR A 325 -21.56 9.98 40.73
C TYR A 325 -20.94 9.21 41.87
N ALA A 326 -19.60 9.12 41.89
CA ALA A 326 -18.89 8.40 42.96
C ALA A 326 -19.20 9.09 44.27
N ALA A 327 -19.17 10.43 44.24
CA ALA A 327 -19.45 11.21 45.42
C ALA A 327 -20.89 10.96 45.89
N VAL A 328 -21.85 10.88 44.93
CA VAL A 328 -23.25 10.60 45.30
C VAL A 328 -23.38 9.24 45.96
N ASN A 329 -22.63 8.25 45.46
CA ASN A 329 -22.71 6.92 46.04
C ASN A 329 -22.02 6.86 47.41
N PHE A 330 -21.08 7.78 47.63
CA PHE A 330 -20.44 7.89 48.94
C PHE A 330 -21.38 8.48 49.96
N ILE A 331 -22.11 9.52 49.57
CA ILE A 331 -23.16 10.09 50.44
C ILE A 331 -24.26 9.06 50.72
N ALA A 332 -24.61 8.26 49.70
CA ALA A 332 -25.60 7.19 49.87
C ALA A 332 -25.10 6.09 50.81
N ARG A 333 -23.82 5.74 50.72
CA ARG A 333 -23.26 4.71 51.59
C ARG A 333 -23.11 5.20 53.03
N GLN A 334 -22.77 6.49 53.20
CA GLN A 334 -22.75 7.10 54.53
C GLN A 334 -24.15 7.12 55.16
N HIS A 335 -25.16 7.45 54.36
CA HIS A 335 -26.54 7.41 54.82
C HIS A 335 -26.98 5.98 55.15
N LYS A 336 -26.49 4.99 54.39
CA LYS A 336 -26.83 3.58 54.64
C LYS A 336 -26.18 3.08 55.91
N GLU A 337 -24.92 3.45 56.16
CA GLU A 337 -24.20 3.00 57.35
C GLU A 337 -24.64 3.78 58.58
N LEU A 338 -25.24 4.95 58.38
CA LEU A 338 -25.86 5.66 59.49
C LEU A 338 -27.20 5.03 59.86
N LEU A 339 -28.01 4.65 58.87
CA LEU A 339 -29.30 4.05 59.20
C LEU A 339 -29.12 2.62 59.72
N MET A 399 -29.88 12.69 61.27
CA MET A 399 -29.03 13.14 60.19
C MET A 399 -29.43 12.46 58.89
N ARG A 400 -30.45 11.58 58.99
CA ARG A 400 -30.96 10.85 57.82
C ARG A 400 -31.54 11.82 56.81
N LYS A 401 -32.31 12.81 57.29
CA LYS A 401 -32.93 13.82 56.44
C LYS A 401 -31.85 14.64 55.75
N LEU A 402 -30.81 14.99 56.50
CA LEU A 402 -29.71 15.79 55.98
C LEU A 402 -29.01 15.07 54.84
N PHE A 403 -28.74 13.75 55.03
CA PHE A 403 -28.06 12.97 54.00
C PHE A 403 -28.91 12.90 52.73
N ILE A 404 -30.24 12.68 52.90
CA ILE A 404 -31.15 12.56 51.75
C ILE A 404 -31.15 13.89 51.00
N SER A 405 -31.21 15.00 51.77
CA SER A 405 -31.25 16.35 51.22
C SER A 405 -29.98 16.63 50.42
N ARG A 406 -28.82 16.23 50.98
CA ARG A 406 -27.53 16.46 50.33
C ARG A 406 -27.48 15.71 49.00
N ALA A 407 -27.95 14.45 49.00
CA ALA A 407 -27.94 13.63 47.77
C ALA A 407 -28.83 14.28 46.72
N LYS A 408 -30.03 14.74 47.15
CA LYS A 408 -30.99 15.36 46.25
C LYS A 408 -30.40 16.63 45.66
N ARG A 409 -29.70 17.39 46.52
CA ARG A 409 -29.07 18.64 46.12
C ARG A 409 -28.02 18.41 45.07
N ILE A 410 -27.19 17.38 45.26
CA ILE A 410 -26.12 17.04 44.32
C ILE A 410 -26.74 16.68 42.96
N ASP A 411 -27.84 15.90 43.01
CA ASP A 411 -28.58 15.44 41.82
C ASP A 411 -29.18 16.62 41.05
N THR A 412 -29.73 17.61 41.75
CA THR A 412 -30.41 18.74 41.11
C THR A 412 -29.43 19.84 40.72
N VAL A 413 -28.24 19.92 41.31
CA VAL A 413 -27.23 20.94 41.01
C VAL A 413 -26.39 20.46 39.83
N SER A 414 -26.13 19.15 39.82
CA SER A 414 -25.35 18.45 38.80
C SER A 414 -25.91 18.70 37.42
N ARG A 415 -27.17 18.29 37.23
CA ARG A 415 -27.90 18.37 35.98
C ARG A 415 -28.09 19.80 35.51
N VAL A 416 -28.27 20.76 36.43
CA VAL A 416 -28.41 22.16 36.05
C VAL A 416 -27.07 22.68 35.55
N ALA A 417 -25.98 22.32 36.26
CA ALA A 417 -24.60 22.76 36.01
C ALA A 417 -24.01 22.28 34.69
N PHE A 418 -24.25 21.01 34.27
CA PHE A 418 -23.57 20.45 33.09
C PHE A 418 -23.86 21.24 31.79
N PRO A 419 -25.12 21.62 31.44
CA PRO A 419 -25.38 22.36 30.18
C PRO A 419 -24.75 23.74 30.14
N LEU A 420 -24.86 24.51 31.22
CA LEU A 420 -24.31 25.86 31.27
C LEU A 420 -22.79 25.82 31.16
N VAL A 421 -22.12 24.85 31.80
CA VAL A 421 -20.66 24.76 31.77
C VAL A 421 -20.21 24.15 30.45
N PHE A 422 -21.12 23.55 29.70
CA PHE A 422 -20.77 22.96 28.42
C PHE A 422 -21.07 23.96 27.30
N LEU A 423 -22.24 24.60 27.37
CA LEU A 423 -22.69 25.57 26.39
C LEU A 423 -21.75 26.78 26.36
N ILE A 424 -21.36 27.28 27.55
CA ILE A 424 -20.47 28.44 27.66
C ILE A 424 -19.11 28.09 27.06
N PHE A 425 -18.66 26.84 27.27
CA PHE A 425 -17.38 26.39 26.78
C PHE A 425 -17.44 26.17 25.27
N ASN A 426 -18.48 25.49 24.77
CA ASN A 426 -18.59 25.21 23.33
C ASN A 426 -18.66 26.51 22.55
N ILE A 427 -19.50 27.46 23.02
CA ILE A 427 -19.64 28.76 22.34
C ILE A 427 -18.30 29.49 22.41
N PHE A 428 -17.63 29.43 23.59
CA PHE A 428 -16.36 30.11 23.79
C PHE A 428 -15.32 29.57 22.83
N TYR A 429 -15.27 28.24 22.66
CA TYR A 429 -14.29 27.60 21.79
C TYR A 429 -14.52 28.05 20.34
N TRP A 430 -15.80 28.04 19.92
CA TRP A 430 -16.12 28.44 18.56
C TRP A 430 -15.74 29.91 18.32
N ILE A 431 -16.03 30.79 19.31
CA ILE A 431 -15.72 32.21 19.13
C ILE A 431 -14.20 32.41 19.06
N THR A 432 -13.45 31.63 19.88
CA THR A 432 -11.99 31.76 19.96
C THR A 432 -11.30 31.14 18.77
N TYR A 433 -12.06 30.54 17.87
CA TYR A 433 -11.49 29.94 16.68
C TYR A 433 -12.04 30.65 15.45
N LYS A 434 -13.25 31.20 15.54
CA LYS A 434 -13.82 32.02 14.48
C LYS A 434 -13.11 33.36 14.39
N ILE A 435 -12.74 33.93 15.54
CA ILE A 435 -12.07 35.23 15.50
C ILE A 435 -10.61 35.06 15.09
N ILE A 436 -10.00 33.90 15.34
CA ILE A 436 -8.63 33.71 14.87
C ILE A 436 -8.66 33.31 13.39
N ARG A 437 -9.78 32.75 12.91
CA ARG A 437 -9.96 32.51 11.49
C ARG A 437 -10.13 33.82 10.74
N SER A 438 -10.93 34.74 11.30
CA SER A 438 -11.12 36.03 10.67
C SER A 438 -9.88 36.92 10.80
N GLU A 439 -9.04 36.69 11.82
CA GLU A 439 -7.78 37.42 11.93
C GLU A 439 -6.73 36.87 10.98
N ASP A 440 -6.78 35.56 10.70
CA ASP A 440 -5.88 34.98 9.71
C ASP A 440 -6.30 35.36 8.30
N ILE A 441 -7.61 35.37 8.04
CA ILE A 441 -8.14 35.78 6.76
C ILE A 441 -8.48 37.27 6.78
N PRO B 31 55.83 5.18 -22.82
CA PRO B 31 55.89 4.19 -23.90
C PRO B 31 54.59 4.08 -24.69
N MET B 32 53.94 2.92 -24.64
CA MET B 32 52.69 2.74 -25.36
C MET B 32 51.54 3.39 -24.58
N PRO B 33 50.50 3.88 -25.27
CA PRO B 33 49.37 4.49 -24.57
C PRO B 33 48.43 3.43 -24.01
N PRO B 34 47.78 3.71 -22.88
CA PRO B 34 46.85 2.72 -22.32
C PRO B 34 45.57 2.59 -23.13
N SER B 35 45.07 3.69 -23.70
CA SER B 35 43.84 3.61 -24.48
C SER B 35 44.09 2.93 -25.82
N GLU B 36 45.29 3.13 -26.40
CA GLU B 36 45.69 2.41 -27.60
C GLU B 36 45.74 0.91 -27.35
N PHE B 37 46.28 0.49 -26.20
CA PHE B 37 46.32 -0.93 -25.84
C PHE B 37 44.93 -1.46 -25.54
N LEU B 38 44.06 -0.63 -24.96
CA LEU B 38 42.70 -1.07 -24.65
C LEU B 38 41.87 -1.22 -25.92
N ASP B 39 42.14 -0.39 -26.94
CA ASP B 39 41.47 -0.54 -28.21
C ASP B 39 42.05 -1.70 -29.02
N LYS B 40 43.36 -1.94 -28.90
CA LYS B 40 43.97 -3.08 -29.57
C LYS B 40 43.50 -4.40 -28.98
N LEU B 41 43.23 -4.44 -27.67
CA LEU B 41 42.84 -5.69 -27.03
C LEU B 41 41.39 -6.05 -27.34
N MET B 42 40.49 -5.07 -27.23
CA MET B 42 39.08 -5.28 -27.54
C MET B 42 38.65 -4.25 -28.57
N GLY B 43 38.09 -4.72 -29.68
CA GLY B 43 37.65 -3.82 -30.74
C GLY B 43 37.83 -4.38 -32.13
N LYS B 44 38.34 -3.56 -33.04
CA LYS B 44 38.50 -3.98 -34.43
C LYS B 44 39.74 -4.85 -34.61
N VAL B 45 40.74 -4.69 -33.76
CA VAL B 45 41.95 -5.50 -33.86
C VAL B 45 41.68 -6.92 -33.37
N SER B 46 40.77 -7.06 -32.41
CA SER B 46 40.43 -8.36 -31.86
C SER B 46 39.56 -9.12 -32.85
N GLY B 47 39.88 -10.40 -33.07
CA GLY B 47 39.11 -11.17 -34.03
C GLY B 47 37.77 -11.61 -33.49
N TYR B 48 37.64 -11.70 -32.18
CA TYR B 48 36.40 -12.15 -31.57
C TYR B 48 35.43 -10.97 -31.53
N ASP B 49 34.16 -11.27 -31.80
CA ASP B 49 33.08 -10.29 -31.85
C ASP B 49 32.35 -10.23 -30.50
N ALA B 50 32.68 -11.18 -29.61
CA ALA B 50 32.20 -11.40 -28.22
C ALA B 50 30.82 -12.05 -28.25
N ARG B 51 30.30 -12.42 -29.41
CA ARG B 51 29.01 -13.09 -29.44
C ARG B 51 29.17 -14.60 -29.40
N ILE B 52 30.42 -15.10 -29.40
CA ILE B 52 30.72 -16.52 -29.39
C ILE B 52 31.32 -16.88 -28.02
N ARG B 53 30.90 -18.01 -27.48
CA ARG B 53 31.39 -18.46 -26.19
C ARG B 53 32.91 -18.73 -26.26
N PRO B 54 33.69 -18.40 -25.20
CA PRO B 54 35.14 -18.64 -25.25
C PRO B 54 35.41 -20.13 -25.35
N ASN B 55 36.50 -20.50 -26.07
CA ASN B 55 36.89 -21.89 -26.32
C ASN B 55 35.74 -22.68 -26.95
N PHE B 56 35.17 -22.09 -28.01
CA PHE B 56 34.06 -22.69 -28.74
C PHE B 56 34.50 -24.02 -29.35
N LYS B 57 33.57 -24.98 -29.37
CA LYS B 57 33.77 -26.37 -29.82
C LYS B 57 34.83 -27.03 -28.94
N GLY B 58 34.74 -26.74 -27.64
CA GLY B 58 35.65 -27.24 -26.63
C GLY B 58 34.85 -27.45 -25.35
N PRO B 59 35.47 -28.06 -24.33
CA PRO B 59 34.78 -28.34 -23.04
C PRO B 59 34.28 -27.05 -22.42
N PRO B 60 33.04 -27.03 -21.89
CA PRO B 60 32.46 -25.82 -21.29
C PRO B 60 33.32 -25.12 -20.24
N VAL B 61 33.39 -23.79 -20.34
CA VAL B 61 34.19 -23.04 -19.38
C VAL B 61 33.41 -22.87 -18.07
N ASN B 62 33.93 -23.43 -16.98
CA ASN B 62 33.25 -23.29 -15.70
C ASN B 62 33.35 -21.87 -15.15
N VAL B 63 32.38 -21.44 -14.36
CA VAL B 63 32.42 -20.08 -13.83
C VAL B 63 32.29 -20.17 -12.31
N THR B 64 33.26 -19.60 -11.59
CA THR B 64 33.25 -19.60 -10.12
C THR B 64 32.38 -18.47 -9.57
N CYS B 65 31.45 -18.75 -8.65
CA CYS B 65 30.57 -17.69 -8.16
C CYS B 65 30.71 -17.51 -6.65
N ASN B 66 31.11 -16.32 -6.21
CA ASN B 66 31.20 -15.97 -4.78
C ASN B 66 30.05 -15.03 -4.47
N ILE B 67 29.25 -15.32 -3.44
CA ILE B 67 28.11 -14.45 -3.11
C ILE B 67 28.33 -13.72 -1.78
N PHE B 68 28.19 -12.38 -1.80
CA PHE B 68 28.32 -11.54 -0.60
C PHE B 68 26.97 -10.87 -0.36
N ILE B 69 26.40 -11.02 0.83
CA ILE B 69 25.09 -10.43 1.13
C ILE B 69 25.29 -9.03 1.69
N ASN B 70 24.98 -7.99 0.89
CA ASN B 70 25.16 -6.61 1.35
C ASN B 70 24.22 -6.27 2.52
N SER B 71 22.95 -6.67 2.45
CA SER B 71 21.99 -6.34 3.51
C SER B 71 20.77 -7.25 3.42
N PHE B 72 20.71 -8.25 4.29
CA PHE B 72 19.57 -9.14 4.46
C PHE B 72 18.51 -8.42 5.30
N GLY B 73 17.23 -8.79 5.12
CA GLY B 73 16.18 -8.16 5.89
C GLY B 73 14.93 -7.93 5.08
N SER B 74 13.96 -7.20 5.70
CA SER B 74 12.66 -6.87 5.09
C SER B 74 11.92 -8.10 4.58
N ILE B 75 12.02 -9.20 5.33
CA ILE B 75 11.40 -10.45 4.96
C ILE B 75 9.89 -10.36 5.17
N ALA B 76 9.12 -10.58 4.10
CA ALA B 76 7.68 -10.50 4.14
C ALA B 76 7.11 -11.87 4.50
N GLU B 77 6.34 -11.95 5.59
CA GLU B 77 5.78 -13.23 6.00
C GLU B 77 4.44 -13.53 5.34
N THR B 78 3.66 -12.50 5.02
CA THR B 78 2.34 -12.71 4.42
C THR B 78 2.38 -13.10 2.94
N THR B 79 3.49 -12.86 2.25
CA THR B 79 3.60 -13.22 0.85
C THR B 79 4.78 -14.14 0.55
N MET B 80 5.50 -14.61 1.59
CA MET B 80 6.57 -15.60 1.51
C MET B 80 7.70 -15.16 0.56
N ASP B 81 8.32 -14.04 0.91
CA ASP B 81 9.41 -13.51 0.11
C ASP B 81 10.35 -12.75 1.03
N TYR B 82 11.46 -12.26 0.45
CA TYR B 82 12.47 -11.54 1.20
C TYR B 82 13.31 -10.71 0.24
N ARG B 83 13.82 -9.60 0.74
CA ARG B 83 14.63 -8.67 -0.03
C ARG B 83 16.08 -8.80 0.39
N VAL B 84 16.95 -9.03 -0.59
CA VAL B 84 18.37 -9.19 -0.34
C VAL B 84 19.14 -8.68 -1.56
N ASN B 85 20.24 -7.97 -1.31
CA ASN B 85 21.09 -7.49 -2.38
C ASN B 85 22.44 -8.20 -2.29
N ILE B 86 22.74 -9.03 -3.27
CA ILE B 86 24.00 -9.72 -3.33
C ILE B 86 24.93 -9.01 -4.32
N PHE B 87 26.20 -9.39 -4.32
CA PHE B 87 27.19 -8.74 -5.17
C PHE B 87 27.63 -9.54 -6.38
N LEU B 88 27.60 -10.89 -6.32
CA LEU B 88 27.65 -11.81 -7.48
C LEU B 88 28.96 -11.64 -8.27
N ARG B 89 30.08 -11.91 -7.60
CA ARG B 89 31.38 -11.83 -8.25
C ARG B 89 31.63 -13.15 -8.97
N GLN B 90 31.82 -13.12 -10.29
CA GLN B 90 31.99 -14.34 -11.05
C GLN B 90 33.26 -14.34 -11.88
N GLN B 91 34.03 -15.43 -11.79
CA GLN B 91 35.29 -15.58 -12.49
C GLN B 91 35.24 -16.77 -13.45
N TRP B 92 35.76 -16.54 -14.65
CA TRP B 92 35.95 -17.57 -15.68
C TRP B 92 37.23 -17.28 -16.45
N ASN B 93 37.74 -18.31 -17.12
CA ASN B 93 38.98 -18.19 -17.88
C ASN B 93 38.69 -18.31 -19.37
N ASP B 94 39.40 -17.51 -20.17
CA ASP B 94 39.29 -17.57 -21.62
C ASP B 94 40.67 -17.63 -22.25
N PRO B 95 40.82 -18.37 -23.35
CA PRO B 95 42.11 -18.33 -24.07
C PRO B 95 42.35 -16.99 -24.74
N ARG B 96 41.30 -16.30 -25.16
CA ARG B 96 41.44 -14.94 -25.68
C ARG B 96 41.70 -13.97 -24.53
N LEU B 97 41.94 -12.70 -24.92
CA LEU B 97 42.23 -11.58 -24.03
C LEU B 97 43.44 -11.85 -23.14
N ALA B 98 44.46 -12.47 -23.72
CA ALA B 98 45.73 -12.73 -23.02
C ALA B 98 46.79 -11.86 -23.66
N TYR B 99 47.09 -10.73 -23.02
CA TYR B 99 48.06 -9.79 -23.57
C TYR B 99 49.49 -10.29 -23.34
N SER B 100 49.81 -10.61 -22.08
CA SER B 100 51.13 -11.09 -21.63
C SER B 100 52.27 -10.13 -22.01
N GLU B 101 51.99 -8.84 -21.93
CA GLU B 101 52.98 -7.83 -22.27
C GLU B 101 53.09 -6.68 -21.27
N TYR B 102 52.13 -6.55 -20.32
CA TYR B 102 52.24 -5.53 -19.30
C TYR B 102 52.99 -6.07 -18.08
N PRO B 103 53.73 -5.24 -17.34
CA PRO B 103 54.50 -5.75 -16.21
C PRO B 103 53.70 -6.07 -14.96
N ASP B 104 52.42 -5.73 -14.90
CA ASP B 104 51.62 -6.00 -13.72
C ASP B 104 50.79 -7.28 -13.89
N ASP B 105 50.17 -7.71 -12.80
CA ASP B 105 49.44 -8.97 -12.80
C ASP B 105 48.03 -8.81 -13.38
N SER B 106 47.32 -7.78 -12.95
CA SER B 106 45.93 -7.57 -13.36
C SER B 106 45.74 -6.13 -13.82
N LEU B 107 44.58 -5.88 -14.45
CA LEU B 107 44.24 -4.57 -14.96
C LEU B 107 42.81 -4.23 -14.56
N ASP B 108 42.60 -2.99 -14.12
CA ASP B 108 41.28 -2.52 -13.70
C ASP B 108 40.60 -1.80 -14.88
N LEU B 109 39.65 -2.46 -15.52
CA LEU B 109 39.05 -1.92 -16.73
C LEU B 109 37.91 -0.96 -16.40
N ASP B 110 37.49 -0.24 -17.44
CA ASP B 110 36.41 0.71 -17.32
C ASP B 110 35.08 -0.05 -17.19
N PRO B 111 34.07 0.54 -16.55
CA PRO B 111 32.74 -0.08 -16.55
C PRO B 111 31.87 0.26 -17.75
N SER B 112 32.44 0.83 -18.81
CA SER B 112 31.74 1.07 -20.06
C SER B 112 32.04 0.02 -21.12
N MET B 113 32.95 -0.91 -20.83
CA MET B 113 33.35 -1.96 -21.78
C MET B 113 32.75 -3.32 -21.43
N LEU B 114 31.49 -3.33 -20.99
CA LEU B 114 30.91 -4.57 -20.49
C LEU B 114 30.48 -5.51 -21.61
N ASP B 115 30.21 -4.98 -22.79
CA ASP B 115 29.76 -5.80 -23.91
C ASP B 115 30.91 -6.56 -24.57
N SER B 116 32.15 -6.13 -24.36
CA SER B 116 33.30 -6.78 -24.97
C SER B 116 33.73 -8.02 -24.21
N ILE B 117 33.34 -8.13 -22.93
CA ILE B 117 33.81 -9.23 -22.09
C ILE B 117 33.03 -10.51 -22.40
N TRP B 118 31.76 -10.38 -22.80
CA TRP B 118 30.78 -11.48 -22.94
C TRP B 118 30.65 -12.27 -21.64
N LYS B 119 30.07 -11.58 -20.66
CA LYS B 119 29.73 -12.24 -19.42
C LYS B 119 28.66 -13.30 -19.64
N PRO B 120 28.70 -14.40 -18.87
CA PRO B 120 27.72 -15.48 -19.03
C PRO B 120 26.35 -15.14 -18.50
N ASP B 121 25.36 -15.87 -19.01
CA ASP B 121 23.98 -15.66 -18.60
C ASP B 121 23.72 -16.28 -17.23
N LEU B 122 22.89 -15.61 -16.45
CA LEU B 122 22.54 -16.10 -15.11
C LEU B 122 21.20 -15.53 -14.73
N PHE B 123 20.28 -16.37 -14.27
CA PHE B 123 18.99 -15.90 -13.79
C PHE B 123 18.61 -16.69 -12.55
N PHE B 124 17.66 -16.13 -11.79
CA PHE B 124 17.15 -16.77 -10.59
C PHE B 124 15.75 -17.31 -10.89
N ALA B 125 15.49 -18.56 -10.51
CA ALA B 125 14.26 -19.21 -10.90
C ALA B 125 13.09 -18.89 -9.98
N ASN B 126 13.32 -18.20 -8.87
CA ASN B 126 12.27 -17.84 -7.92
C ASN B 126 12.33 -16.35 -7.64
N GLU B 127 12.43 -15.57 -8.70
CA GLU B 127 12.74 -14.14 -8.62
C GLU B 127 11.55 -13.26 -8.97
N LYS B 128 11.30 -12.27 -8.14
CA LYS B 128 10.28 -11.25 -8.39
C LYS B 128 10.97 -9.90 -8.54
N GLY B 129 10.63 -9.16 -9.59
CA GLY B 129 11.17 -7.83 -9.81
C GLY B 129 12.65 -7.78 -10.14
N ALA B 130 13.45 -7.42 -9.13
CA ALA B 130 14.92 -7.39 -9.15
C ALA B 130 15.49 -6.48 -10.24
N ASN B 131 15.23 -5.18 -10.07
CA ASN B 131 15.81 -4.20 -10.97
C ASN B 131 17.28 -3.96 -10.64
N PHE B 132 17.97 -3.30 -11.56
CA PHE B 132 19.37 -2.95 -11.36
C PHE B 132 19.51 -1.67 -10.52
N HIS B 133 20.75 -1.36 -10.16
CA HIS B 133 21.08 -0.14 -9.44
C HIS B 133 21.81 0.82 -10.37
N GLU B 134 21.58 2.11 -10.18
CA GLU B 134 22.22 3.14 -11.01
C GLU B 134 22.41 4.41 -10.18
N VAL B 135 23.61 4.60 -9.64
CA VAL B 135 23.97 5.85 -8.97
C VAL B 135 25.32 6.30 -9.52
N THR B 136 25.26 7.29 -10.42
CA THR B 136 26.26 8.10 -11.13
C THR B 136 27.02 7.35 -12.22
N THR B 137 26.94 6.02 -12.21
CA THR B 137 27.56 5.08 -13.15
C THR B 137 26.80 3.76 -13.08
N ASP B 138 27.22 2.83 -13.94
CA ASP B 138 26.91 1.42 -13.71
C ASP B 138 27.69 0.91 -12.51
N ASN B 139 26.97 0.26 -11.58
CA ASN B 139 27.55 -0.30 -10.36
C ASN B 139 28.09 -1.71 -10.63
N LYS B 140 29.18 -1.74 -11.39
CA LYS B 140 29.79 -2.98 -11.89
C LYS B 140 31.29 -2.91 -11.69
N LEU B 141 31.90 -4.08 -11.52
CA LEU B 141 33.34 -4.22 -11.35
C LEU B 141 33.89 -5.04 -12.51
N LEU B 142 35.10 -4.70 -12.94
CA LEU B 142 35.71 -5.36 -14.09
C LEU B 142 37.21 -5.46 -13.89
N ARG B 143 37.74 -6.67 -14.06
CA ARG B 143 39.17 -6.93 -13.93
C ARG B 143 39.58 -7.96 -14.98
N ILE B 144 40.87 -7.97 -15.31
CA ILE B 144 41.42 -8.89 -16.30
C ILE B 144 42.91 -9.10 -16.00
N SER B 145 43.33 -10.36 -15.96
CA SER B 145 44.70 -10.71 -15.66
C SER B 145 45.39 -11.15 -16.95
N LYS B 146 46.66 -11.57 -16.80
CA LYS B 146 47.45 -11.99 -17.95
C LYS B 146 46.96 -13.32 -18.50
N ASN B 147 46.51 -14.22 -17.62
CA ASN B 147 46.03 -15.53 -18.06
C ASN B 147 44.62 -15.44 -18.62
N GLY B 148 43.80 -14.53 -18.12
CA GLY B 148 42.42 -14.39 -18.56
C GLY B 148 41.39 -14.54 -17.46
N ASN B 149 41.79 -14.69 -16.20
CA ASN B 149 40.86 -14.82 -15.10
C ASN B 149 40.28 -13.46 -14.76
N VAL B 150 38.96 -13.31 -14.94
CA VAL B 150 38.30 -12.03 -14.80
C VAL B 150 37.56 -11.98 -13.46
N LEU B 151 37.13 -10.78 -13.07
CA LEU B 151 36.40 -10.55 -11.82
C LEU B 151 35.26 -9.60 -12.13
N TYR B 152 34.02 -10.05 -11.94
CA TYR B 152 32.85 -9.26 -12.32
C TYR B 152 31.77 -9.39 -11.26
N SER B 153 31.55 -8.34 -10.48
CA SER B 153 30.55 -8.30 -9.42
C SER B 153 29.53 -7.20 -9.67
N ILE B 154 28.28 -7.47 -9.25
CA ILE B 154 27.15 -6.59 -9.53
C ILE B 154 26.18 -6.59 -8.34
N ARG B 155 25.96 -5.42 -7.75
CA ARG B 155 25.03 -5.33 -6.63
C ARG B 155 23.61 -5.24 -7.20
N ILE B 156 22.79 -6.26 -6.93
CA ILE B 156 21.42 -6.36 -7.43
C ILE B 156 20.51 -6.69 -6.25
N THR B 157 19.51 -5.82 -6.02
CA THR B 157 18.52 -6.04 -4.98
C THR B 157 17.49 -7.05 -5.48
N LEU B 158 17.49 -8.23 -4.88
CA LEU B 158 16.71 -9.37 -5.36
C LEU B 158 15.60 -9.69 -4.37
N VAL B 159 14.36 -9.60 -4.83
CA VAL B 159 13.23 -10.12 -4.07
C VAL B 159 13.02 -11.55 -4.53
N LEU B 160 13.19 -12.50 -3.62
CA LEU B 160 13.10 -13.92 -3.91
C LEU B 160 11.99 -14.58 -3.11
N ALA B 161 11.21 -15.43 -3.79
CA ALA B 161 10.11 -16.16 -3.17
C ALA B 161 10.61 -17.47 -2.57
N CYS B 162 10.35 -17.68 -1.27
CA CYS B 162 10.77 -18.87 -0.58
C CYS B 162 9.56 -19.64 -0.08
N PRO B 163 9.47 -20.95 -0.33
CA PRO B 163 8.32 -21.75 0.13
C PRO B 163 8.47 -22.21 1.58
N MET B 164 8.31 -21.26 2.50
CA MET B 164 8.43 -21.54 3.93
C MET B 164 7.28 -22.42 4.42
N ASP B 165 7.62 -23.39 5.26
CA ASP B 165 6.64 -24.28 5.86
C ASP B 165 6.39 -23.84 7.30
N LEU B 166 5.19 -23.33 7.55
CA LEU B 166 4.83 -22.82 8.88
C LEU B 166 4.10 -23.91 9.64
N LYS B 167 4.86 -24.98 9.95
CA LYS B 167 4.29 -26.09 10.71
C LYS B 167 4.11 -25.70 12.17
N ASN B 168 5.11 -25.04 12.75
CA ASN B 168 4.96 -24.44 14.07
C ASN B 168 5.29 -22.97 13.88
N PHE B 169 4.32 -22.11 14.14
CA PHE B 169 4.50 -20.67 13.96
C PHE B 169 5.51 -19.99 14.92
N PRO B 170 5.56 -20.28 16.25
CA PRO B 170 6.54 -19.54 17.09
C PRO B 170 7.98 -19.94 16.91
N MET B 171 8.29 -21.24 16.80
CA MET B 171 9.67 -21.65 16.61
C MET B 171 10.08 -21.32 15.18
N ASP B 172 9.45 -21.99 14.21
CA ASP B 172 9.46 -21.62 12.79
C ASP B 172 10.87 -21.60 12.19
N VAL B 173 11.49 -22.76 12.18
CA VAL B 173 12.73 -22.95 11.44
C VAL B 173 12.40 -22.88 9.95
N GLN B 174 12.98 -21.90 9.27
CA GLN B 174 12.72 -21.67 7.85
C GLN B 174 14.01 -21.85 7.06
N THR B 175 13.85 -22.19 5.79
CA THR B 175 14.97 -22.35 4.88
C THR B 175 14.72 -21.51 3.63
N CYS B 176 15.64 -20.59 3.36
CA CYS B 176 15.58 -19.68 2.22
C CYS B 176 16.67 -20.08 1.24
N ILE B 177 16.33 -20.06 -0.05
CA ILE B 177 17.20 -20.56 -1.10
C ILE B 177 17.38 -19.48 -2.17
N MET B 178 18.49 -19.59 -2.91
CA MET B 178 18.70 -18.77 -4.08
C MET B 178 19.23 -19.68 -5.18
N GLN B 179 18.62 -19.66 -6.36
CA GLN B 179 18.92 -20.65 -7.39
C GLN B 179 19.63 -19.97 -8.56
N LEU B 180 20.95 -20.07 -8.59
CA LEU B 180 21.75 -19.52 -9.67
C LEU B 180 21.63 -20.46 -10.87
N GLU B 181 21.02 -19.99 -11.96
CA GLU B 181 20.69 -20.85 -13.08
C GLU B 181 21.03 -20.12 -14.38
N SER B 182 21.50 -20.88 -15.37
CA SER B 182 21.75 -20.34 -16.70
C SER B 182 20.51 -20.45 -17.56
N PHE B 183 20.50 -19.70 -18.66
CA PHE B 183 19.33 -19.64 -19.52
C PHE B 183 19.82 -19.50 -20.96
N GLY B 184 19.88 -20.62 -21.68
CA GLY B 184 20.34 -20.66 -23.06
C GLY B 184 21.59 -21.48 -23.30
N TYR B 185 22.31 -21.87 -22.26
CA TYR B 185 23.52 -22.68 -22.43
C TYR B 185 23.39 -23.94 -21.58
N THR B 186 23.43 -25.10 -22.25
CA THR B 186 23.15 -26.41 -21.69
C THR B 186 24.30 -26.90 -20.81
N MET B 187 24.14 -28.14 -20.29
CA MET B 187 25.14 -28.73 -19.42
C MET B 187 26.41 -29.04 -20.19
N ASN B 188 26.31 -29.35 -21.47
CA ASN B 188 27.52 -29.61 -22.23
C ASN B 188 28.03 -28.35 -22.91
N ASP B 189 27.54 -27.16 -22.49
CA ASP B 189 27.92 -25.87 -23.04
C ASP B 189 28.41 -24.89 -21.99
N LEU B 190 27.79 -24.84 -20.81
CA LEU B 190 28.20 -23.93 -19.74
C LEU B 190 27.78 -24.51 -18.39
N ILE B 191 28.75 -24.76 -17.50
CA ILE B 191 28.47 -25.33 -16.17
C ILE B 191 28.97 -24.36 -15.11
N PHE B 192 28.10 -23.99 -14.19
CA PHE B 192 28.48 -23.13 -13.07
C PHE B 192 28.98 -24.00 -11.92
N GLU B 193 29.80 -23.40 -11.06
CA GLU B 193 30.34 -24.08 -9.88
C GLU B 193 30.50 -23.08 -8.76
N TRP B 194 30.71 -23.61 -7.55
CA TRP B 194 30.93 -22.79 -6.38
C TRP B 194 32.42 -22.51 -6.21
N ASP B 195 32.80 -21.98 -5.05
CA ASP B 195 34.18 -21.67 -4.70
C ASP B 195 34.62 -22.54 -3.53
N GLU B 196 35.94 -22.59 -3.31
CA GLU B 196 36.51 -23.36 -2.21
C GLU B 196 37.10 -22.51 -1.10
N LYS B 197 37.59 -21.31 -1.40
CA LYS B 197 38.05 -20.37 -0.36
C LYS B 197 36.88 -19.41 -0.12
N GLY B 198 35.99 -19.83 0.78
CA GLY B 198 34.80 -19.05 1.08
C GLY B 198 33.66 -19.35 0.12
N ALA B 199 32.45 -19.58 0.63
CA ALA B 199 31.33 -19.90 -0.23
C ALA B 199 30.34 -18.76 -0.30
N VAL B 200 29.73 -18.37 0.83
CA VAL B 200 28.84 -17.21 0.82
C VAL B 200 29.26 -16.34 1.99
N GLN B 201 29.72 -15.12 1.69
CA GLN B 201 30.12 -14.21 2.75
C GLN B 201 28.95 -13.37 3.19
N VAL B 202 29.09 -12.71 4.34
CA VAL B 202 27.98 -11.88 4.79
C VAL B 202 28.58 -10.56 5.27
N ALA B 203 27.77 -9.52 5.22
CA ALA B 203 28.15 -8.17 5.65
C ALA B 203 28.44 -8.16 7.15
N ASP B 204 29.58 -7.61 7.52
CA ASP B 204 30.00 -7.53 8.92
C ASP B 204 29.02 -6.62 9.71
N GLY B 205 28.74 -7.05 10.94
CA GLY B 205 27.85 -6.37 11.88
C GLY B 205 26.40 -6.11 11.47
N LEU B 206 25.78 -7.10 10.83
CA LEU B 206 24.40 -7.09 10.36
C LEU B 206 23.56 -8.10 11.12
N THR B 207 22.45 -7.63 11.69
CA THR B 207 21.57 -8.49 12.45
C THR B 207 20.16 -8.17 11.99
N LEU B 208 19.28 -9.13 12.19
CA LEU B 208 17.88 -9.05 11.83
C LEU B 208 16.99 -9.18 13.06
N PRO B 209 16.03 -8.29 13.24
CA PRO B 209 15.14 -8.37 14.42
C PRO B 209 14.29 -9.65 14.41
N GLN B 210 13.71 -9.99 13.26
CA GLN B 210 12.87 -11.17 13.12
C GLN B 210 13.63 -12.50 13.30
N PHE B 211 14.79 -12.66 12.67
CA PHE B 211 15.49 -13.95 12.77
C PHE B 211 17.00 -13.79 12.90
N ILE B 212 17.67 -14.80 13.44
CA ILE B 212 19.13 -14.72 13.57
C ILE B 212 19.72 -15.64 12.48
N LEU B 213 20.57 -15.09 11.63
CA LEU B 213 21.12 -15.86 10.53
C LEU B 213 22.10 -16.95 10.98
N LYS B 214 21.79 -18.23 10.68
CA LYS B 214 22.68 -19.33 11.03
C LYS B 214 23.95 -19.24 10.18
N GLU B 215 25.08 -19.58 10.78
CA GLU B 215 26.37 -19.52 10.12
C GLU B 215 26.78 -20.85 9.51
N GLU B 216 25.87 -21.84 9.49
CA GLU B 216 26.18 -23.15 8.94
C GLU B 216 26.34 -23.02 7.44
N LYS B 217 25.42 -22.28 6.79
CA LYS B 217 25.41 -21.99 5.34
C LYS B 217 25.49 -23.23 4.46
N ASP B 218 24.70 -24.28 4.81
CA ASP B 218 24.66 -25.53 4.04
C ASP B 218 24.39 -25.23 2.56
N LEU B 219 25.22 -25.80 1.71
CA LEU B 219 25.09 -25.55 0.28
C LEU B 219 25.43 -26.80 -0.53
N ARG B 220 24.77 -26.91 -1.67
CA ARG B 220 24.89 -28.00 -2.62
C ARG B 220 24.30 -27.49 -3.93
N TYR B 221 24.17 -28.37 -4.92
CA TYR B 221 23.60 -27.93 -6.18
C TYR B 221 22.77 -29.04 -6.80
N CYS B 222 21.63 -28.64 -7.36
CA CYS B 222 20.72 -29.53 -8.07
C CYS B 222 21.03 -29.49 -9.56
N THR B 223 20.09 -29.97 -10.38
CA THR B 223 20.17 -29.81 -11.83
C THR B 223 18.74 -29.70 -12.36
N LYS B 224 18.63 -29.23 -13.60
CA LYS B 224 17.33 -29.05 -14.24
C LYS B 224 17.26 -29.86 -15.52
N HIS B 225 16.07 -30.43 -15.78
CA HIS B 225 15.79 -31.24 -16.97
C HIS B 225 14.50 -30.73 -17.59
N TYR B 226 14.61 -29.83 -18.56
CA TYR B 226 13.45 -29.32 -19.27
C TYR B 226 13.25 -30.13 -20.54
N ASN B 227 12.37 -29.65 -21.42
CA ASN B 227 12.11 -30.35 -22.67
C ASN B 227 13.05 -29.91 -23.79
N THR B 228 13.96 -28.98 -23.51
CA THR B 228 14.91 -28.48 -24.49
C THR B 228 16.34 -28.91 -24.24
N GLY B 229 16.65 -29.36 -23.03
CA GLY B 229 17.99 -29.80 -22.72
C GLY B 229 18.23 -29.81 -21.22
N LYS B 230 19.48 -30.10 -20.87
CA LYS B 230 19.91 -30.17 -19.49
C LYS B 230 20.61 -28.87 -19.11
N PHE B 231 20.05 -28.13 -18.16
CA PHE B 231 20.56 -26.86 -17.69
C PHE B 231 21.06 -26.99 -16.26
N THR B 232 22.17 -26.31 -15.97
CA THR B 232 22.73 -26.32 -14.62
C THR B 232 21.95 -25.41 -13.70
N CYS B 233 21.93 -25.77 -12.42
CA CYS B 233 21.20 -24.98 -11.43
C CYS B 233 21.94 -25.10 -10.11
N ILE B 234 22.61 -24.04 -9.72
CA ILE B 234 23.43 -24.01 -8.51
C ILE B 234 22.65 -23.27 -7.44
N GLU B 235 22.65 -23.80 -6.22
CA GLU B 235 21.82 -23.18 -5.20
C GLU B 235 22.61 -22.99 -3.92
N ALA B 236 21.96 -22.38 -2.94
CA ALA B 236 22.54 -22.13 -1.63
C ALA B 236 21.39 -22.02 -0.65
N ARG B 237 21.49 -22.69 0.47
CA ARG B 237 20.42 -22.75 1.45
C ARG B 237 20.77 -21.96 2.70
N PHE B 238 19.87 -21.08 3.11
CA PHE B 238 20.04 -20.39 4.37
C PHE B 238 19.11 -21.00 5.40
N HIS B 239 19.36 -20.64 6.65
CA HIS B 239 18.59 -21.13 7.77
C HIS B 239 18.19 -19.98 8.71
N LEU B 240 16.89 -19.76 8.88
CA LEU B 240 16.36 -18.67 9.72
C LEU B 240 15.43 -19.23 10.78
N GLU B 241 15.79 -19.04 12.07
CA GLU B 241 14.92 -19.35 13.19
C GLU B 241 14.41 -18.06 13.84
N ARG B 242 13.24 -18.13 14.44
CA ARG B 242 12.64 -16.95 15.06
C ARG B 242 13.32 -16.63 16.39
N GLN B 243 13.67 -15.37 16.57
CA GLN B 243 14.17 -14.89 17.86
C GLN B 243 12.95 -14.66 18.74
N MET B 244 12.69 -15.62 19.63
CA MET B 244 11.50 -15.59 20.47
C MET B 244 11.56 -14.47 21.49
N GLY B 245 10.38 -13.95 21.84
CA GLY B 245 10.31 -12.87 22.80
C GLY B 245 9.13 -11.96 22.53
N TYR B 246 9.14 -11.44 21.30
CA TYR B 246 8.09 -10.54 20.85
C TYR B 246 6.75 -11.24 20.83
N TYR B 247 6.75 -12.49 20.36
CA TYR B 247 5.53 -13.28 20.25
C TYR B 247 4.93 -13.53 21.63
N LEU B 248 5.81 -13.83 22.60
CA LEU B 248 5.40 -14.09 23.97
C LEU B 248 4.74 -12.88 24.61
N ILE B 249 5.35 -11.70 24.43
CA ILE B 249 4.80 -10.45 25.00
C ILE B 249 3.47 -10.10 24.34
N GLN B 250 3.42 -10.19 23.00
CA GLN B 250 2.23 -9.80 22.23
C GLN B 250 1.02 -10.67 22.45
N MET B 251 1.19 -12.00 22.44
CA MET B 251 0.01 -12.82 22.58
C MET B 251 0.04 -13.83 23.71
N TYR B 252 1.20 -14.42 24.05
CA TYR B 252 1.23 -15.43 25.10
C TYR B 252 0.90 -14.78 26.44
N ILE B 253 1.51 -13.63 26.75
CA ILE B 253 1.26 -12.96 28.04
C ILE B 253 -0.19 -12.47 28.10
N PRO B 254 -0.82 -11.81 27.07
CA PRO B 254 -2.24 -11.37 27.22
C PRO B 254 -3.23 -12.51 27.39
N SER B 255 -3.05 -13.61 26.64
CA SER B 255 -3.91 -14.79 26.70
C SER B 255 -3.85 -15.40 28.08
N LEU B 256 -2.63 -15.46 28.66
CA LEU B 256 -2.44 -16.03 29.98
C LEU B 256 -3.26 -15.21 30.96
N LEU B 257 -3.00 -13.88 31.02
CA LEU B 257 -3.72 -12.97 31.93
C LEU B 257 -5.23 -13.16 31.81
N ILE B 258 -5.73 -13.34 30.56
CA ILE B 258 -7.17 -13.52 30.32
C ILE B 258 -7.67 -14.78 31.02
N VAL B 259 -6.88 -15.85 30.92
CA VAL B 259 -7.20 -17.13 31.58
C VAL B 259 -7.21 -16.94 33.09
N ILE B 260 -6.22 -16.16 33.58
CA ILE B 260 -6.08 -15.86 34.99
C ILE B 260 -7.32 -15.11 35.48
N LEU B 261 -7.82 -14.17 34.64
CA LEU B 261 -8.99 -13.37 34.98
C LEU B 261 -10.20 -14.27 35.19
N SER B 262 -10.32 -15.28 34.29
CA SER B 262 -11.43 -16.22 34.40
C SER B 262 -11.33 -16.98 35.71
N TRP B 263 -10.09 -17.36 36.08
CA TRP B 263 -9.92 -18.12 37.33
C TRP B 263 -10.34 -17.31 38.55
N VAL B 264 -9.99 -16.01 38.54
CA VAL B 264 -10.31 -15.13 39.67
C VAL B 264 -11.83 -14.96 39.81
N SER B 265 -12.59 -15.04 38.68
CA SER B 265 -14.06 -14.87 38.64
C SER B 265 -14.80 -15.70 39.70
N PHE B 266 -14.37 -16.95 39.88
CA PHE B 266 -14.95 -17.89 40.83
C PHE B 266 -14.78 -17.37 42.25
N TRP B 267 -13.57 -16.93 42.54
CA TRP B 267 -13.21 -16.31 43.81
C TRP B 267 -13.78 -14.89 43.90
N ILE B 268 -13.84 -14.14 42.77
CA ILE B 268 -14.33 -12.76 42.77
C ILE B 268 -15.80 -12.71 43.17
N ASN B 269 -16.62 -13.59 42.63
CA ASN B 269 -18.05 -13.62 42.90
C ASN B 269 -18.57 -14.95 43.41
N MET B 270 -19.20 -14.92 44.57
CA MET B 270 -19.77 -16.14 45.11
C MET B 270 -21.25 -15.89 45.38
N ASP B 271 -21.54 -14.81 46.10
CA ASP B 271 -22.92 -14.47 46.48
C ASP B 271 -23.79 -14.17 45.26
N ALA B 272 -23.28 -13.42 44.29
CA ALA B 272 -24.07 -13.04 43.14
C ALA B 272 -23.52 -13.66 41.87
N ALA B 273 -24.37 -14.42 41.22
CA ALA B 273 -24.13 -15.10 39.96
C ALA B 273 -23.94 -14.24 38.69
N PRO B 274 -24.78 -13.07 38.42
CA PRO B 274 -24.62 -12.25 37.20
C PRO B 274 -23.20 -11.90 36.76
N ALA B 275 -22.48 -11.34 37.73
CA ALA B 275 -21.10 -10.89 37.56
C ALA B 275 -20.20 -11.98 36.95
N ARG B 276 -20.33 -13.23 37.44
CA ARG B 276 -19.59 -14.35 36.86
C ARG B 276 -20.03 -14.59 35.43
N VAL B 277 -21.35 -14.52 35.18
CA VAL B 277 -21.89 -14.75 33.83
C VAL B 277 -21.24 -13.78 32.84
N GLY B 278 -21.35 -12.47 33.16
CA GLY B 278 -20.78 -11.44 32.30
C GLY B 278 -19.27 -11.46 32.13
N LEU B 279 -18.52 -11.76 33.21
CA LEU B 279 -17.09 -12.03 33.10
C LEU B 279 -16.79 -13.14 32.09
N GLY B 280 -17.48 -14.27 32.21
CA GLY B 280 -17.24 -15.39 31.31
C GLY B 280 -17.61 -15.11 29.86
N ILE B 281 -18.69 -14.34 29.66
CA ILE B 281 -19.15 -13.94 28.33
C ILE B 281 -18.14 -13.08 27.62
N THR B 282 -17.71 -12.05 28.29
CA THR B 282 -16.82 -11.11 27.64
C THR B 282 -15.41 -11.65 27.57
N THR B 283 -15.01 -12.49 28.53
CA THR B 283 -13.73 -13.12 28.40
C THR B 283 -13.69 -14.04 27.17
N VAL B 284 -14.77 -14.79 26.91
CA VAL B 284 -14.86 -15.61 25.69
C VAL B 284 -14.87 -14.72 24.43
N LEU B 285 -15.56 -13.57 24.51
CA LEU B 285 -15.65 -12.68 23.35
C LEU B 285 -14.32 -11.99 23.05
N THR B 286 -13.60 -11.56 24.08
CA THR B 286 -12.30 -10.95 23.87
C THR B 286 -11.25 -11.98 23.48
N MET B 287 -11.43 -13.24 23.92
CA MET B 287 -10.53 -14.31 23.48
C MET B 287 -10.73 -14.61 22.00
N THR B 288 -11.99 -14.63 21.54
CA THR B 288 -12.27 -14.81 20.11
C THR B 288 -11.80 -13.62 19.28
N THR B 289 -11.92 -12.41 19.83
CA THR B 289 -11.39 -11.19 19.20
C THR B 289 -9.87 -11.26 19.05
N GLN B 290 -9.17 -11.67 20.11
CA GLN B 290 -7.72 -11.80 20.06
C GLN B 290 -7.28 -12.94 19.13
N SER B 291 -8.05 -14.03 19.07
CA SER B 291 -7.74 -15.14 18.18
C SER B 291 -7.98 -14.78 16.72
N SER B 292 -8.95 -13.90 16.46
CA SER B 292 -9.21 -13.40 15.12
C SER B 292 -8.17 -12.38 14.71
N GLY B 293 -7.72 -11.55 15.66
CA GLY B 293 -6.74 -10.53 15.38
C GLY B 293 -5.32 -11.04 15.29
N SER B 294 -5.07 -12.26 15.77
CA SER B 294 -3.72 -12.82 15.74
C SER B 294 -3.33 -13.33 14.37
N ARG B 295 -4.30 -13.65 13.52
CA ARG B 295 -4.05 -14.17 12.19
C ARG B 295 -4.12 -13.11 11.11
N ALA B 296 -3.96 -11.83 11.46
CA ALA B 296 -4.07 -10.80 10.43
C ALA B 296 -2.80 -10.72 9.61
N SER B 297 -1.64 -10.79 10.26
CA SER B 297 -0.35 -10.78 9.57
C SER B 297 -0.05 -12.12 8.91
N LEU B 298 -0.72 -13.19 9.33
CA LEU B 298 -0.50 -14.53 8.82
C LEU B 298 -1.10 -14.69 7.43
N PRO B 299 -0.45 -15.45 6.54
CA PRO B 299 -1.09 -15.81 5.27
C PRO B 299 -2.11 -16.90 5.51
N LYS B 300 -3.07 -16.98 4.59
CA LYS B 300 -4.13 -17.97 4.71
C LYS B 300 -3.57 -19.37 4.44
N VAL B 301 -3.67 -20.28 5.41
CA VAL B 301 -3.10 -21.63 5.30
C VAL B 301 -4.09 -22.60 5.93
N SER B 302 -4.12 -23.85 5.44
CA SER B 302 -5.13 -24.82 5.85
C SER B 302 -4.80 -25.48 7.19
N TYR B 303 -3.54 -25.86 7.41
CA TYR B 303 -3.19 -26.68 8.56
C TYR B 303 -3.13 -25.85 9.83
N VAL B 304 -2.91 -26.54 10.96
CA VAL B 304 -3.07 -25.98 12.29
C VAL B 304 -1.69 -25.71 12.86
N LYS B 305 -1.48 -24.48 13.33
CA LYS B 305 -0.23 -24.08 13.95
C LYS B 305 -0.32 -24.27 15.46
N ALA B 306 0.78 -23.92 16.16
CA ALA B 306 0.82 -24.03 17.62
C ALA B 306 -0.05 -22.96 18.26
N ILE B 307 -0.09 -21.79 17.66
CA ILE B 307 -0.99 -20.72 18.13
C ILE B 307 -2.42 -21.13 18.02
N ASP B 308 -2.78 -21.83 16.95
CA ASP B 308 -4.16 -22.28 16.76
C ASP B 308 -4.53 -23.46 17.65
N ILE B 309 -3.55 -24.07 18.33
CA ILE B 309 -3.84 -25.03 19.39
C ILE B 309 -3.96 -24.31 20.74
N TRP B 310 -3.00 -23.40 21.01
CA TRP B 310 -2.95 -22.66 22.28
C TRP B 310 -4.21 -21.81 22.50
N MET B 311 -4.59 -21.02 21.49
CA MET B 311 -5.77 -20.16 21.60
C MET B 311 -7.05 -20.99 21.72
N ALA B 312 -7.10 -22.12 21.03
CA ALA B 312 -8.28 -22.99 21.06
C ALA B 312 -8.44 -23.67 22.41
N VAL B 313 -7.32 -24.06 23.03
CA VAL B 313 -7.38 -24.74 24.32
C VAL B 313 -7.66 -23.71 25.44
N CYS B 314 -7.15 -22.49 25.31
CA CYS B 314 -7.44 -21.46 26.32
C CYS B 314 -8.89 -20.96 26.21
N LEU B 315 -9.41 -20.91 24.99
CA LEU B 315 -10.82 -20.61 24.75
C LEU B 315 -11.70 -21.75 25.26
N LEU B 316 -11.17 -22.99 25.23
CA LEU B 316 -11.86 -24.15 25.78
C LEU B 316 -11.92 -24.01 27.30
N PHE B 317 -10.79 -23.66 27.94
CA PHE B 317 -10.72 -23.50 29.39
C PHE B 317 -11.72 -22.44 29.88
N VAL B 318 -11.67 -21.24 29.27
CA VAL B 318 -12.55 -20.12 29.66
C VAL B 318 -14.02 -20.51 29.45
N PHE B 319 -14.32 -21.19 28.32
CA PHE B 319 -15.66 -21.64 28.00
C PHE B 319 -16.11 -22.65 29.05
N SER B 320 -15.30 -23.70 29.25
CA SER B 320 -15.54 -24.79 30.21
C SER B 320 -15.87 -24.21 31.58
N ALA B 321 -15.13 -23.15 31.98
CA ALA B 321 -15.36 -22.50 33.27
C ALA B 321 -16.76 -21.93 33.31
N LEU B 322 -17.17 -21.29 32.20
CA LEU B 322 -18.51 -20.71 32.12
C LEU B 322 -19.55 -21.84 32.22
N LEU B 323 -19.27 -22.97 31.55
CA LEU B 323 -20.15 -24.14 31.58
C LEU B 323 -20.34 -24.62 33.00
N GLU B 324 -19.20 -24.85 33.71
CA GLU B 324 -19.14 -25.28 35.12
C GLU B 324 -20.10 -24.40 35.94
N TYR B 325 -20.04 -23.11 35.63
CA TYR B 325 -20.84 -22.05 36.22
C TYR B 325 -22.32 -22.30 35.95
N ALA B 326 -22.65 -22.72 34.72
CA ALA B 326 -24.05 -22.97 34.35
C ALA B 326 -24.56 -24.10 35.23
N ALA B 327 -23.72 -25.11 35.41
CA ALA B 327 -24.08 -26.26 36.24
C ALA B 327 -24.31 -25.79 37.69
N VAL B 328 -23.43 -24.89 38.20
CA VAL B 328 -23.60 -24.37 39.57
C VAL B 328 -24.93 -23.63 39.71
N ASN B 329 -25.31 -22.87 38.67
CA ASN B 329 -26.56 -22.13 38.75
C ASN B 329 -27.76 -23.06 38.61
N PHE B 330 -27.56 -24.22 37.99
CA PHE B 330 -28.61 -25.22 37.90
C PHE B 330 -28.84 -25.90 39.23
N ILE B 331 -27.76 -26.22 39.94
CA ILE B 331 -27.85 -26.75 41.30
C ILE B 331 -28.49 -25.72 42.23
N ALA B 332 -28.14 -24.44 42.06
CA ALA B 332 -28.74 -23.36 42.85
C ALA B 332 -30.22 -23.18 42.57
N ARG B 333 -30.63 -23.32 41.30
CA ARG B 333 -32.03 -23.20 40.94
C ARG B 333 -32.85 -24.39 41.42
N GLN B 334 -32.26 -25.59 41.37
CA GLN B 334 -32.90 -26.77 41.96
C GLN B 334 -33.08 -26.63 43.46
N HIS B 335 -32.07 -26.10 44.16
CA HIS B 335 -32.18 -25.83 45.59
C HIS B 335 -33.22 -24.75 45.88
N LYS B 336 -33.35 -23.75 44.99
CA LYS B 336 -34.35 -22.69 45.15
C LYS B 336 -35.76 -23.20 44.95
N GLU B 337 -35.96 -24.07 43.95
CA GLU B 337 -37.28 -24.61 43.66
C GLU B 337 -37.65 -25.71 44.64
N LEU B 338 -36.66 -26.29 45.32
CA LEU B 338 -36.94 -27.21 46.39
C LEU B 338 -37.35 -26.46 47.66
N LEU B 339 -36.67 -25.35 47.97
CA LEU B 339 -37.03 -24.60 49.18
C LEU B 339 -38.35 -23.85 48.97
N MET B 399 -33.16 -32.14 51.89
CA MET B 399 -32.23 -32.23 50.77
C MET B 399 -31.57 -30.86 50.55
N ARG B 400 -31.99 -29.87 51.37
CA ARG B 400 -31.46 -28.51 51.30
C ARG B 400 -29.97 -28.52 51.60
N LYS B 401 -29.58 -29.26 52.65
CA LYS B 401 -28.18 -29.37 53.06
C LYS B 401 -27.36 -30.01 51.96
N LEU B 402 -27.93 -31.06 51.34
CA LEU B 402 -27.25 -31.79 50.27
C LEU B 402 -26.97 -30.86 49.09
N PHE B 403 -27.98 -30.04 48.71
CA PHE B 403 -27.81 -29.14 47.57
C PHE B 403 -26.72 -28.11 47.87
N ILE B 404 -26.72 -27.55 49.11
CA ILE B 404 -25.74 -26.54 49.49
C ILE B 404 -24.35 -27.16 49.44
N SER B 405 -24.25 -28.40 49.96
CA SER B 405 -22.97 -29.14 50.01
C SER B 405 -22.44 -29.37 48.60
N ARG B 406 -23.35 -29.76 47.68
CA ARG B 406 -22.97 -30.05 46.30
C ARG B 406 -22.44 -28.78 45.64
N ALA B 407 -23.12 -27.64 45.86
CA ALA B 407 -22.69 -26.37 45.28
C ALA B 407 -21.32 -26.00 45.80
N LYS B 408 -21.11 -26.16 47.12
CA LYS B 408 -19.86 -25.82 47.78
C LYS B 408 -18.74 -26.69 47.23
N ARG B 409 -19.06 -27.98 47.01
CA ARG B 409 -18.12 -28.96 46.51
C ARG B 409 -17.66 -28.58 45.11
N ILE B 410 -18.61 -28.18 44.25
CA ILE B 410 -18.32 -27.79 42.88
C ILE B 410 -17.39 -26.57 42.89
N ASP B 411 -17.68 -25.61 43.79
CA ASP B 411 -16.92 -24.38 43.94
C ASP B 411 -15.47 -24.65 44.40
N THR B 412 -15.29 -25.59 45.32
CA THR B 412 -13.98 -25.89 45.89
C THR B 412 -13.20 -26.87 45.02
N VAL B 413 -13.84 -27.66 44.17
CA VAL B 413 -13.17 -28.65 43.30
C VAL B 413 -12.73 -27.95 42.02
N SER B 414 -13.59 -27.02 41.56
CA SER B 414 -13.41 -26.21 40.36
C SER B 414 -12.08 -25.47 40.41
N ARG B 415 -11.94 -24.62 41.42
CA ARG B 415 -10.80 -23.75 41.62
C ARG B 415 -9.52 -24.55 41.87
N VAL B 416 -9.60 -25.70 42.54
CA VAL B 416 -8.41 -26.53 42.75
C VAL B 416 -7.97 -27.13 41.42
N ALA B 417 -8.95 -27.62 40.63
CA ALA B 417 -8.76 -28.31 39.35
C ALA B 417 -8.17 -27.45 38.23
N PHE B 418 -8.59 -26.16 38.09
CA PHE B 418 -8.17 -25.34 36.94
C PHE B 418 -6.63 -25.16 36.86
N PRO B 419 -5.88 -24.81 37.93
CA PRO B 419 -4.42 -24.61 37.82
C PRO B 419 -3.66 -25.88 37.47
N LEU B 420 -3.98 -27.01 38.09
CA LEU B 420 -3.29 -28.27 37.83
C LEU B 420 -3.54 -28.73 36.38
N VAL B 421 -4.76 -28.55 35.85
CA VAL B 421 -5.07 -28.98 34.49
C VAL B 421 -4.54 -27.97 33.49
N PHE B 422 -4.16 -26.78 33.94
CA PHE B 422 -3.61 -25.78 33.06
C PHE B 422 -2.10 -25.85 33.09
N LEU B 423 -1.52 -25.96 34.28
CA LEU B 423 -0.07 -26.02 34.49
C LEU B 423 0.50 -27.27 33.82
N ILE B 424 -0.17 -28.43 33.97
CA ILE B 424 0.28 -29.70 33.39
C ILE B 424 0.25 -29.59 31.87
N PHE B 425 -0.77 -28.89 31.34
CA PHE B 425 -0.92 -28.73 29.90
C PHE B 425 0.10 -27.74 29.37
N ASN B 426 0.27 -26.58 30.03
CA ASN B 426 1.21 -25.56 29.55
C ASN B 426 2.62 -26.13 29.54
N ILE B 427 3.02 -26.81 30.64
CA ILE B 427 4.36 -27.39 30.72
C ILE B 427 4.49 -28.47 29.64
N PHE B 428 3.43 -29.28 29.46
CA PHE B 428 3.44 -30.37 28.48
C PHE B 428 3.64 -29.81 27.08
N TYR B 429 2.94 -28.71 26.75
CA TYR B 429 3.01 -28.09 25.44
C TYR B 429 4.43 -27.60 25.18
N TRP B 430 5.00 -26.91 26.20
CA TRP B 430 6.35 -26.38 26.04
C TRP B 430 7.35 -27.52 25.85
N ILE B 431 7.21 -28.62 26.63
CA ILE B 431 8.16 -29.73 26.51
C ILE B 431 8.03 -30.38 25.13
N THR B 432 6.78 -30.48 24.62
CA THR B 432 6.51 -31.14 23.34
C THR B 432 6.89 -30.27 22.16
N TYR B 433 7.36 -29.07 22.43
CA TYR B 433 7.80 -28.17 21.37
C TYR B 433 9.27 -27.86 21.52
N LYS B 434 9.78 -27.90 22.76
CA LYS B 434 11.20 -27.77 23.01
C LYS B 434 11.96 -29.01 22.56
N ILE B 435 11.37 -30.19 22.74
CA ILE B 435 12.06 -31.40 22.31
C ILE B 435 11.99 -31.57 20.80
N ILE B 436 10.95 -31.04 20.14
CA ILE B 436 10.94 -31.10 18.69
C ILE B 436 11.81 -30.01 18.10
N ARG B 437 12.05 -28.92 18.86
CA ARG B 437 13.02 -27.92 18.46
C ARG B 437 14.43 -28.47 18.56
N SER B 438 14.73 -29.20 19.64
CA SER B 438 16.05 -29.79 19.79
C SER B 438 16.26 -30.97 18.85
N GLU B 439 15.17 -31.64 18.43
CA GLU B 439 15.29 -32.71 17.43
C GLU B 439 15.46 -32.15 16.03
N ASP B 440 14.87 -30.98 15.76
CA ASP B 440 15.09 -30.32 14.47
C ASP B 440 16.48 -29.71 14.40
N ILE B 441 16.94 -29.12 15.50
CA ILE B 441 18.28 -28.56 15.58
C ILE B 441 19.25 -29.60 16.13
N PRO C 31 9.07 -10.81 -59.01
CA PRO C 31 9.29 -9.49 -59.61
C PRO C 31 10.10 -8.55 -58.72
N MET C 32 9.49 -7.46 -58.26
CA MET C 32 10.20 -6.53 -57.40
C MET C 32 10.23 -7.04 -55.96
N PRO C 33 11.27 -6.73 -55.19
CA PRO C 33 11.34 -7.19 -53.81
C PRO C 33 10.46 -6.35 -52.90
N PRO C 34 9.90 -6.95 -51.85
CA PRO C 34 9.05 -6.15 -50.92
C PRO C 34 9.86 -5.20 -50.07
N SER C 35 11.07 -5.59 -49.65
CA SER C 35 11.88 -4.71 -48.82
C SER C 35 12.46 -3.56 -49.63
N GLU C 36 12.77 -3.81 -50.92
CA GLU C 36 13.17 -2.74 -51.83
C GLU C 36 12.05 -1.72 -52.02
N PHE C 37 10.80 -2.18 -52.15
CA PHE C 37 9.67 -1.27 -52.26
C PHE C 37 9.40 -0.54 -50.95
N LEU C 38 9.63 -1.21 -49.81
CA LEU C 38 9.42 -0.58 -48.52
C LEU C 38 10.48 0.49 -48.26
N ASP C 39 11.70 0.28 -48.74
CA ASP C 39 12.73 1.30 -48.61
C ASP C 39 12.52 2.43 -49.61
N LYS C 40 12.01 2.13 -50.80
CA LYS C 40 11.71 3.17 -51.79
C LYS C 40 10.55 4.04 -51.33
N LEU C 41 9.58 3.47 -50.61
CA LEU C 41 8.41 4.24 -50.20
C LEU C 41 8.74 5.16 -49.03
N MET C 42 9.44 4.65 -48.03
CA MET C 42 9.83 5.44 -46.87
C MET C 42 11.34 5.33 -46.70
N GLY C 43 12.03 6.46 -46.66
CA GLY C 43 13.47 6.46 -46.51
C GLY C 43 14.16 7.58 -47.27
N LYS C 44 15.26 7.24 -47.94
CA LYS C 44 16.04 8.25 -48.66
C LYS C 44 15.39 8.62 -50.00
N VAL C 45 14.61 7.70 -50.58
CA VAL C 45 13.96 7.99 -51.86
C VAL C 45 12.78 8.93 -51.63
N SER C 46 12.15 8.84 -50.46
CA SER C 46 11.01 9.68 -50.14
C SER C 46 11.49 11.08 -49.81
N GLY C 47 10.81 12.09 -50.37
CA GLY C 47 11.23 13.46 -50.13
C GLY C 47 10.84 13.96 -48.76
N TYR C 48 9.80 13.38 -48.18
CA TYR C 48 9.33 13.83 -46.88
C TYR C 48 10.21 13.22 -45.80
N ASP C 49 10.50 14.01 -44.78
CA ASP C 49 11.36 13.64 -43.66
C ASP C 49 10.50 13.13 -42.49
N ALA C 50 9.18 13.28 -42.60
CA ALA C 50 8.09 12.89 -41.69
C ALA C 50 8.00 13.87 -40.54
N ARG C 51 8.77 14.95 -40.53
CA ARG C 51 8.65 15.91 -39.45
C ARG C 51 7.67 17.03 -39.81
N ILE C 52 7.12 16.99 -41.03
CA ILE C 52 6.18 17.99 -41.52
C ILE C 52 4.79 17.36 -41.62
N ARG C 53 3.77 18.11 -41.19
CA ARG C 53 2.41 17.60 -41.25
C ARG C 53 1.99 17.35 -42.70
N PRO C 54 1.22 16.27 -42.99
CA PRO C 54 0.80 15.99 -44.37
C PRO C 54 -0.08 17.13 -44.87
N ASN C 55 0.02 17.43 -46.18
CA ASN C 55 -0.72 18.52 -46.84
C ASN C 55 -0.47 19.85 -46.15
N PHE C 56 0.82 20.14 -45.91
CA PHE C 56 1.25 21.36 -45.25
C PHE C 56 0.82 22.58 -46.07
N LYS C 57 0.45 23.65 -45.36
CA LYS C 57 -0.09 24.90 -45.91
C LYS C 57 -1.39 24.61 -46.67
N GLY C 58 -2.19 23.72 -46.08
CA GLY C 58 -3.46 23.28 -46.60
C GLY C 58 -4.40 23.03 -45.44
N PRO C 59 -5.68 22.78 -45.73
CA PRO C 59 -6.69 22.54 -44.65
C PRO C 59 -6.29 21.37 -43.78
N PRO C 60 -6.43 21.49 -42.45
CA PRO C 60 -6.03 20.41 -41.52
C PRO C 60 -6.59 19.03 -41.82
N VAL C 61 -5.73 18.03 -41.73
CA VAL C 61 -6.17 16.66 -42.00
C VAL C 61 -6.92 16.11 -40.78
N ASN C 62 -8.20 15.79 -40.94
CA ASN C 62 -8.96 15.24 -39.83
C ASN C 62 -8.54 13.80 -39.52
N VAL C 63 -8.68 13.38 -38.26
CA VAL C 63 -8.27 12.01 -37.92
C VAL C 63 -9.47 11.34 -37.25
N THR C 64 -9.88 10.19 -37.79
CA THR C 64 -11.00 9.41 -37.25
C THR C 64 -10.56 8.53 -36.08
N CYS C 65 -11.24 8.58 -34.94
CA CYS C 65 -10.79 7.79 -33.79
C CYS C 65 -11.87 6.80 -33.34
N ASN C 66 -11.57 5.51 -33.37
CA ASN C 66 -12.48 4.45 -32.89
C ASN C 66 -11.90 3.93 -31.57
N ILE C 67 -12.71 3.88 -30.49
CA ILE C 67 -12.20 3.41 -29.21
C ILE C 67 -12.81 2.06 -28.82
N PHE C 68 -11.96 1.08 -28.49
CA PHE C 68 -12.40 -0.24 -28.06
C PHE C 68 -11.90 -0.45 -26.63
N ILE C 69 -12.79 -0.78 -25.70
CA ILE C 69 -12.38 -0.94 -24.29
C ILE C 69 -12.01 -2.41 -24.07
N ASN C 70 -10.71 -2.70 -23.93
CA ASN C 70 -10.25 -4.07 -23.71
C ASN C 70 -10.74 -4.65 -22.39
N SER C 71 -10.67 -3.87 -21.29
CA SER C 71 -11.09 -4.36 -19.98
C SER C 71 -11.32 -3.20 -19.01
N PHE C 72 -12.57 -2.85 -18.80
CA PHE C 72 -13.01 -1.88 -17.81
C PHE C 72 -12.99 -2.52 -16.42
N GLY C 73 -12.82 -1.71 -15.37
CA GLY C 73 -12.81 -2.26 -14.03
C GLY C 73 -11.79 -1.59 -13.14
N SER C 74 -11.62 -2.16 -11.93
CA SER C 74 -10.67 -1.67 -10.90
C SER C 74 -10.87 -0.18 -10.59
N ILE C 75 -12.15 0.23 -10.56
CA ILE C 75 -12.49 1.63 -10.31
C ILE C 75 -12.28 1.95 -8.84
N ALA C 76 -11.44 2.94 -8.56
CA ALA C 76 -11.12 3.33 -7.19
C ALA C 76 -12.11 4.41 -6.75
N GLU C 77 -12.82 4.15 -5.65
CA GLU C 77 -13.80 5.11 -5.17
C GLU C 77 -13.20 6.16 -4.23
N THR C 78 -12.16 5.79 -3.47
CA THR C 78 -11.55 6.70 -2.51
C THR C 78 -10.67 7.76 -3.15
N THR C 79 -10.22 7.58 -4.39
CA THR C 79 -9.38 8.56 -5.06
C THR C 79 -9.96 9.05 -6.38
N MET C 80 -11.18 8.62 -6.73
CA MET C 80 -11.96 9.08 -7.90
C MET C 80 -11.20 8.86 -9.21
N ASP C 81 -10.91 7.59 -9.50
CA ASP C 81 -10.20 7.22 -10.71
C ASP C 81 -10.65 5.83 -11.13
N TYR C 82 -10.13 5.39 -12.27
CA TYR C 82 -10.48 4.09 -12.83
C TYR C 82 -9.42 3.68 -13.83
N ARG C 83 -9.23 2.37 -13.94
CA ARG C 83 -8.24 1.78 -14.84
C ARG C 83 -8.95 1.17 -16.05
N VAL C 84 -8.52 1.58 -17.23
CA VAL C 84 -9.11 1.10 -18.48
C VAL C 84 -8.02 1.09 -19.54
N ASN C 85 -8.01 0.03 -20.37
CA ASN C 85 -7.07 -0.06 -21.47
C ASN C 85 -7.85 -0.01 -22.78
N ILE C 86 -7.67 1.06 -23.54
CA ILE C 86 -8.31 1.20 -24.83
C ILE C 86 -7.30 0.86 -25.92
N PHE C 87 -7.80 0.73 -27.15
CA PHE C 87 -6.96 0.34 -28.29
C PHE C 87 -6.61 1.46 -29.25
N LEU C 88 -7.46 2.49 -29.40
CA LEU C 88 -7.14 3.80 -29.99
C LEU C 88 -6.70 3.65 -31.46
N ARG C 89 -7.61 3.13 -32.28
CA ARG C 89 -7.34 2.98 -33.71
C ARG C 89 -7.64 4.32 -34.39
N GLN C 90 -6.65 4.92 -35.04
CA GLN C 90 -6.85 6.22 -35.65
C GLN C 90 -6.47 6.22 -37.13
N GLN C 91 -7.36 6.76 -37.97
CA GLN C 91 -7.17 6.84 -39.41
C GLN C 91 -7.15 8.28 -39.88
N TRP C 92 -6.19 8.58 -40.77
CA TRP C 92 -6.07 9.85 -41.46
C TRP C 92 -5.57 9.61 -42.88
N ASN C 93 -5.77 10.59 -43.75
CA ASN C 93 -5.39 10.49 -45.14
C ASN C 93 -4.26 11.46 -45.44
N ASP C 94 -3.30 11.02 -46.26
CA ASP C 94 -2.21 11.87 -46.70
C ASP C 94 -2.05 11.78 -48.21
N PRO C 95 -1.67 12.89 -48.87
CA PRO C 95 -1.36 12.81 -50.30
C PRO C 95 -0.09 12.03 -50.58
N ARG C 96 0.87 12.07 -49.66
CA ARG C 96 2.06 11.23 -49.77
C ARG C 96 1.72 9.78 -49.45
N LEU C 97 2.73 8.92 -49.63
CA LEU C 97 2.67 7.47 -49.41
C LEU C 97 1.57 6.82 -50.23
N ALA C 98 1.41 7.26 -51.48
CA ALA C 98 0.47 6.67 -52.43
C ALA C 98 1.27 5.97 -53.50
N TYR C 99 1.39 4.65 -53.37
CA TYR C 99 2.18 3.88 -54.33
C TYR C 99 1.42 3.66 -55.64
N SER C 100 0.18 3.15 -55.52
CA SER C 100 -0.73 2.85 -56.65
C SER C 100 -0.10 1.92 -57.68
N GLU C 101 0.69 0.96 -57.20
CA GLU C 101 1.36 0.01 -58.10
C GLU C 101 1.26 -1.44 -57.66
N TYR C 102 0.81 -1.72 -56.42
CA TYR C 102 0.62 -3.09 -56.00
C TYR C 102 -0.81 -3.56 -56.31
N PRO C 103 -1.00 -4.84 -56.61
CA PRO C 103 -2.35 -5.30 -56.98
C PRO C 103 -3.34 -5.45 -55.83
N ASP C 104 -2.92 -5.31 -54.58
CA ASP C 104 -3.83 -5.46 -53.45
C ASP C 104 -4.29 -4.09 -52.95
N ASP C 105 -5.26 -4.13 -52.03
CA ASP C 105 -5.87 -2.89 -51.55
C ASP C 105 -5.04 -2.24 -50.45
N SER C 106 -4.60 -3.03 -49.48
CA SER C 106 -3.86 -2.52 -48.33
C SER C 106 -2.60 -3.34 -48.10
N LEU C 107 -1.72 -2.81 -47.24
CA LEU C 107 -0.46 -3.46 -46.91
C LEU C 107 -0.26 -3.45 -45.40
N ASP C 108 0.20 -4.58 -44.86
CA ASP C 108 0.43 -4.73 -43.43
C ASP C 108 1.91 -4.45 -43.13
N LEU C 109 2.20 -3.28 -42.59
CA LEU C 109 3.57 -2.86 -42.40
C LEU C 109 4.14 -3.41 -41.09
N ASP C 110 5.46 -3.28 -40.97
CA ASP C 110 6.17 -3.73 -39.79
C ASP C 110 5.89 -2.76 -38.65
N PRO C 111 5.98 -3.21 -37.39
CA PRO C 111 5.86 -2.29 -36.26
C PRO C 111 7.18 -1.63 -35.85
N SER C 112 8.22 -1.71 -36.68
CA SER C 112 9.47 -1.00 -36.45
C SER C 112 9.59 0.27 -37.28
N MET C 113 8.61 0.56 -38.15
CA MET C 113 8.62 1.73 -39.01
C MET C 113 7.65 2.80 -38.53
N LEU C 114 7.57 3.01 -37.22
CA LEU C 114 6.56 3.90 -36.68
C LEU C 114 6.93 5.37 -36.83
N ASP C 115 8.22 5.68 -36.93
CA ASP C 115 8.68 7.06 -37.05
C ASP C 115 8.48 7.62 -38.45
N SER C 116 8.33 6.75 -39.46
CA SER C 116 8.16 7.20 -40.83
C SER C 116 6.72 7.63 -41.13
N ILE C 117 5.77 7.17 -40.34
CA ILE C 117 4.36 7.43 -40.60
C ILE C 117 3.98 8.85 -40.20
N TRP C 118 4.62 9.38 -39.15
CA TRP C 118 4.28 10.64 -38.47
C TRP C 118 2.82 10.61 -37.99
N LYS C 119 2.62 9.77 -37.00
CA LYS C 119 1.33 9.74 -36.33
C LYS C 119 1.07 11.05 -35.59
N PRO C 120 -0.19 11.47 -35.50
CA PRO C 120 -0.52 12.74 -34.82
C PRO C 120 -0.43 12.65 -33.31
N ASP C 121 -0.27 13.82 -32.70
CA ASP C 121 -0.18 13.91 -31.24
C ASP C 121 -1.55 13.74 -30.61
N LEU C 122 -1.57 13.09 -29.45
CA LEU C 122 -2.83 12.88 -28.72
C LEU C 122 -2.48 12.68 -27.26
N PHE C 123 -3.16 13.41 -26.38
CA PHE C 123 -2.97 13.22 -24.95
C PHE C 123 -4.33 13.31 -24.25
N PHE C 124 -4.37 12.80 -23.02
CA PHE C 124 -5.58 12.83 -22.20
C PHE C 124 -5.38 13.88 -21.11
N ALA C 125 -6.38 14.74 -20.92
CA ALA C 125 -6.22 15.87 -20.02
C ALA C 125 -6.49 15.53 -18.55
N ASN C 126 -6.97 14.32 -18.27
CA ASN C 126 -7.26 13.89 -16.90
C ASN C 126 -6.59 12.56 -16.64
N GLU C 127 -5.32 12.47 -17.01
CA GLU C 127 -4.59 11.21 -17.04
C GLU C 127 -3.53 11.11 -15.96
N LYS C 128 -3.51 9.96 -15.27
CA LYS C 128 -2.50 9.64 -14.28
C LYS C 128 -1.70 8.44 -14.77
N GLY C 129 -0.37 8.53 -14.73
CA GLY C 129 0.49 7.43 -15.11
C GLY C 129 0.46 7.06 -16.59
N ALA C 130 -0.25 5.98 -16.90
CA ALA C 130 -0.54 5.48 -18.25
C ALA C 130 0.74 5.15 -19.03
N ASN C 131 1.44 4.13 -18.55
CA ASN C 131 2.62 3.66 -19.27
C ASN C 131 2.20 2.79 -20.46
N PHE C 132 3.16 2.53 -21.34
CA PHE C 132 2.93 1.69 -22.50
C PHE C 132 3.04 0.21 -22.13
N HIS C 133 2.69 -0.64 -23.09
CA HIS C 133 2.81 -2.09 -22.95
C HIS C 133 3.96 -2.59 -23.82
N GLU C 134 4.63 -3.63 -23.36
CA GLU C 134 5.75 -4.21 -24.09
C GLU C 134 5.85 -5.69 -23.78
N VAL C 135 5.30 -6.53 -24.66
CA VAL C 135 5.46 -7.98 -24.56
C VAL C 135 5.88 -8.49 -25.94
N THR C 136 7.18 -8.78 -26.06
CA THR C 136 8.02 -9.37 -27.12
C THR C 136 8.24 -8.47 -28.32
N THR C 137 7.44 -7.40 -28.45
CA THR C 137 7.47 -6.38 -29.50
C THR C 137 6.77 -5.13 -28.98
N ASP C 138 6.77 -4.09 -29.81
CA ASP C 138 5.81 -3.01 -29.64
C ASP C 138 4.41 -3.50 -29.99
N ASN C 139 3.47 -3.25 -29.09
CA ASN C 139 2.06 -3.64 -29.26
C ASN C 139 1.31 -2.58 -30.07
N LYS C 140 1.65 -2.52 -31.36
CA LYS C 140 1.15 -1.49 -32.27
C LYS C 140 0.73 -2.15 -33.57
N LEU C 141 -0.24 -1.53 -34.24
CA LEU C 141 -0.75 -1.99 -35.52
C LEU C 141 -0.48 -0.92 -36.57
N LEU C 142 -0.19 -1.37 -37.80
CA LEU C 142 0.17 -0.45 -38.86
C LEU C 142 -0.36 -0.98 -40.19
N ARG C 143 -1.08 -0.12 -40.92
CA ARG C 143 -1.63 -0.46 -42.22
C ARG C 143 -1.54 0.76 -43.13
N ILE C 144 -1.57 0.51 -44.44
CA ILE C 144 -1.47 1.57 -45.45
C ILE C 144 -2.13 1.08 -46.73
N SER C 145 -3.01 1.90 -47.29
CA SER C 145 -3.75 1.56 -48.49
C SER C 145 -3.17 2.35 -49.67
N LYS C 146 -3.80 2.17 -50.84
CA LYS C 146 -3.34 2.85 -52.05
C LYS C 146 -3.62 4.34 -51.99
N ASN C 147 -4.75 4.73 -51.40
CA ASN C 147 -5.10 6.14 -51.29
C ASN C 147 -4.33 6.85 -50.19
N GLY C 148 -3.99 6.14 -49.12
CA GLY C 148 -3.28 6.73 -47.99
C GLY C 148 -4.00 6.61 -46.67
N ASN C 149 -5.14 5.93 -46.60
CA ASN C 149 -5.87 5.77 -45.35
C ASN C 149 -5.18 4.71 -44.50
N VAL C 150 -4.68 5.12 -43.34
CA VAL C 150 -3.87 4.27 -42.48
C VAL C 150 -4.71 3.77 -41.32
N LEU C 151 -4.20 2.77 -40.60
CA LEU C 151 -4.87 2.19 -39.45
C LEU C 151 -3.81 1.98 -38.36
N TYR C 152 -3.98 2.65 -37.22
CA TYR C 152 -2.96 2.63 -36.17
C TYR C 152 -3.63 2.53 -34.81
N SER C 153 -3.55 1.38 -34.17
CA SER C 153 -4.13 1.12 -32.86
C SER C 153 -3.07 0.73 -31.84
N ILE C 154 -3.29 1.12 -30.58
CA ILE C 154 -2.30 0.97 -29.51
C ILE C 154 -3.00 0.67 -28.19
N ARG C 155 -2.72 -0.49 -27.60
CA ARG C 155 -3.32 -0.84 -26.33
C ARG C 155 -2.54 -0.13 -25.21
N ILE C 156 -3.19 0.80 -24.51
CA ILE C 156 -2.58 1.60 -23.44
C ILE C 156 -3.49 1.54 -22.23
N THR C 157 -2.94 1.08 -21.10
CA THR C 157 -3.66 1.03 -19.84
C THR C 157 -3.68 2.42 -19.22
N LEU C 158 -4.86 3.04 -19.19
CA LEU C 158 -5.03 4.44 -18.81
C LEU C 158 -5.74 4.53 -17.47
N VAL C 159 -5.07 5.12 -16.48
CA VAL C 159 -5.73 5.51 -15.24
C VAL C 159 -6.20 6.94 -15.43
N LEU C 160 -7.52 7.14 -15.39
CA LEU C 160 -8.13 8.44 -15.63
C LEU C 160 -8.92 8.91 -14.41
N ALA C 161 -8.75 10.19 -14.06
CA ALA C 161 -9.44 10.80 -12.93
C ALA C 161 -10.80 11.34 -13.37
N CYS C 162 -11.86 10.90 -12.69
CA CYS C 162 -13.21 11.33 -13.00
C CYS C 162 -13.80 12.07 -11.81
N PRO C 163 -14.39 13.26 -12.02
CA PRO C 163 -14.98 14.02 -10.90
C PRO C 163 -16.41 13.57 -10.58
N MET C 164 -16.51 12.40 -9.96
CA MET C 164 -17.80 11.82 -9.59
C MET C 164 -18.46 12.64 -8.49
N ASP C 165 -19.78 12.83 -8.63
CA ASP C 165 -20.58 13.55 -7.64
C ASP C 165 -21.36 12.53 -6.82
N LEU C 166 -20.99 12.40 -5.55
CA LEU C 166 -21.63 11.43 -4.67
C LEU C 166 -22.73 12.12 -3.87
N LYS C 167 -23.77 12.54 -4.61
CA LYS C 167 -24.90 13.20 -3.97
C LYS C 167 -25.74 12.18 -3.22
N ASN C 168 -26.01 11.02 -3.83
CA ASN C 168 -26.63 9.91 -3.12
C ASN C 168 -25.66 8.75 -3.28
N PHE C 169 -25.13 8.28 -2.17
CA PHE C 169 -24.16 7.17 -2.19
C PHE C 169 -24.70 5.79 -2.66
N PRO C 170 -25.90 5.31 -2.27
CA PRO C 170 -26.30 3.96 -2.75
C PRO C 170 -26.71 3.90 -4.21
N MET C 171 -27.47 4.86 -4.71
CA MET C 171 -27.86 4.82 -6.12
C MET C 171 -26.65 5.18 -6.97
N ASP C 172 -26.18 6.42 -6.84
CA ASP C 172 -24.86 6.88 -7.31
C ASP C 172 -24.68 6.70 -8.82
N VAL C 173 -25.52 7.42 -9.57
CA VAL C 173 -25.31 7.54 -11.00
C VAL C 173 -24.06 8.38 -11.24
N GLN C 174 -23.06 7.78 -11.88
CA GLN C 174 -21.79 8.43 -12.12
C GLN C 174 -21.55 8.55 -13.62
N THR C 175 -20.75 9.55 -13.99
CA THR C 175 -20.38 9.78 -15.37
C THR C 175 -18.87 9.86 -15.48
N CYS C 176 -18.29 8.97 -16.29
CA CYS C 176 -16.85 8.89 -16.51
C CYS C 176 -16.57 9.35 -17.93
N ILE C 177 -15.49 10.12 -18.09
CA ILE C 177 -15.17 10.78 -19.35
C ILE C 177 -13.74 10.44 -19.74
N MET C 178 -13.47 10.54 -21.04
CA MET C 178 -12.10 10.45 -21.54
C MET C 178 -11.93 11.55 -22.57
N GLN C 179 -10.89 12.37 -22.43
CA GLN C 179 -10.76 13.58 -23.24
C GLN C 179 -9.59 13.44 -24.21
N LEU C 180 -9.90 13.08 -25.45
CA LEU C 180 -8.91 12.97 -26.51
C LEU C 180 -8.53 14.37 -26.97
N GLU C 181 -7.28 14.77 -26.73
CA GLU C 181 -6.88 16.15 -26.97
C GLU C 181 -5.51 16.15 -27.65
N SER C 182 -5.30 17.10 -28.55
CA SER C 182 -4.02 17.30 -29.19
C SER C 182 -3.15 18.24 -28.37
N PHE C 183 -1.86 18.24 -28.67
CA PHE C 183 -0.91 19.05 -27.90
C PHE C 183 0.17 19.54 -28.86
N GLY C 184 0.03 20.77 -29.33
CA GLY C 184 0.97 21.37 -30.26
C GLY C 184 0.41 21.72 -31.61
N TYR C 185 -0.78 21.23 -31.96
CA TYR C 185 -1.40 21.55 -33.25
C TYR C 185 -2.78 22.14 -33.01
N THR C 186 -2.98 23.37 -33.46
CA THR C 186 -4.15 24.20 -33.20
C THR C 186 -5.36 23.74 -34.01
N MET C 187 -6.47 24.49 -33.84
CA MET C 187 -7.71 24.15 -34.54
C MET C 187 -7.57 24.37 -36.03
N ASN C 188 -6.76 25.34 -36.45
CA ASN C 188 -6.58 25.53 -37.87
C ASN C 188 -5.40 24.73 -38.40
N ASP C 189 -4.90 23.75 -37.62
CA ASP C 189 -3.77 22.90 -37.99
C ASP C 189 -4.10 21.42 -37.92
N LEU C 190 -4.84 20.96 -36.90
CA LEU C 190 -5.19 19.55 -36.76
C LEU C 190 -6.49 19.44 -35.97
N ILE C 191 -7.53 18.85 -36.56
CA ILE C 191 -8.84 18.68 -35.91
C ILE C 191 -9.17 17.19 -35.84
N PHE C 192 -9.46 16.71 -34.64
CA PHE C 192 -9.88 15.33 -34.47
C PHE C 192 -11.40 15.23 -34.62
N GLU C 193 -11.87 14.03 -34.98
CA GLU C 193 -13.29 13.77 -35.15
C GLU C 193 -13.58 12.34 -34.73
N TRP C 194 -14.87 12.05 -34.56
CA TRP C 194 -15.33 10.71 -34.22
C TRP C 194 -15.59 9.90 -35.49
N ASP C 195 -16.24 8.76 -35.33
CA ASP C 195 -16.61 7.87 -36.43
C ASP C 195 -18.13 7.78 -36.54
N GLU C 196 -18.60 7.26 -37.67
CA GLU C 196 -20.03 7.10 -37.91
C GLU C 196 -20.50 5.65 -37.92
N LYS C 197 -19.64 4.71 -38.31
CA LYS C 197 -19.96 3.29 -38.21
C LYS C 197 -19.33 2.80 -36.91
N GLY C 198 -20.07 2.94 -35.82
CA GLY C 198 -19.58 2.58 -34.51
C GLY C 198 -18.80 3.69 -33.86
N ALA C 199 -19.08 4.00 -32.60
CA ALA C 199 -18.38 5.10 -31.92
C ALA C 199 -17.43 4.56 -30.85
N VAL C 200 -17.93 3.86 -29.84
CA VAL C 200 -17.03 3.25 -28.86
C VAL C 200 -17.50 1.81 -28.68
N GLN C 201 -16.62 0.87 -29.03
CA GLN C 201 -16.96 -0.53 -28.89
C GLN C 201 -16.54 -1.04 -27.52
N VAL C 202 -17.06 -2.20 -27.13
CA VAL C 202 -16.68 -2.71 -25.83
C VAL C 202 -16.37 -4.20 -26.01
N ALA C 203 -15.53 -4.71 -25.12
CA ALA C 203 -15.12 -6.12 -25.12
C ALA C 203 -16.33 -7.01 -24.84
N ASP C 204 -16.52 -8.02 -25.67
CA ASP C 204 -17.63 -8.97 -25.53
C ASP C 204 -17.48 -9.75 -24.21
N GLY C 205 -18.62 -9.98 -23.57
CA GLY C 205 -18.76 -10.71 -22.30
C GLY C 205 -17.98 -10.21 -21.09
N LEU C 206 -17.95 -8.90 -20.90
CA LEU C 206 -17.30 -8.20 -19.80
C LEU C 206 -18.32 -7.53 -18.90
N THR C 207 -18.24 -7.81 -17.60
CA THR C 207 -19.16 -7.25 -16.64
C THR C 207 -18.32 -6.79 -15.46
N LEU C 208 -18.88 -5.85 -14.73
CA LEU C 208 -18.26 -5.26 -13.56
C LEU C 208 -19.10 -5.50 -12.31
N PRO C 209 -18.50 -5.98 -11.22
CA PRO C 209 -19.27 -6.23 -9.99
C PRO C 209 -19.86 -4.95 -9.39
N GLN C 210 -19.06 -3.88 -9.34
CA GLN C 210 -19.49 -2.60 -8.79
C GLN C 210 -20.59 -1.92 -9.61
N PHE C 211 -20.46 -1.84 -10.95
CA PHE C 211 -21.45 -1.12 -11.74
C PHE C 211 -21.77 -1.82 -13.05
N ILE C 212 -22.94 -1.55 -13.62
CA ILE C 212 -23.29 -2.15 -14.91
C ILE C 212 -23.13 -1.06 -15.97
N LEU C 213 -22.32 -1.33 -16.99
CA LEU C 213 -22.06 -0.33 -18.02
C LEU C 213 -23.27 -0.04 -18.91
N LYS C 214 -23.74 1.21 -18.92
CA LYS C 214 -24.87 1.60 -19.78
C LYS C 214 -24.43 1.55 -21.23
N GLU C 215 -25.34 1.12 -22.10
CA GLU C 215 -25.06 1.00 -23.52
C GLU C 215 -25.48 2.22 -24.32
N GLU C 216 -25.89 3.30 -23.63
CA GLU C 216 -26.32 4.51 -24.31
C GLU C 216 -25.11 5.15 -24.99
N LYS C 217 -23.98 5.22 -24.27
CA LYS C 217 -22.69 5.76 -24.75
C LYS C 217 -22.78 7.17 -25.32
N ASP C 218 -23.52 8.07 -24.63
CA ASP C 218 -23.68 9.45 -25.06
C ASP C 218 -22.31 10.10 -25.30
N LEU C 219 -22.17 10.71 -26.47
CA LEU C 219 -20.90 11.33 -26.83
C LEU C 219 -21.10 12.61 -27.61
N ARG C 220 -20.15 13.51 -27.45
CA ARG C 220 -20.11 14.83 -28.07
C ARG C 220 -18.68 15.31 -27.93
N TYR C 221 -18.42 16.56 -28.29
CA TYR C 221 -17.06 17.07 -28.17
C TYR C 221 -17.09 18.55 -27.79
N CYS C 222 -16.19 18.91 -26.89
CA CYS C 222 -15.99 20.29 -26.44
C CYS C 222 -14.88 20.93 -27.27
N THR C 223 -14.35 22.04 -26.77
CA THR C 223 -13.16 22.67 -27.35
C THR C 223 -12.38 23.34 -26.22
N LYS C 224 -11.12 23.66 -26.49
CA LYS C 224 -10.25 24.29 -25.51
C LYS C 224 -9.75 25.63 -26.03
N HIS C 225 -9.65 26.60 -25.12
CA HIS C 225 -9.16 27.94 -25.41
C HIS C 225 -8.10 28.32 -24.37
N TYR C 226 -6.84 28.09 -24.71
CA TYR C 226 -5.75 28.44 -23.82
C TYR C 226 -5.21 29.81 -24.22
N ASN C 227 -4.08 30.21 -23.66
CA ASN C 227 -3.48 31.49 -23.98
C ASN C 227 -2.55 31.42 -25.19
N THR C 228 -2.39 30.24 -25.79
CA THR C 228 -1.54 30.05 -26.95
C THR C 228 -2.28 29.77 -28.23
N GLY C 229 -3.56 29.39 -28.15
CA GLY C 229 -4.33 29.12 -29.33
C GLY C 229 -5.55 28.26 -29.00
N LYS C 230 -6.25 27.89 -30.05
CA LYS C 230 -7.45 27.06 -29.96
C LYS C 230 -7.08 25.62 -30.28
N PHE C 231 -7.26 24.74 -29.30
CA PHE C 231 -6.95 23.31 -29.42
C PHE C 231 -8.23 22.49 -29.37
N THR C 232 -8.27 21.43 -30.18
CA THR C 232 -9.43 20.55 -30.21
C THR C 232 -9.42 19.61 -29.02
N CYS C 233 -10.62 19.23 -28.59
CA CYS C 233 -10.75 18.34 -27.44
C CYS C 233 -11.98 17.49 -27.66
N ILE C 234 -11.78 16.22 -27.98
CA ILE C 234 -12.87 15.30 -28.28
C ILE C 234 -13.08 14.41 -27.07
N GLU C 235 -14.34 14.19 -26.69
CA GLU C 235 -14.57 13.45 -25.47
C GLU C 235 -15.61 12.36 -25.71
N ALA C 236 -15.84 11.58 -24.66
CA ALA C 236 -16.82 10.50 -24.68
C ALA C 236 -17.26 10.27 -23.25
N ARG C 237 -18.57 10.18 -23.03
CA ARG C 237 -19.12 10.07 -21.70
C ARG C 237 -19.67 8.68 -21.45
N PHE C 238 -19.26 8.08 -20.34
CA PHE C 238 -19.85 6.81 -19.93
C PHE C 238 -20.82 7.06 -18.79
N HIS C 239 -21.60 6.04 -18.51
CA HIS C 239 -22.61 6.09 -17.46
C HIS C 239 -22.56 4.83 -16.59
N LEU C 240 -22.29 5.00 -15.29
CA LEU C 240 -22.16 3.89 -14.34
C LEU C 240 -23.13 4.08 -13.17
N GLU C 241 -24.06 3.13 -13.02
CA GLU C 241 -24.93 3.07 -11.84
C GLU C 241 -24.55 1.88 -10.96
N ARG C 242 -24.80 2.02 -9.67
CA ARG C 242 -24.44 0.98 -8.72
C ARG C 242 -25.41 -0.20 -8.82
N GLN C 243 -24.85 -1.41 -8.88
CA GLN C 243 -25.66 -2.63 -8.80
C GLN C 243 -25.93 -2.86 -7.33
N MET C 244 -27.15 -2.50 -6.90
CA MET C 244 -27.53 -2.56 -5.49
C MET C 244 -27.65 -4.00 -5.02
N GLY C 245 -27.36 -4.19 -3.73
CA GLY C 245 -27.42 -5.52 -3.16
C GLY C 245 -26.43 -5.70 -2.04
N TYR C 246 -25.17 -5.45 -2.41
CA TYR C 246 -24.05 -5.58 -1.48
C TYR C 246 -24.18 -4.56 -0.36
N TYR C 247 -24.58 -3.33 -0.71
CA TYR C 247 -24.72 -2.26 0.25
C TYR C 247 -25.80 -2.60 1.27
N LEU C 248 -26.90 -3.16 0.77
CA LEU C 248 -28.04 -3.54 1.61
C LEU C 248 -27.65 -4.60 2.63
N ILE C 249 -26.93 -5.63 2.18
CA ILE C 249 -26.51 -6.72 3.06
C ILE C 249 -25.50 -6.21 4.10
N GLN C 250 -24.52 -5.42 3.65
CA GLN C 250 -23.44 -4.92 4.50
C GLN C 250 -23.88 -3.95 5.58
N MET C 251 -24.72 -2.97 5.22
CA MET C 251 -25.08 -2.00 6.25
C MET C 251 -26.58 -1.81 6.47
N TYR C 252 -27.42 -1.91 5.45
CA TYR C 252 -28.85 -1.69 5.66
C TYR C 252 -29.42 -2.79 6.55
N ILE C 253 -29.09 -4.06 6.27
CA ILE C 253 -29.63 -5.18 7.06
C ILE C 253 -29.07 -5.11 8.50
N PRO C 254 -27.74 -4.87 8.80
CA PRO C 254 -27.29 -4.82 10.22
C PRO C 254 -27.92 -3.69 11.02
N SER C 255 -28.04 -2.50 10.42
CA SER C 255 -28.61 -1.31 11.06
C SER C 255 -30.07 -1.59 11.42
N LEU C 256 -30.79 -2.26 10.50
CA LEU C 256 -32.21 -2.57 10.73
C LEU C 256 -32.28 -3.46 11.96
N LEU C 257 -31.57 -4.61 11.93
CA LEU C 257 -31.58 -5.56 13.06
C LEU C 257 -31.29 -4.83 14.39
N ILE C 258 -30.32 -3.88 14.36
CA ILE C 258 -29.94 -3.13 15.56
C ILE C 258 -31.14 -2.34 16.10
N VAL C 259 -31.89 -1.72 15.18
CA VAL C 259 -33.10 -0.96 15.52
C VAL C 259 -34.15 -1.90 16.11
N ILE C 260 -34.25 -3.09 15.49
CA ILE C 260 -35.19 -4.13 15.93
C ILE C 260 -34.85 -4.56 17.35
N LEU C 261 -33.52 -4.67 17.65
CA LEU C 261 -33.05 -5.09 18.97
C LEU C 261 -33.50 -4.09 20.02
N SER C 262 -33.41 -2.80 19.65
CA SER C 262 -33.83 -1.74 20.58
C SER C 262 -35.33 -1.87 20.85
N TRP C 263 -36.11 -2.17 19.80
CA TRP C 263 -37.55 -2.31 19.98
C TRP C 263 -37.91 -3.44 20.93
N VAL C 264 -37.19 -4.56 20.80
CA VAL C 264 -37.44 -5.74 21.64
C VAL C 264 -37.15 -5.44 23.10
N SER C 265 -36.16 -4.53 23.38
CA SER C 265 -35.73 -4.15 24.74
C SER C 265 -36.89 -3.81 25.68
N PHE C 266 -37.87 -3.07 25.17
CA PHE C 266 -39.05 -2.64 25.92
C PHE C 266 -39.86 -3.86 26.35
N TRP C 267 -40.07 -4.77 25.41
CA TRP C 267 -40.74 -6.03 25.64
C TRP C 267 -39.82 -7.00 26.40
N ILE C 268 -38.50 -6.96 26.14
CA ILE C 268 -37.56 -7.88 26.81
C ILE C 268 -37.53 -7.65 28.31
N ASN C 269 -37.48 -6.40 28.74
CA ASN C 269 -37.41 -6.05 30.15
C ASN C 269 -38.49 -5.10 30.61
N MET C 270 -39.23 -5.52 31.63
CA MET C 270 -40.27 -4.66 32.16
C MET C 270 -40.02 -4.51 33.65
N ASP C 271 -39.86 -5.63 34.35
CA ASP C 271 -39.66 -5.63 35.80
C ASP C 271 -38.35 -4.94 36.21
N ALA C 272 -37.27 -5.18 35.50
CA ALA C 272 -35.99 -4.60 35.85
C ALA C 272 -35.50 -3.63 34.79
N ALA C 273 -35.29 -2.43 35.22
CA ALA C 273 -34.78 -1.30 34.46
C ALA C 273 -33.32 -1.37 33.93
N PRO C 274 -32.24 -1.87 34.78
CA PRO C 274 -30.83 -1.91 34.31
C PRO C 274 -30.57 -2.42 32.89
N ALA C 275 -31.13 -3.62 32.67
CA ALA C 275 -31.01 -4.34 31.40
C ALA C 275 -31.39 -3.47 30.20
N ARG C 276 -32.49 -2.71 30.30
CA ARG C 276 -32.89 -1.77 29.25
C ARG C 276 -31.85 -0.68 29.09
N VAL C 277 -31.34 -0.16 30.23
CA VAL C 277 -30.33 0.90 30.20
C VAL C 277 -29.11 0.45 29.39
N GLY C 278 -28.54 -0.70 29.80
CA GLY C 278 -27.38 -1.25 29.11
C GLY C 278 -27.57 -1.65 27.66
N LEU C 279 -28.75 -2.23 27.32
CA LEU C 279 -29.12 -2.44 25.92
C LEU C 279 -29.07 -1.16 25.11
N GLY C 280 -29.71 -0.09 25.62
CA GLY C 280 -29.75 1.17 24.91
C GLY C 280 -28.39 1.84 24.76
N ILE C 281 -27.55 1.72 25.79
CA ILE C 281 -26.19 2.26 25.79
C ILE C 281 -25.33 1.62 24.72
N THR C 282 -25.31 0.30 24.73
CA THR C 282 -24.43 -0.37 23.82
C THR C 282 -24.99 -0.39 22.42
N THR C 283 -26.31 -0.38 22.28
CA THR C 283 -26.87 -0.23 20.96
C THR C 283 -26.50 1.12 20.33
N VAL C 284 -26.52 2.20 21.12
CA VAL C 284 -26.06 3.51 20.64
C VAL C 284 -24.56 3.48 20.32
N LEU C 285 -23.77 2.77 21.15
CA LEU C 285 -22.33 2.71 20.94
C LEU C 285 -21.96 1.90 19.70
N THR C 286 -22.64 0.77 19.49
CA THR C 286 -22.38 -0.03 18.30
C THR C 286 -22.92 0.64 17.05
N MET C 287 -23.98 1.45 17.18
CA MET C 287 -24.48 2.22 16.05
C MET C 287 -23.47 3.29 15.64
N THR C 288 -22.87 3.98 16.62
CA THR C 288 -21.84 4.96 16.33
C THR C 288 -20.57 4.31 15.77
N THR C 289 -20.24 3.12 16.27
CA THR C 289 -19.13 2.32 15.73
C THR C 289 -19.36 1.94 14.27
N GLN C 290 -20.57 1.48 13.95
CA GLN C 290 -20.92 1.12 12.57
C GLN C 290 -20.98 2.35 11.67
N SER C 291 -21.44 3.48 12.19
CA SER C 291 -21.50 4.72 11.41
C SER C 291 -20.11 5.29 11.16
N SER C 292 -19.18 5.06 12.09
CA SER C 292 -17.78 5.47 11.91
C SER C 292 -17.07 4.53 10.95
N GLY C 293 -17.40 3.24 11.01
CA GLY C 293 -16.76 2.24 10.15
C GLY C 293 -17.29 2.23 8.74
N SER C 294 -18.46 2.84 8.51
CA SER C 294 -19.05 2.86 7.18
C SER C 294 -18.39 3.84 6.25
N ARG C 295 -17.73 4.86 6.78
CA ARG C 295 -17.08 5.89 5.98
C ARG C 295 -15.59 5.65 5.80
N ALA C 296 -15.11 4.41 5.99
CA ALA C 296 -13.68 4.18 5.85
C ALA C 296 -13.27 4.13 4.39
N SER C 297 -14.05 3.44 3.56
CA SER C 297 -13.78 3.38 2.13
C SER C 297 -14.14 4.67 1.41
N LEU C 298 -14.98 5.51 2.02
CA LEU C 298 -15.44 6.76 1.44
C LEU C 298 -14.35 7.81 1.46
N PRO C 299 -14.26 8.67 0.43
CA PRO C 299 -13.38 9.82 0.50
C PRO C 299 -14.00 10.90 1.35
N LYS C 300 -13.15 11.75 1.89
CA LYS C 300 -13.64 12.82 2.76
C LYS C 300 -14.37 13.87 1.94
N VAL C 301 -15.66 14.10 2.26
CA VAL C 301 -16.50 15.03 1.49
C VAL C 301 -17.38 15.77 2.50
N SER C 302 -17.74 17.03 2.16
CA SER C 302 -18.44 17.91 3.09
C SER C 302 -19.94 17.60 3.19
N TYR C 303 -20.60 17.37 2.06
CA TYR C 303 -22.05 17.29 2.03
C TYR C 303 -22.54 15.94 2.56
N VAL C 304 -23.86 15.82 2.67
CA VAL C 304 -24.51 14.74 3.39
C VAL C 304 -25.09 13.76 2.36
N LYS C 305 -24.74 12.48 2.52
CA LYS C 305 -25.23 11.42 1.66
C LYS C 305 -26.49 10.80 2.26
N ALA C 306 -27.04 9.81 1.55
CA ALA C 306 -28.24 9.11 2.03
C ALA C 306 -27.89 8.22 3.23
N ILE C 307 -26.72 7.63 3.21
CA ILE C 307 -26.25 6.85 4.38
C ILE C 307 -26.11 7.72 5.59
N ASP C 308 -25.64 8.95 5.43
CA ASP C 308 -25.47 9.85 6.55
C ASP C 308 -26.80 10.42 7.04
N ILE C 309 -27.89 10.23 6.30
CA ILE C 309 -29.23 10.50 6.83
C ILE C 309 -29.80 9.28 7.52
N TRP C 310 -29.66 8.10 6.88
CA TRP C 310 -30.20 6.85 7.42
C TRP C 310 -29.60 6.48 8.77
N MET C 311 -28.26 6.52 8.86
CA MET C 311 -27.57 6.18 10.12
C MET C 311 -27.90 7.19 11.22
N ALA C 312 -28.04 8.47 10.84
CA ALA C 312 -28.35 9.52 11.82
C ALA C 312 -29.77 9.39 12.35
N VAL C 313 -30.71 9.00 11.49
CA VAL C 313 -32.10 8.87 11.93
C VAL C 313 -32.28 7.58 12.74
N CYS C 314 -31.56 6.51 12.40
CA CYS C 314 -31.64 5.28 13.19
C CYS C 314 -30.95 5.43 14.54
N LEU C 315 -29.87 6.21 14.59
CA LEU C 315 -29.22 6.56 15.85
C LEU C 315 -30.12 7.48 16.68
N LEU C 316 -30.94 8.28 15.99
CA LEU C 316 -31.94 9.13 16.65
C LEU C 316 -33.00 8.24 17.29
N PHE C 317 -33.51 7.26 16.53
CA PHE C 317 -34.55 6.34 17.03
C PHE C 317 -34.07 5.59 18.27
N VAL C 318 -32.88 4.96 18.18
CA VAL C 318 -32.32 4.17 19.30
C VAL C 318 -32.10 5.08 20.52
N PHE C 319 -31.58 6.31 20.27
CA PHE C 319 -31.33 7.28 21.33
C PHE C 319 -32.65 7.66 21.98
N SER C 320 -33.62 8.10 21.15
CA SER C 320 -34.96 8.53 21.56
C SER C 320 -35.59 7.46 22.45
N ALA C 321 -35.40 6.18 22.07
CA ALA C 321 -35.95 5.07 22.84
C ALA C 321 -35.35 5.06 24.24
N LEU C 322 -34.03 5.29 24.31
CA LEU C 322 -33.33 5.33 25.59
C LEU C 322 -33.88 6.51 26.42
N LEU C 323 -34.11 7.65 25.75
CA LEU C 323 -34.65 8.85 26.40
C LEU C 323 -36.01 8.53 27.02
N GLU C 324 -36.92 7.97 26.19
CA GLU C 324 -38.28 7.54 26.59
C GLU C 324 -38.17 6.73 27.91
N TYR C 325 -37.15 5.86 27.93
CA TYR C 325 -36.82 5.01 29.04
C TYR C 325 -36.45 5.83 30.26
N ALA C 326 -35.67 6.91 30.06
CA ALA C 326 -35.27 7.77 31.16
C ALA C 326 -36.50 8.36 31.79
N ALA C 327 -37.44 8.77 30.93
CA ALA C 327 -38.70 9.36 31.40
C ALA C 327 -39.48 8.31 32.20
N VAL C 328 -39.51 7.04 31.72
CA VAL C 328 -40.21 5.97 32.45
C VAL C 328 -39.60 5.76 33.84
N ASN C 329 -38.26 5.84 33.91
CA ASN C 329 -37.61 5.65 35.21
C ASN C 329 -37.82 6.84 36.12
N PHE C 330 -38.08 8.00 35.54
CA PHE C 330 -38.40 9.19 36.33
C PHE C 330 -39.79 9.09 36.93
N ILE C 331 -40.75 8.61 36.14
CA ILE C 331 -42.09 8.34 36.65
C ILE C 331 -42.06 7.25 37.73
N ALA C 332 -41.22 6.22 37.53
CA ALA C 332 -41.05 5.16 38.52
C ALA C 332 -40.41 5.67 39.81
N ARG C 333 -39.44 6.58 39.70
CA ARG C 333 -38.80 7.16 40.88
C ARG C 333 -39.71 8.11 41.63
N GLN C 334 -40.54 8.87 40.90
CA GLN C 334 -41.56 9.69 41.52
C GLN C 334 -42.60 8.86 42.26
N HIS C 335 -43.02 7.74 41.66
CA HIS C 335 -43.93 6.81 42.32
C HIS C 335 -43.28 6.16 43.55
N LYS C 336 -41.97 5.89 43.48
CA LYS C 336 -41.25 5.31 44.61
C LYS C 336 -41.10 6.30 45.77
N GLU C 337 -40.81 7.56 45.46
CA GLU C 337 -40.65 8.57 46.49
C GLU C 337 -41.99 9.04 47.03
N LEU C 338 -43.07 8.81 46.27
CA LEU C 338 -44.40 9.05 46.79
C LEU C 338 -44.82 7.93 47.74
N LEU C 339 -44.54 6.68 47.40
CA LEU C 339 -44.93 5.58 48.28
C LEU C 339 -44.05 5.54 49.53
N MET C 399 -52.39 8.75 44.61
CA MET C 399 -51.78 9.10 43.32
C MET C 399 -50.92 7.92 42.84
N ARG C 400 -50.86 6.87 43.67
CA ARG C 400 -50.10 5.66 43.35
C ARG C 400 -50.64 5.01 42.09
N LYS C 401 -51.97 4.91 42.00
CA LYS C 401 -52.65 4.30 40.86
C LYS C 401 -52.35 5.11 39.61
N LEU C 402 -52.40 6.44 39.74
CA LEU C 402 -52.16 7.35 38.63
C LEU C 402 -50.75 7.15 38.08
N PHE C 403 -49.75 7.06 38.99
CA PHE C 403 -48.37 6.89 38.54
C PHE C 403 -48.20 5.57 37.80
N ILE C 404 -48.81 4.48 38.34
CA ILE C 404 -48.70 3.16 37.72
C ILE C 404 -49.33 3.20 36.33
N SER C 405 -50.49 3.87 36.25
CA SER C 405 -51.24 3.99 35.00
C SER C 405 -50.42 4.74 33.96
N ARG C 406 -49.76 5.83 34.39
CA ARG C 406 -48.94 6.66 33.50
C ARG C 406 -47.79 5.83 32.94
N ALA C 407 -47.13 5.05 33.82
CA ALA C 407 -45.99 4.23 33.40
C ALA C 407 -46.45 3.20 32.39
N LYS C 408 -47.61 2.57 32.66
CA LYS C 408 -48.17 1.53 31.80
C LYS C 408 -48.50 2.13 30.44
N ARG C 409 -49.06 3.36 30.47
CA ARG C 409 -49.46 4.07 29.27
C ARG C 409 -48.25 4.36 28.40
N ILE C 410 -47.16 4.81 29.02
CA ILE C 410 -45.92 5.14 28.30
C ILE C 410 -45.39 3.87 27.63
N ASP C 411 -45.44 2.75 28.37
CA ASP C 411 -44.97 1.44 27.90
C ASP C 411 -45.78 0.93 26.71
N THR C 412 -47.10 1.13 26.74
CA THR C 412 -47.98 0.61 25.70
C THR C 412 -48.08 1.58 24.51
N VAL C 413 -47.77 2.86 24.67
CA VAL C 413 -47.84 3.86 23.60
C VAL C 413 -46.52 3.85 22.83
N SER C 414 -45.43 3.64 23.59
CA SER C 414 -44.05 3.59 23.10
C SER C 414 -43.92 2.54 22.01
N ARG C 415 -44.21 1.30 22.37
CA ARG C 415 -44.08 0.13 21.53
C ARG C 415 -45.00 0.19 20.33
N VAL C 416 -46.21 0.77 20.47
CA VAL C 416 -47.12 0.92 19.33
C VAL C 416 -46.56 1.93 18.35
N ALA C 417 -46.04 3.06 18.89
CA ALA C 417 -45.51 4.21 18.15
C ALA C 417 -44.26 3.93 17.33
N PHE C 418 -43.28 3.13 17.84
CA PHE C 418 -41.99 2.96 17.16
C PHE C 418 -42.14 2.35 15.75
N PRO C 419 -42.91 1.26 15.50
CA PRO C 419 -43.01 0.68 14.15
C PRO C 419 -43.66 1.59 13.13
N LEU C 420 -44.76 2.27 13.48
CA LEU C 420 -45.46 3.16 12.58
C LEU C 420 -44.58 4.35 12.21
N VAL C 421 -43.82 4.90 13.17
CA VAL C 421 -42.96 6.06 12.90
C VAL C 421 -41.69 5.62 12.20
N PHE C 422 -41.40 4.32 12.17
CA PHE C 422 -40.22 3.83 11.50
C PHE C 422 -40.60 3.35 10.10
N LEU C 423 -41.71 2.61 9.99
CA LEU C 423 -42.21 2.07 8.73
C LEU C 423 -42.57 3.21 7.77
N ILE C 424 -43.25 4.26 8.28
CA ILE C 424 -43.67 5.41 7.46
C ILE C 424 -42.42 6.13 6.95
N PHE C 425 -41.39 6.21 7.79
CA PHE C 425 -40.16 6.90 7.43
C PHE C 425 -39.35 6.06 6.45
N ASN C 426 -39.20 4.75 6.70
CA ASN C 426 -38.40 3.90 5.82
C ASN C 426 -39.03 3.87 4.42
N ILE C 427 -40.37 3.69 4.37
CA ILE C 427 -41.07 3.66 3.08
C ILE C 427 -40.93 5.02 2.40
N PHE C 428 -41.05 6.11 3.20
CA PHE C 428 -40.96 7.46 2.67
C PHE C 428 -39.59 7.70 2.05
N TYR C 429 -38.52 7.24 2.74
CA TYR C 429 -37.16 7.43 2.28
C TYR C 429 -36.95 6.71 0.96
N TRP C 430 -37.43 5.44 0.91
CA TRP C 430 -37.28 4.66 -0.32
C TRP C 430 -38.04 5.31 -1.47
N ILE C 431 -39.26 5.82 -1.22
CA ILE C 431 -40.03 6.43 -2.30
C ILE C 431 -39.35 7.70 -2.78
N THR C 432 -38.75 8.47 -1.83
CA THR C 432 -38.11 9.75 -2.15
C THR C 432 -36.77 9.57 -2.80
N TYR C 433 -36.34 8.33 -2.96
CA TYR C 433 -35.08 8.05 -3.61
C TYR C 433 -35.31 7.23 -4.87
N LYS C 434 -36.39 6.44 -4.89
CA LYS C 434 -36.80 5.72 -6.09
C LYS C 434 -37.36 6.68 -7.13
N ILE C 435 -38.09 7.71 -6.69
CA ILE C 435 -38.65 8.64 -7.67
C ILE C 435 -37.57 9.60 -8.17
N ILE C 436 -36.53 9.87 -7.38
CA ILE C 436 -35.45 10.70 -7.90
C ILE C 436 -34.51 9.85 -8.77
N ARG C 437 -34.49 8.53 -8.54
CA ARG C 437 -33.77 7.63 -9.43
C ARG C 437 -34.48 7.53 -10.78
N SER C 438 -35.81 7.43 -10.77
CA SER C 438 -36.57 7.38 -12.01
C SER C 438 -36.60 8.73 -12.72
N GLU C 439 -36.46 9.83 -11.98
CA GLU C 439 -36.36 11.15 -12.60
C GLU C 439 -34.99 11.39 -13.19
N ASP C 440 -33.93 10.82 -12.58
CA ASP C 440 -32.60 10.91 -13.16
C ASP C 440 -32.46 10.00 -14.37
N ILE C 441 -33.05 8.81 -14.30
CA ILE C 441 -33.04 7.89 -15.42
C ILE C 441 -34.30 8.09 -16.26
N PRO D 31 38.79 -24.30 -39.83
CA PRO D 31 38.24 -23.99 -41.16
C PRO D 31 37.61 -22.59 -41.23
N MET D 32 36.29 -22.52 -41.43
CA MET D 32 35.63 -21.23 -41.51
C MET D 32 35.38 -20.69 -40.10
N PRO D 33 35.38 -19.36 -39.92
CA PRO D 33 35.13 -18.78 -38.59
C PRO D 33 33.65 -18.79 -38.25
N PRO D 34 33.30 -18.94 -36.98
CA PRO D 34 31.88 -18.94 -36.61
C PRO D 34 31.24 -17.57 -36.71
N SER D 35 32.00 -16.50 -36.40
CA SER D 35 31.44 -15.16 -36.47
C SER D 35 31.29 -14.72 -37.92
N GLU D 36 32.20 -15.15 -38.81
CA GLU D 36 32.06 -14.92 -40.23
C GLU D 36 30.80 -15.59 -40.79
N PHE D 37 30.53 -16.83 -40.35
CA PHE D 37 29.31 -17.52 -40.78
C PHE D 37 28.06 -16.87 -40.18
N LEU D 38 28.16 -16.35 -38.95
CA LEU D 38 27.02 -15.70 -38.31
C LEU D 38 26.71 -14.38 -38.99
N ASP D 39 27.73 -13.67 -39.48
CA ASP D 39 27.50 -12.44 -40.23
C ASP D 39 27.03 -12.72 -41.64
N LYS D 40 27.50 -13.81 -42.26
CA LYS D 40 27.03 -14.19 -43.57
C LYS D 40 25.57 -14.64 -43.55
N LEU D 41 25.13 -15.28 -42.45
CA LEU D 41 23.77 -15.79 -42.39
C LEU D 41 22.78 -14.67 -42.14
N MET D 42 23.07 -13.78 -41.20
CA MET D 42 22.21 -12.64 -40.89
C MET D 42 23.03 -11.37 -40.99
N GLY D 43 22.57 -10.43 -41.81
CA GLY D 43 23.28 -9.17 -41.98
C GLY D 43 23.20 -8.62 -43.39
N LYS D 44 24.34 -8.15 -43.91
CA LYS D 44 24.35 -7.53 -45.23
C LYS D 44 24.32 -8.57 -46.34
N VAL D 45 24.82 -9.79 -46.07
CA VAL D 45 24.83 -10.84 -47.08
C VAL D 45 23.42 -11.39 -47.25
N SER D 46 22.63 -11.39 -46.20
CA SER D 46 21.26 -11.90 -46.24
C SER D 46 20.37 -10.89 -46.95
N GLY D 47 19.54 -11.39 -47.88
CA GLY D 47 18.68 -10.49 -48.62
C GLY D 47 17.51 -10.00 -47.82
N TYR D 48 17.09 -10.76 -46.81
CA TYR D 48 15.94 -10.38 -46.01
C TYR D 48 16.38 -9.33 -44.99
N ASP D 49 15.51 -8.35 -44.77
CA ASP D 49 15.74 -7.24 -43.86
C ASP D 49 15.13 -7.54 -42.48
N ALA D 50 14.35 -8.63 -42.40
CA ALA D 50 13.64 -9.21 -41.25
C ALA D 50 12.39 -8.41 -40.95
N ARG D 51 12.02 -7.43 -41.78
CA ARG D 51 10.80 -6.70 -41.54
C ARG D 51 9.63 -7.32 -42.31
N ILE D 52 9.90 -8.36 -43.10
CA ILE D 52 8.88 -9.04 -43.90
C ILE D 52 8.63 -10.43 -43.31
N ARG D 53 7.36 -10.82 -43.24
CA ARG D 53 7.00 -12.12 -42.70
C ARG D 53 7.60 -13.24 -43.56
N PRO D 54 8.09 -14.36 -42.95
CA PRO D 54 8.67 -15.44 -43.75
C PRO D 54 7.60 -16.04 -44.65
N ASN D 55 8.02 -16.49 -45.86
CA ASN D 55 7.14 -17.07 -46.87
C ASN D 55 6.02 -16.10 -47.23
N PHE D 56 6.40 -14.84 -47.49
CA PHE D 56 5.47 -13.77 -47.84
C PHE D 56 4.73 -14.14 -49.12
N LYS D 57 3.44 -13.75 -49.18
CA LYS D 57 2.49 -14.06 -50.28
C LYS D 57 2.35 -15.57 -50.39
N GLY D 58 2.28 -16.23 -49.23
CA GLY D 58 2.15 -17.66 -49.10
C GLY D 58 1.30 -17.95 -47.88
N PRO D 59 0.92 -19.21 -47.68
CA PRO D 59 0.07 -19.61 -46.52
C PRO D 59 0.74 -19.23 -45.21
N PRO D 60 -0.02 -18.68 -44.25
CA PRO D 60 0.55 -18.24 -42.96
C PRO D 60 1.37 -19.29 -42.22
N VAL D 61 2.52 -18.86 -41.69
CA VAL D 61 3.37 -19.79 -40.96
C VAL D 61 2.83 -20.00 -39.55
N ASN D 62 2.43 -21.22 -39.21
CA ASN D 62 1.92 -21.48 -37.87
C ASN D 62 3.04 -21.45 -36.84
N VAL D 63 2.71 -21.11 -35.58
CA VAL D 63 3.75 -21.05 -34.57
C VAL D 63 3.29 -21.92 -33.40
N THR D 64 4.14 -22.89 -33.01
CA THR D 64 3.84 -23.79 -31.90
C THR D 64 4.19 -23.15 -30.55
N CYS D 65 3.28 -23.14 -29.58
CA CYS D 65 3.58 -22.48 -28.31
C CYS D 65 3.50 -23.46 -27.13
N ASN D 66 4.61 -23.65 -26.42
CA ASN D 66 4.66 -24.49 -25.21
C ASN D 66 4.75 -23.56 -24.01
N ILE D 67 3.88 -23.72 -23.00
CA ILE D 67 3.92 -22.84 -21.83
C ILE D 67 4.37 -23.58 -20.58
N PHE D 68 5.40 -23.05 -19.89
CA PHE D 68 5.93 -23.63 -18.65
C PHE D 68 5.70 -22.59 -17.54
N ILE D 69 5.04 -22.97 -16.45
CA ILE D 69 4.77 -22.03 -15.37
C ILE D 69 5.91 -22.09 -14.36
N ASN D 70 6.76 -21.04 -14.34
CA ASN D 70 7.89 -21.02 -13.42
C ASN D 70 7.45 -20.97 -11.95
N SER D 71 6.44 -20.13 -11.62
CA SER D 71 5.99 -20.01 -10.23
C SER D 71 4.60 -19.35 -10.18
N PHE D 72 3.58 -20.17 -9.98
CA PHE D 72 2.21 -19.74 -9.76
C PHE D 72 2.07 -19.27 -8.30
N GLY D 73 1.11 -18.36 -8.04
CA GLY D 73 0.92 -17.88 -6.69
C GLY D 73 0.60 -16.41 -6.64
N SER D 74 0.55 -15.87 -5.39
CA SER D 74 0.26 -14.45 -5.11
C SER D 74 -1.05 -13.99 -5.75
N ILE D 75 -2.05 -14.88 -5.75
CA ILE D 75 -3.34 -14.60 -6.36
C ILE D 75 -4.11 -13.62 -5.48
N ALA D 76 -4.48 -12.48 -6.05
CA ALA D 76 -5.20 -11.44 -5.33
C ALA D 76 -6.70 -11.68 -5.45
N GLU D 77 -7.38 -11.82 -4.32
CA GLU D 77 -8.82 -12.09 -4.37
C GLU D 77 -9.66 -10.81 -4.41
N THR D 78 -9.17 -9.72 -3.82
CA THR D 78 -9.92 -8.47 -3.78
C THR D 78 -9.92 -7.71 -5.10
N THR D 79 -8.99 -8.00 -6.01
CA THR D 79 -8.95 -7.32 -7.30
C THR D 79 -9.03 -8.26 -8.49
N MET D 80 -9.22 -9.58 -8.24
CA MET D 80 -9.44 -10.61 -9.25
C MET D 80 -8.30 -10.68 -10.27
N ASP D 81 -7.11 -11.01 -9.75
CA ASP D 81 -5.93 -11.12 -10.59
C ASP D 81 -4.99 -12.14 -9.95
N TYR D 82 -3.89 -12.41 -10.65
CA TYR D 82 -2.90 -13.36 -10.19
C TYR D 82 -1.59 -13.12 -10.91
N ARG D 83 -0.49 -13.43 -10.22
CA ARG D 83 0.85 -13.25 -10.73
C ARG D 83 1.45 -14.60 -11.13
N VAL D 84 1.91 -14.69 -12.36
CA VAL D 84 2.49 -15.92 -12.89
C VAL D 84 3.56 -15.54 -13.90
N ASN D 85 4.68 -16.27 -13.87
CA ASN D 85 5.75 -16.06 -14.85
C ASN D 85 5.86 -17.30 -15.71
N ILE D 86 5.54 -17.17 -16.98
CA ILE D 86 5.66 -18.26 -17.93
C ILE D 86 6.94 -18.09 -18.73
N PHE D 87 7.30 -19.11 -19.50
CA PHE D 87 8.54 -19.09 -20.28
C PHE D 87 8.36 -18.92 -21.78
N LEU D 88 7.22 -19.35 -22.35
CA LEU D 88 6.73 -18.95 -23.68
C LEU D 88 7.72 -19.35 -24.79
N ARG D 89 7.96 -20.66 -24.91
CA ARG D 89 8.85 -21.17 -25.95
C ARG D 89 8.03 -21.31 -27.24
N GLN D 90 8.44 -20.61 -28.30
CA GLN D 90 7.66 -20.66 -29.53
C GLN D 90 8.52 -21.04 -30.73
N GLN D 91 8.01 -22.00 -31.52
CA GLN D 91 8.70 -22.52 -32.69
C GLN D 91 7.90 -22.27 -33.96
N TRP D 92 8.60 -21.82 -35.00
CA TRP D 92 8.07 -21.63 -36.35
C TRP D 92 9.14 -21.98 -37.37
N ASN D 93 8.70 -22.26 -38.59
CA ASN D 93 9.61 -22.65 -39.66
C ASN D 93 9.65 -21.54 -40.72
N ASP D 94 10.84 -21.30 -41.26
CA ASP D 94 11.03 -20.34 -42.34
C ASP D 94 11.85 -20.96 -43.46
N PRO D 95 11.55 -20.62 -44.72
CA PRO D 95 12.41 -21.08 -45.82
C PRO D 95 13.77 -20.42 -45.81
N ARG D 96 13.86 -19.18 -45.32
CA ARG D 96 15.15 -18.53 -45.13
C ARG D 96 15.86 -19.12 -43.91
N LEU D 97 17.11 -18.66 -43.72
CA LEU D 97 18.01 -19.06 -42.63
C LEU D 97 18.25 -20.57 -42.64
N ALA D 98 18.41 -21.14 -43.83
CA ALA D 98 18.73 -22.56 -43.99
C ALA D 98 20.14 -22.65 -44.53
N TYR D 99 21.10 -22.92 -43.63
CA TYR D 99 22.50 -22.97 -44.04
C TYR D 99 22.81 -24.29 -44.74
N SER D 100 22.46 -25.42 -44.09
CA SER D 100 22.68 -26.79 -44.57
C SER D 100 24.15 -27.06 -44.91
N GLU D 101 25.06 -26.50 -44.10
CA GLU D 101 26.48 -26.69 -44.33
C GLU D 101 27.27 -27.03 -43.07
N TYR D 102 26.68 -26.89 -41.87
CA TYR D 102 27.38 -27.28 -40.66
C TYR D 102 27.08 -28.74 -40.32
N PRO D 103 28.02 -29.47 -39.70
CA PRO D 103 27.79 -30.90 -39.43
C PRO D 103 26.84 -31.20 -38.27
N ASP D 104 26.42 -30.20 -37.50
CA ASP D 104 25.54 -30.46 -36.38
C ASP D 104 24.08 -30.16 -36.74
N ASP D 105 23.17 -30.53 -35.83
CA ASP D 105 21.75 -30.39 -36.11
C ASP D 105 21.25 -28.98 -35.85
N SER D 106 21.62 -28.40 -34.71
CA SER D 106 21.14 -27.09 -34.31
C SER D 106 22.31 -26.21 -33.88
N LEU D 107 22.03 -24.91 -33.73
CA LEU D 107 23.02 -23.93 -33.33
C LEU D 107 22.46 -23.04 -32.23
N ASP D 108 23.28 -22.78 -31.21
CA ASP D 108 22.88 -21.94 -30.09
C ASP D 108 23.35 -20.51 -30.33
N LEU D 109 22.42 -19.63 -30.70
CA LEU D 109 22.78 -18.28 -31.09
C LEU D 109 22.91 -17.36 -29.87
N ASP D 110 23.47 -16.19 -30.13
CA ASP D 110 23.65 -15.19 -29.10
C ASP D 110 22.30 -14.56 -28.78
N PRO D 111 22.11 -14.04 -27.56
CA PRO D 111 20.89 -13.28 -27.26
C PRO D 111 20.95 -11.80 -27.62
N SER D 112 21.93 -11.38 -28.40
CA SER D 112 22.00 -10.02 -28.92
C SER D 112 21.52 -9.91 -30.37
N MET D 113 21.17 -11.04 -31.00
CA MET D 113 20.72 -11.07 -32.39
C MET D 113 19.21 -11.28 -32.50
N LEU D 114 18.44 -10.65 -31.61
CA LEU D 114 17.02 -10.92 -31.56
C LEU D 114 16.23 -10.23 -32.66
N ASP D 115 16.77 -9.12 -33.19
CA ASP D 115 16.07 -8.37 -34.23
C ASP D 115 16.20 -9.02 -35.59
N SER D 116 17.18 -9.91 -35.79
CA SER D 116 17.37 -10.56 -37.08
C SER D 116 16.43 -11.73 -37.28
N ILE D 117 15.88 -12.28 -36.20
CA ILE D 117 15.06 -13.48 -36.28
C ILE D 117 13.65 -13.14 -36.78
N TRP D 118 13.15 -11.94 -36.45
CA TRP D 118 11.76 -11.49 -36.64
C TRP D 118 10.79 -12.46 -35.97
N LYS D 119 10.84 -12.43 -34.65
CA LYS D 119 9.87 -13.18 -33.87
C LYS D 119 8.47 -12.60 -34.07
N PRO D 120 7.44 -13.45 -34.01
CA PRO D 120 6.06 -12.99 -34.22
C PRO D 120 5.50 -12.22 -33.04
N ASP D 121 4.47 -11.42 -33.33
CA ASP D 121 3.83 -10.63 -32.31
C ASP D 121 2.91 -11.50 -31.45
N LEU D 122 2.84 -11.17 -30.16
CA LEU D 122 2.00 -11.91 -29.23
C LEU D 122 1.67 -10.99 -28.06
N PHE D 123 0.40 -10.89 -27.71
CA PHE D 123 0.01 -10.11 -26.54
C PHE D 123 -1.10 -10.85 -25.80
N PHE D 124 -1.30 -10.47 -24.55
CA PHE D 124 -2.34 -11.05 -23.71
C PHE D 124 -3.47 -10.03 -23.56
N ALA D 125 -4.71 -10.48 -23.75
CA ALA D 125 -5.83 -9.55 -23.81
C ALA D 125 -6.37 -9.19 -22.43
N ASN D 126 -5.91 -9.82 -21.37
CA ASN D 126 -6.36 -9.55 -20.01
C ASN D 126 -5.16 -9.30 -19.11
N GLU D 127 -4.25 -8.46 -19.59
CA GLU D 127 -2.93 -8.29 -18.99
C GLU D 127 -2.78 -6.94 -18.31
N LYS D 128 -2.26 -6.96 -17.08
CA LYS D 128 -1.90 -5.76 -16.34
C LYS D 128 -0.40 -5.74 -16.12
N GLY D 129 0.23 -4.59 -16.41
CA GLY D 129 1.67 -4.43 -16.19
C GLY D 129 2.55 -5.27 -17.08
N ALA D 130 3.08 -6.35 -16.50
CA ALA D 130 3.89 -7.40 -17.15
C ALA D 130 5.16 -6.83 -17.80
N ASN D 131 6.05 -6.35 -16.94
CA ASN D 131 7.34 -5.89 -17.42
C ASN D 131 8.26 -7.09 -17.70
N PHE D 132 9.37 -6.80 -18.41
CA PHE D 132 10.36 -7.81 -18.71
C PHE D 132 11.31 -8.03 -17.53
N HIS D 133 12.16 -9.05 -17.67
CA HIS D 133 13.18 -9.34 -16.68
C HIS D 133 14.55 -8.99 -17.27
N GLU D 134 15.46 -8.54 -16.40
CA GLU D 134 16.81 -8.16 -16.82
C GLU D 134 17.79 -8.41 -15.68
N VAL D 135 18.47 -9.55 -15.72
CA VAL D 135 19.56 -9.83 -14.78
C VAL D 135 20.76 -10.32 -15.59
N THR D 136 21.72 -9.41 -15.76
CA THR D 136 23.06 -9.41 -16.36
C THR D 136 23.08 -9.53 -17.88
N THR D 137 21.93 -9.89 -18.48
CA THR D 137 21.69 -10.04 -19.91
C THR D 137 20.17 -9.96 -20.16
N ASP D 138 19.81 -10.03 -21.43
CA ASP D 138 18.44 -10.39 -21.79
C ASP D 138 18.19 -11.85 -21.46
N ASN D 139 17.09 -12.12 -20.75
CA ASN D 139 16.70 -13.47 -20.36
C ASN D 139 15.89 -14.14 -21.47
N LYS D 140 16.59 -14.46 -22.55
CA LYS D 140 16.00 -14.96 -23.78
C LYS D 140 16.82 -16.15 -24.28
N LEU D 141 16.15 -17.07 -24.97
CA LEU D 141 16.77 -18.25 -25.56
C LEU D 141 16.63 -18.17 -27.07
N LEU D 142 17.63 -18.67 -27.78
CA LEU D 142 17.64 -18.60 -29.24
C LEU D 142 18.33 -19.84 -29.80
N ARG D 143 17.65 -20.50 -30.74
CA ARG D 143 18.17 -21.68 -31.40
C ARG D 143 17.75 -21.65 -32.87
N ILE D 144 18.50 -22.37 -33.70
CA ILE D 144 18.24 -22.44 -35.14
C ILE D 144 18.80 -23.76 -35.68
N SER D 145 17.98 -24.48 -36.44
CA SER D 145 18.36 -25.76 -36.99
C SER D 145 18.63 -25.60 -38.48
N LYS D 146 18.94 -26.73 -39.12
CA LYS D 146 19.24 -26.72 -40.56
C LYS D 146 17.99 -26.45 -41.39
N ASN D 147 16.84 -26.95 -40.96
CA ASN D 147 15.59 -26.75 -41.68
C ASN D 147 15.02 -25.36 -41.44
N GLY D 148 15.24 -24.79 -40.25
CA GLY D 148 14.71 -23.48 -39.90
C GLY D 148 13.81 -23.47 -38.69
N ASN D 149 13.65 -24.59 -38.00
CA ASN D 149 12.83 -24.64 -36.80
C ASN D 149 13.57 -24.01 -35.63
N VAL D 150 13.02 -22.92 -35.11
CA VAL D 150 13.69 -22.12 -34.09
C VAL D 150 13.07 -22.41 -32.73
N LEU D 151 13.75 -21.97 -31.68
CA LEU D 151 13.30 -22.14 -30.30
C LEU D 151 13.53 -20.83 -29.56
N TYR D 152 12.46 -20.20 -29.08
CA TYR D 152 12.56 -18.88 -28.47
C TYR D 152 11.66 -18.80 -27.25
N SER D 153 12.25 -18.79 -26.06
CA SER D 153 11.54 -18.73 -24.79
C SER D 153 11.94 -17.50 -23.99
N ILE D 154 10.98 -16.95 -23.25
CA ILE D 154 11.15 -15.68 -22.52
C ILE D 154 10.41 -15.72 -21.20
N ARG D 155 11.13 -15.57 -20.10
CA ARG D 155 10.47 -15.57 -18.79
C ARG D 155 9.91 -14.17 -18.54
N ILE D 156 8.57 -14.07 -18.47
CA ILE D 156 7.86 -12.80 -18.27
C ILE D 156 6.87 -12.97 -17.13
N THR D 157 7.00 -12.14 -16.10
CA THR D 157 6.09 -12.14 -14.96
C THR D 157 4.80 -11.41 -15.36
N LEU D 158 3.71 -12.17 -15.48
CA LEU D 158 2.46 -11.67 -16.04
C LEU D 158 1.40 -11.57 -14.93
N VAL D 159 0.91 -10.37 -14.67
CA VAL D 159 -0.28 -10.19 -13.85
C VAL D 159 -1.48 -10.21 -14.79
N LEU D 160 -2.34 -11.20 -14.63
CA LEU D 160 -3.50 -11.40 -15.49
C LEU D 160 -4.80 -11.31 -14.69
N ALA D 161 -5.78 -10.60 -15.26
CA ALA D 161 -7.09 -10.42 -14.64
C ALA D 161 -8.01 -11.57 -15.04
N CYS D 162 -8.58 -12.25 -14.04
CA CYS D 162 -9.47 -13.36 -14.28
C CYS D 162 -10.86 -13.03 -13.71
N PRO D 163 -11.93 -13.24 -14.49
CA PRO D 163 -13.29 -12.95 -13.99
C PRO D 163 -13.88 -14.10 -13.18
N MET D 164 -13.37 -14.25 -11.97
CA MET D 164 -13.82 -15.32 -11.07
C MET D 164 -15.26 -15.07 -10.62
N ASP D 165 -16.04 -16.15 -10.57
CA ASP D 165 -17.42 -16.09 -10.11
C ASP D 165 -17.48 -16.67 -8.70
N LEU D 166 -17.75 -15.80 -7.73
CA LEU D 166 -17.79 -16.22 -6.33
C LEU D 166 -19.24 -16.51 -5.94
N LYS D 167 -19.76 -17.59 -6.55
CA LYS D 167 -21.13 -17.99 -6.24
C LYS D 167 -21.19 -18.64 -4.88
N ASN D 168 -20.23 -19.52 -4.56
CA ASN D 168 -20.09 -20.04 -3.22
C ASN D 168 -18.67 -19.70 -2.80
N PHE D 169 -18.53 -18.90 -1.77
CA PHE D 169 -17.21 -18.46 -1.30
C PHE D 169 -16.30 -19.56 -0.70
N PRO D 170 -16.79 -20.52 0.15
CA PRO D 170 -15.82 -21.51 0.70
C PRO D 170 -15.35 -22.56 -0.29
N MET D 171 -16.23 -23.11 -1.11
CA MET D 171 -15.80 -24.12 -2.08
C MET D 171 -15.01 -23.44 -3.18
N ASP D 172 -15.70 -22.58 -3.96
CA ASP D 172 -15.12 -21.59 -4.86
C ASP D 172 -14.21 -22.21 -5.93
N VAL D 173 -14.85 -23.03 -6.78
CA VAL D 173 -14.19 -23.51 -7.99
C VAL D 173 -14.01 -22.34 -8.93
N GLN D 174 -12.76 -22.02 -9.24
CA GLN D 174 -12.42 -20.88 -10.08
C GLN D 174 -11.72 -21.37 -11.34
N THR D 175 -11.84 -20.57 -12.40
CA THR D 175 -11.19 -20.85 -13.67
C THR D 175 -10.38 -19.64 -14.10
N CYS D 176 -9.07 -19.84 -14.28
CA CYS D 176 -8.13 -18.81 -14.68
C CYS D 176 -7.68 -19.10 -16.11
N ILE D 177 -7.59 -18.05 -16.92
CA ILE D 177 -7.32 -18.18 -18.35
C ILE D 177 -6.13 -17.30 -18.72
N MET D 178 -5.48 -17.67 -19.82
CA MET D 178 -4.45 -16.84 -20.42
C MET D 178 -4.70 -16.83 -21.92
N GLN D 179 -4.78 -15.65 -22.52
CA GLN D 179 -5.22 -15.53 -23.91
C GLN D 179 -4.06 -15.10 -24.80
N LEU D 180 -3.43 -16.06 -25.46
CA LEU D 180 -2.33 -15.79 -26.39
C LEU D 180 -2.92 -15.26 -27.68
N GLU D 181 -2.65 -14.00 -28.00
CA GLU D 181 -3.30 -13.34 -29.12
C GLU D 181 -2.26 -12.54 -29.90
N SER D 182 -2.43 -12.50 -31.22
CA SER D 182 -1.59 -11.69 -32.09
C SER D 182 -2.17 -10.29 -32.23
N PHE D 183 -1.33 -9.37 -32.71
CA PHE D 183 -1.74 -7.97 -32.82
C PHE D 183 -1.08 -7.39 -34.07
N GLY D 184 -1.83 -7.33 -35.16
CA GLY D 184 -1.34 -6.82 -36.42
C GLY D 184 -1.30 -7.82 -37.55
N TYR D 185 -1.43 -9.11 -37.29
CA TYR D 185 -1.43 -10.13 -38.32
C TYR D 185 -2.70 -10.96 -38.23
N THR D 186 -3.49 -10.93 -39.31
CA THR D 186 -4.83 -11.50 -39.39
C THR D 186 -4.79 -13.03 -39.46
N MET D 187 -6.00 -13.62 -39.59
CA MET D 187 -6.13 -15.07 -39.66
C MET D 187 -5.54 -15.60 -40.95
N ASN D 188 -5.60 -14.83 -42.03
CA ASN D 188 -5.02 -15.31 -43.27
C ASN D 188 -3.56 -14.86 -43.40
N ASP D 189 -2.94 -14.39 -42.30
CA ASP D 189 -1.57 -13.91 -42.28
C ASP D 189 -0.71 -14.62 -41.25
N LEU D 190 -1.24 -14.88 -40.04
CA LEU D 190 -0.49 -15.56 -38.98
C LEU D 190 -1.46 -16.27 -38.05
N ILE D 191 -1.33 -17.61 -37.93
CA ILE D 191 -2.21 -18.40 -37.07
C ILE D 191 -1.36 -19.12 -36.03
N PHE D 192 -1.71 -18.95 -34.76
CA PHE D 192 -1.01 -19.65 -33.68
C PHE D 192 -1.70 -21.00 -33.44
N GLU D 193 -0.94 -21.93 -32.87
CA GLU D 193 -1.45 -23.26 -32.55
C GLU D 193 -0.76 -23.76 -31.29
N TRP D 194 -1.32 -24.82 -30.72
CA TRP D 194 -0.76 -25.45 -29.53
C TRP D 194 0.22 -26.55 -29.94
N ASP D 195 0.63 -27.37 -28.98
CA ASP D 195 1.55 -28.47 -29.20
C ASP D 195 0.84 -29.79 -28.91
N GLU D 196 1.45 -30.89 -29.35
CA GLU D 196 0.90 -32.23 -29.15
C GLU D 196 1.70 -33.08 -28.16
N LYS D 197 3.01 -32.86 -28.04
CA LYS D 197 3.82 -33.53 -27.02
C LYS D 197 3.93 -32.55 -25.86
N GLY D 198 2.93 -32.59 -24.98
CA GLY D 198 2.88 -31.68 -23.84
C GLY D 198 2.22 -30.37 -24.21
N ALA D 199 1.28 -29.89 -23.39
CA ALA D 199 0.58 -28.65 -23.70
C ALA D 199 1.01 -27.54 -22.75
N VAL D 200 0.78 -27.68 -21.45
CA VAL D 200 1.26 -26.67 -20.50
C VAL D 200 1.97 -27.43 -19.39
N GLN D 201 3.26 -27.19 -19.23
CA GLN D 201 4.02 -27.84 -18.19
C GLN D 201 4.00 -27.00 -16.93
N VAL D 202 4.39 -27.61 -15.80
CA VAL D 202 4.38 -26.84 -14.57
C VAL D 202 5.69 -27.16 -13.84
N ALA D 203 6.13 -26.21 -13.02
CA ALA D 203 7.35 -26.33 -12.24
C ALA D 203 7.21 -27.46 -11.23
N ASP D 204 8.19 -28.34 -11.18
CA ASP D 204 8.20 -29.49 -10.26
C ASP D 204 8.28 -28.98 -8.82
N GLY D 205 7.52 -29.67 -7.95
CA GLY D 205 7.41 -29.41 -6.52
C GLY D 205 6.94 -28.05 -6.05
N LEU D 206 5.93 -27.50 -6.74
CA LEU D 206 5.29 -26.22 -6.47
C LEU D 206 3.86 -26.41 -5.99
N THR D 207 3.54 -25.81 -4.85
CA THR D 207 2.21 -25.92 -4.29
C THR D 207 1.81 -24.53 -3.85
N LEU D 208 0.51 -24.32 -3.77
CA LEU D 208 -0.09 -23.08 -3.37
C LEU D 208 -0.93 -23.24 -2.11
N PRO D 209 -0.74 -22.38 -1.11
CA PRO D 209 -1.53 -22.51 0.13
C PRO D 209 -3.02 -22.29 -0.10
N GLN D 210 -3.38 -21.26 -0.87
CA GLN D 210 -4.78 -20.95 -1.17
C GLN D 210 -5.49 -22.02 -1.99
N PHE D 211 -4.89 -22.52 -3.07
CA PHE D 211 -5.59 -23.48 -3.93
C PHE D 211 -4.67 -24.60 -4.43
N ILE D 212 -5.25 -25.73 -4.80
CA ILE D 212 -4.44 -26.83 -5.32
C ILE D 212 -4.66 -26.87 -6.84
N LEU D 213 -3.58 -26.78 -7.60
CA LEU D 213 -3.70 -26.74 -9.06
C LEU D 213 -4.16 -28.06 -9.67
N LYS D 214 -5.32 -28.05 -10.36
CA LYS D 214 -5.82 -29.26 -11.02
C LYS D 214 -4.90 -29.61 -12.18
N GLU D 215 -4.70 -30.91 -12.39
CA GLU D 215 -3.83 -31.39 -13.45
C GLU D 215 -4.57 -31.73 -14.73
N GLU D 216 -5.87 -31.38 -14.79
CA GLU D 216 -6.67 -31.67 -15.98
C GLU D 216 -6.18 -30.81 -17.14
N LYS D 217 -5.93 -29.52 -16.86
CA LYS D 217 -5.41 -28.51 -17.81
C LYS D 217 -6.21 -28.42 -19.11
N ASP D 218 -7.55 -28.41 -18.98
CA ASP D 218 -8.45 -28.29 -20.15
C ASP D 218 -8.07 -27.09 -21.00
N LEU D 219 -7.90 -27.33 -22.30
CA LEU D 219 -7.50 -26.27 -23.20
C LEU D 219 -8.18 -26.40 -24.55
N ARG D 220 -8.38 -25.25 -25.17
CA ARG D 220 -9.02 -25.10 -26.48
C ARG D 220 -8.66 -23.70 -26.96
N TYR D 221 -9.25 -23.27 -28.06
CA TYR D 221 -8.95 -21.93 -28.55
C TYR D 221 -10.17 -21.30 -29.18
N CYS D 222 -10.35 -20.02 -28.90
CA CYS D 222 -11.43 -19.20 -29.46
C CYS D 222 -10.92 -18.48 -30.71
N THR D 223 -11.64 -17.46 -31.14
CA THR D 223 -11.19 -16.56 -32.19
C THR D 223 -11.76 -15.17 -31.91
N LYS D 224 -11.18 -14.17 -32.57
CA LYS D 224 -11.60 -12.78 -32.39
C LYS D 224 -12.05 -12.19 -33.71
N HIS D 225 -13.09 -11.36 -33.64
CA HIS D 225 -13.66 -10.68 -34.81
C HIS D 225 -13.82 -9.20 -34.45
N TYR D 226 -12.83 -8.39 -34.82
CA TYR D 226 -12.88 -6.96 -34.59
C TYR D 226 -13.40 -6.28 -35.86
N ASN D 227 -13.31 -4.96 -35.90
CA ASN D 227 -13.76 -4.20 -37.07
C ASN D 227 -12.68 -4.05 -38.12
N THR D 228 -11.49 -4.58 -37.87
CA THR D 228 -10.37 -4.50 -38.80
C THR D 228 -10.01 -5.82 -39.45
N GLY D 229 -10.46 -6.94 -38.89
CA GLY D 229 -10.15 -8.23 -39.46
C GLY D 229 -10.34 -9.33 -38.44
N LYS D 230 -9.99 -10.54 -38.87
CA LYS D 230 -10.09 -11.73 -38.05
C LYS D 230 -8.72 -12.05 -37.46
N PHE D 231 -8.62 -12.00 -36.14
CA PHE D 231 -7.38 -12.27 -35.41
C PHE D 231 -7.50 -13.55 -34.60
N THR D 232 -6.41 -14.32 -34.56
CA THR D 232 -6.40 -15.56 -33.80
C THR D 232 -6.25 -15.29 -32.31
N CYS D 233 -6.81 -16.19 -31.51
CA CYS D 233 -6.76 -16.02 -30.06
C CYS D 233 -6.72 -17.41 -29.45
N ILE D 234 -5.57 -17.81 -28.95
CA ILE D 234 -5.36 -19.14 -28.38
C ILE D 234 -5.37 -19.01 -26.87
N GLU D 235 -6.05 -19.93 -26.20
CA GLU D 235 -6.19 -19.77 -24.76
C GLU D 235 -5.87 -21.08 -24.05
N ALA D 236 -5.91 -21.03 -22.73
CA ALA D 236 -5.66 -22.17 -21.88
C ALA D 236 -6.37 -21.92 -20.56
N ARG D 237 -7.09 -22.91 -20.07
CA ARG D 237 -7.92 -22.77 -18.89
C ARG D 237 -7.32 -23.54 -17.73
N PHE D 238 -7.17 -22.86 -16.60
CA PHE D 238 -6.76 -23.55 -15.38
C PHE D 238 -7.97 -23.73 -14.48
N HIS D 239 -7.79 -24.56 -13.46
CA HIS D 239 -8.83 -24.86 -12.50
C HIS D 239 -8.28 -24.80 -11.07
N LEU D 240 -8.83 -23.90 -10.25
CA LEU D 240 -8.39 -23.70 -8.87
C LEU D 240 -9.57 -23.88 -7.91
N GLU D 241 -9.46 -24.86 -7.01
CA GLU D 241 -10.41 -25.03 -5.91
C GLU D 241 -9.75 -24.67 -4.59
N ARG D 242 -10.55 -24.22 -3.64
CA ARG D 242 -10.04 -23.81 -2.34
C ARG D 242 -9.68 -25.02 -1.49
N GLN D 243 -8.48 -24.98 -0.90
CA GLN D 243 -8.09 -25.99 0.07
C GLN D 243 -8.72 -25.59 1.40
N MET D 244 -9.82 -26.26 1.73
CA MET D 244 -10.61 -25.92 2.91
C MET D 244 -9.86 -26.25 4.20
N GLY D 245 -10.13 -25.46 5.23
CA GLY D 245 -9.47 -25.67 6.50
C GLY D 245 -9.30 -24.37 7.26
N TYR D 246 -8.62 -23.44 6.57
CA TYR D 246 -8.35 -22.12 7.12
C TYR D 246 -9.64 -21.36 7.38
N TYR D 247 -10.58 -21.47 6.43
CA TYR D 247 -11.86 -20.78 6.52
C TYR D 247 -12.65 -21.27 7.71
N LEU D 248 -12.62 -22.60 7.90
CA LEU D 248 -13.34 -23.25 9.00
C LEU D 248 -12.83 -22.78 10.36
N ILE D 249 -11.48 -22.73 10.51
CA ILE D 249 -10.87 -22.32 11.78
C ILE D 249 -11.15 -20.83 12.04
N GLN D 250 -10.99 -19.99 11.01
CA GLN D 250 -11.15 -18.55 11.14
C GLN D 250 -12.55 -18.09 11.43
N MET D 251 -13.55 -18.62 10.72
CA MET D 251 -14.90 -18.11 10.97
C MET D 251 -15.93 -19.17 11.32
N TYR D 252 -15.86 -20.39 10.78
CA TYR D 252 -16.89 -21.37 11.09
C TYR D 252 -16.80 -21.77 12.57
N ILE D 253 -15.59 -22.04 13.07
CA ILE D 253 -15.43 -22.46 14.47
C ILE D 253 -15.82 -21.28 15.41
N PRO D 254 -15.40 -19.99 15.22
CA PRO D 254 -15.83 -18.92 16.17
C PRO D 254 -17.33 -18.68 16.21
N SER D 255 -17.98 -18.69 15.03
CA SER D 255 -19.43 -18.48 14.90
C SER D 255 -20.17 -19.58 15.63
N LEU D 256 -19.68 -20.83 15.49
CA LEU D 256 -20.32 -21.97 16.15
C LEU D 256 -20.27 -21.73 17.64
N LEU D 257 -19.05 -21.53 18.20
CA LEU D 257 -18.88 -21.30 19.64
C LEU D 257 -19.83 -20.19 20.14
N ILE D 258 -19.98 -19.12 19.33
CA ILE D 258 -20.84 -17.99 19.70
C ILE D 258 -22.29 -18.46 19.87
N VAL D 259 -22.72 -19.31 18.92
CA VAL D 259 -24.08 -19.89 18.97
C VAL D 259 -24.23 -20.77 20.19
N ILE D 260 -23.16 -21.52 20.50
CA ILE D 260 -23.13 -22.41 21.65
C ILE D 260 -23.26 -21.59 22.93
N LEU D 261 -22.60 -20.41 22.96
CA LEU D 261 -22.63 -19.52 24.12
C LEU D 261 -24.05 -19.07 24.39
N SER D 262 -24.77 -18.75 23.29
CA SER D 262 -26.15 -18.32 23.42
C SER D 262 -26.99 -19.44 24.01
N TRP D 263 -26.73 -20.69 23.55
CA TRP D 263 -27.50 -21.82 24.06
C TRP D 263 -27.30 -22.02 25.56
N VAL D 264 -26.05 -21.85 26.01
CA VAL D 264 -25.72 -22.04 27.43
C VAL D 264 -26.43 -21.00 28.30
N SER D 265 -26.67 -19.78 27.74
CA SER D 265 -27.30 -18.64 28.45
C SER D 265 -28.59 -19.03 29.19
N PHE D 266 -29.43 -19.84 28.54
CA PHE D 266 -30.70 -20.31 29.08
C PHE D 266 -30.46 -21.15 30.32
N TRP D 267 -29.51 -22.06 30.21
CA TRP D 267 -29.07 -22.91 31.31
C TRP D 267 -28.22 -22.12 32.29
N ILE D 268 -27.41 -21.14 31.82
CA ILE D 268 -26.54 -20.35 32.71
C ILE D 268 -27.36 -19.53 33.69
N ASN D 269 -28.42 -18.89 33.23
CA ASN D 269 -29.25 -18.03 34.06
C ASN D 269 -30.72 -18.39 34.04
N MET D 270 -31.28 -18.64 35.21
CA MET D 270 -32.69 -18.96 35.30
C MET D 270 -33.33 -18.00 36.29
N ASP D 271 -32.74 -17.88 37.48
CA ASP D 271 -33.28 -17.03 38.54
C ASP D 271 -33.25 -15.55 38.15
N ALA D 272 -32.17 -15.08 37.55
CA ALA D 272 -32.06 -13.67 37.21
C ALA D 272 -32.00 -13.48 35.70
N ALA D 273 -32.95 -12.71 35.23
CA ALA D 273 -33.14 -12.31 33.85
C ALA D 273 -32.07 -11.39 33.21
N PRO D 274 -31.51 -10.25 33.93
CA PRO D 274 -30.50 -9.34 33.32
C PRO D 274 -29.36 -9.97 32.53
N ALA D 275 -28.72 -10.93 33.21
CA ALA D 275 -27.58 -11.67 32.67
C ALA D 275 -27.87 -12.27 31.30
N ARG D 276 -29.06 -12.88 31.13
CA ARG D 276 -29.48 -13.41 29.82
C ARG D 276 -29.61 -12.28 28.82
N VAL D 277 -30.21 -11.15 29.25
CA VAL D 277 -30.42 -9.99 28.36
C VAL D 277 -29.08 -9.54 27.80
N GLY D 278 -28.13 -9.25 28.70
CA GLY D 278 -26.81 -8.79 28.29
C GLY D 278 -25.99 -9.78 27.47
N LEU D 279 -26.04 -11.08 27.82
CA LEU D 279 -25.48 -12.13 26.96
C LEU D 279 -26.02 -12.07 25.53
N GLY D 280 -27.35 -12.01 25.39
CA GLY D 280 -27.96 -11.98 24.07
C GLY D 280 -27.64 -10.71 23.27
N ILE D 281 -27.54 -9.57 23.97
CA ILE D 281 -27.20 -8.29 23.36
C ILE D 281 -25.81 -8.31 22.77
N THR D 282 -24.86 -8.71 23.59
CA THR D 282 -23.49 -8.64 23.14
C THR D 282 -23.16 -9.78 22.20
N THR D 283 -23.82 -10.93 22.35
CA THR D 283 -23.64 -11.97 21.38
C THR D 283 -24.13 -11.52 19.99
N VAL D 284 -25.27 -10.82 19.92
CA VAL D 284 -25.75 -10.25 18.65
C VAL D 284 -24.77 -9.19 18.13
N LEU D 285 -24.21 -8.38 19.03
CA LEU D 285 -23.29 -7.31 18.62
C LEU D 285 -21.96 -7.87 18.12
N THR D 286 -21.42 -8.89 18.79
CA THR D 286 -20.18 -9.50 18.33
C THR D 286 -20.40 -10.33 17.09
N MET D 287 -21.60 -10.88 16.89
CA MET D 287 -21.92 -11.57 15.65
C MET D 287 -21.97 -10.60 14.48
N THR D 288 -22.57 -9.42 14.68
CA THR D 288 -22.59 -8.40 13.64
C THR D 288 -21.19 -7.84 13.37
N THR D 289 -20.37 -7.72 14.42
CA THR D 289 -18.97 -7.32 14.28
C THR D 289 -18.17 -8.33 13.45
N GLN D 290 -18.35 -9.63 13.74
CA GLN D 290 -17.68 -10.68 12.99
C GLN D 290 -18.19 -10.78 11.56
N SER D 291 -19.48 -10.54 11.34
CA SER D 291 -20.05 -10.56 9.99
C SER D 291 -19.59 -9.36 9.16
N SER D 292 -19.34 -8.22 9.82
CA SER D 292 -18.80 -7.05 9.16
C SER D 292 -17.32 -7.21 8.87
N GLY D 293 -16.59 -7.87 9.78
CA GLY D 293 -15.17 -8.08 9.62
C GLY D 293 -14.81 -9.20 8.67
N SER D 294 -15.78 -10.06 8.35
CA SER D 294 -15.52 -11.19 7.45
C SER D 294 -15.45 -10.78 6.00
N ARG D 295 -16.06 -9.65 5.64
CA ARG D 295 -16.09 -9.17 4.27
C ARG D 295 -15.03 -8.12 3.98
N ALA D 296 -13.97 -8.04 4.79
CA ALA D 296 -12.98 -7.00 4.55
C ALA D 296 -12.06 -7.38 3.39
N SER D 297 -11.64 -8.64 3.34
CA SER D 297 -10.81 -9.13 2.24
C SER D 297 -11.61 -9.36 0.97
N LEU D 298 -12.93 -9.47 1.08
CA LEU D 298 -13.81 -9.74 -0.05
C LEU D 298 -13.98 -8.49 -0.91
N PRO D 299 -14.10 -8.64 -2.23
CA PRO D 299 -14.46 -7.51 -3.07
C PRO D 299 -15.96 -7.27 -2.96
N LYS D 300 -16.35 -6.03 -3.27
CA LYS D 300 -17.76 -5.68 -3.17
C LYS D 300 -18.54 -6.34 -4.29
N VAL D 301 -19.55 -7.16 -3.94
CA VAL D 301 -20.32 -7.92 -4.92
C VAL D 301 -21.77 -7.91 -4.46
N SER D 302 -22.72 -7.97 -5.42
CA SER D 302 -24.14 -7.82 -5.12
C SER D 302 -24.77 -9.09 -4.56
N TYR D 303 -24.46 -10.25 -5.13
CA TYR D 303 -25.18 -11.48 -4.81
C TYR D 303 -24.72 -12.05 -3.48
N VAL D 304 -25.39 -13.12 -3.06
CA VAL D 304 -25.28 -13.66 -1.71
C VAL D 304 -24.44 -14.92 -1.76
N LYS D 305 -23.41 -14.97 -0.92
CA LYS D 305 -22.54 -16.13 -0.81
C LYS D 305 -23.04 -17.07 0.29
N ALA D 306 -22.31 -18.18 0.47
CA ALA D 306 -22.68 -19.15 1.51
C ALA D 306 -22.38 -18.58 2.90
N ILE D 307 -21.32 -17.81 3.01
CA ILE D 307 -21.02 -17.13 4.29
C ILE D 307 -22.10 -16.16 4.64
N ASP D 308 -22.66 -15.45 3.67
CA ASP D 308 -23.71 -14.49 3.92
C ASP D 308 -25.06 -15.15 4.20
N ILE D 309 -25.18 -16.46 3.98
CA ILE D 309 -26.33 -17.21 4.47
C ILE D 309 -26.07 -17.75 5.88
N TRP D 310 -24.87 -18.31 6.10
CA TRP D 310 -24.50 -18.90 7.39
C TRP D 310 -24.51 -17.87 8.52
N MET D 311 -23.86 -16.72 8.30
CA MET D 311 -23.81 -15.68 9.32
C MET D 311 -25.19 -15.09 9.59
N ALA D 312 -26.02 -14.98 8.54
CA ALA D 312 -27.37 -14.42 8.69
C ALA D 312 -28.27 -15.36 9.46
N VAL D 313 -28.13 -16.67 9.24
CA VAL D 313 -28.98 -17.64 9.93
C VAL D 313 -28.51 -17.83 11.38
N CYS D 314 -27.21 -17.73 11.65
CA CYS D 314 -26.71 -17.82 13.03
C CYS D 314 -27.05 -16.55 13.82
N LEU D 315 -27.04 -15.40 13.15
CA LEU D 315 -27.51 -14.15 13.76
C LEU D 315 -29.02 -14.19 13.99
N LEU D 316 -29.74 -14.94 13.14
CA LEU D 316 -31.17 -15.16 13.31
C LEU D 316 -31.40 -16.01 14.56
N PHE D 317 -30.63 -17.10 14.70
CA PHE D 317 -30.75 -18.01 15.86
C PHE D 317 -30.51 -17.27 17.17
N VAL D 318 -29.37 -16.53 17.25
CA VAL D 318 -29.01 -15.80 18.47
C VAL D 318 -30.07 -14.74 18.80
N PHE D 319 -30.56 -14.05 17.74
CA PHE D 319 -31.59 -13.02 17.89
C PHE D 319 -32.86 -13.67 18.41
N SER D 320 -33.35 -14.71 17.70
CA SER D 320 -34.55 -15.48 18.02
C SER D 320 -34.51 -15.91 19.47
N ALA D 321 -33.34 -16.34 19.95
CA ALA D 321 -33.18 -16.78 21.33
C ALA D 321 -33.48 -15.63 22.27
N LEU D 322 -32.95 -14.43 21.91
CA LEU D 322 -33.17 -13.24 22.72
C LEU D 322 -34.68 -12.91 22.73
N LEU D 323 -35.32 -13.05 21.56
CA LEU D 323 -36.76 -12.80 21.41
C LEU D 323 -37.54 -13.71 22.36
N GLU D 324 -37.26 -15.04 22.27
CA GLU D 324 -37.87 -16.09 23.11
C GLU D 324 -37.81 -15.64 24.57
N TYR D 325 -36.65 -15.07 24.92
CA TYR D 325 -36.35 -14.54 26.24
C TYR D 325 -37.28 -13.38 26.58
N ALA D 326 -37.55 -12.51 25.59
CA ALA D 326 -38.43 -11.37 25.82
C ALA D 326 -39.81 -11.90 26.18
N ALA D 327 -40.22 -12.93 25.45
CA ALA D 327 -41.52 -13.55 25.70
C ALA D 327 -41.56 -14.14 27.11
N VAL D 328 -40.46 -14.80 27.55
CA VAL D 328 -40.39 -15.37 28.89
C VAL D 328 -40.52 -14.27 29.96
N ASN D 329 -39.89 -13.12 29.71
CA ASN D 329 -39.96 -12.03 30.67
C ASN D 329 -41.34 -11.37 30.67
N PHE D 330 -42.06 -11.50 29.55
CA PHE D 330 -43.43 -11.00 29.48
C PHE D 330 -44.37 -11.87 30.28
N ILE D 331 -44.20 -13.20 30.17
CA ILE D 331 -44.96 -14.13 30.99
C ILE D 331 -44.64 -13.94 32.48
N ALA D 332 -43.36 -13.68 32.79
CA ALA D 332 -42.95 -13.40 34.17
C ALA D 332 -43.54 -12.10 34.71
N ARG D 333 -43.63 -11.07 33.86
CA ARG D 333 -44.20 -9.80 34.28
C ARG D 333 -45.71 -9.88 34.43
N GLN D 334 -46.37 -10.66 33.58
CA GLN D 334 -47.80 -10.93 33.73
C GLN D 334 -48.09 -11.69 35.02
N HIS D 335 -47.25 -12.68 35.34
CA HIS D 335 -47.37 -13.41 36.61
C HIS D 335 -47.10 -12.50 37.81
N LYS D 336 -46.17 -11.55 37.66
CA LYS D 336 -45.86 -10.60 38.73
C LYS D 336 -47.01 -9.62 38.97
N GLU D 337 -47.62 -9.12 37.89
CA GLU D 337 -48.71 -8.16 38.01
C GLU D 337 -50.01 -8.86 38.39
N LEU D 338 -50.08 -10.17 38.19
CA LEU D 338 -51.22 -10.93 38.69
C LEU D 338 -51.06 -11.19 40.19
N LEU D 339 -49.85 -11.52 40.65
CA LEU D 339 -49.68 -11.77 42.08
C LEU D 339 -49.71 -10.46 42.87
N MET D 399 -54.35 -18.60 38.82
CA MET D 399 -53.69 -18.60 37.52
C MET D 399 -52.17 -18.51 37.71
N ARG D 400 -51.76 -18.41 38.99
CA ARG D 400 -50.34 -18.33 39.33
C ARG D 400 -49.61 -19.57 38.89
N LYS D 401 -50.22 -20.75 39.16
CA LYS D 401 -49.65 -22.03 38.81
C LYS D 401 -49.51 -22.14 37.30
N LEU D 402 -50.55 -21.68 36.58
CA LEU D 402 -50.57 -21.73 35.12
C LEU D 402 -49.42 -20.91 34.55
N PHE D 403 -49.21 -19.69 35.09
CA PHE D 403 -48.15 -18.82 34.58
C PHE D 403 -46.79 -19.47 34.81
N ILE D 404 -46.58 -20.05 36.02
CA ILE D 404 -45.30 -20.67 36.35
C ILE D 404 -45.06 -21.84 35.39
N SER D 405 -46.12 -22.63 35.15
CA SER D 405 -46.06 -23.80 34.28
C SER D 405 -45.69 -23.38 32.86
N ARG D 406 -46.31 -22.29 32.37
CA ARG D 406 -46.06 -21.79 31.02
C ARG D 406 -44.60 -21.37 30.88
N ALA D 407 -44.08 -20.65 31.90
CA ALA D 407 -42.69 -20.19 31.87
C ALA D 407 -41.75 -21.39 31.83
N LYS D 408 -42.05 -22.41 32.67
CA LYS D 408 -41.22 -23.60 32.77
C LYS D 408 -41.22 -24.34 31.43
N ARG D 409 -42.42 -24.38 30.80
CA ARG D 409 -42.62 -25.06 29.52
C ARG D 409 -41.78 -24.39 28.44
N ILE D 410 -41.80 -23.06 28.42
CA ILE D 410 -41.04 -22.29 27.42
C ILE D 410 -39.55 -22.58 27.59
N ASP D 411 -39.10 -22.63 28.86
CA ASP D 411 -37.70 -22.89 29.22
C ASP D 411 -37.25 -24.29 28.79
N THR D 412 -38.11 -25.29 28.97
CA THR D 412 -37.75 -26.67 28.67
C THR D 412 -37.97 -27.01 27.19
N VAL D 413 -38.80 -26.27 26.46
CA VAL D 413 -39.08 -26.52 25.04
C VAL D 413 -38.01 -25.81 24.21
N SER D 414 -37.62 -24.62 24.68
CA SER D 414 -36.62 -23.75 24.07
C SER D 414 -35.31 -24.50 23.86
N ARG D 415 -34.74 -24.96 24.98
CA ARG D 415 -33.45 -25.63 25.03
C ARG D 415 -33.47 -26.95 24.27
N VAL D 416 -34.60 -27.68 24.26
CA VAL D 416 -34.69 -28.92 23.49
C VAL D 416 -34.68 -28.60 22.00
N ALA D 417 -35.44 -27.55 21.61
CA ALA D 417 -35.66 -27.12 20.23
C ALA D 417 -34.41 -26.57 19.54
N PHE D 418 -33.55 -25.78 20.22
CA PHE D 418 -32.42 -25.11 19.56
C PHE D 418 -31.43 -26.10 18.89
N PRO D 419 -30.96 -27.20 19.54
CA PRO D 419 -30.00 -28.12 18.89
C PRO D 419 -30.56 -28.85 17.68
N LEU D 420 -31.79 -29.36 17.75
CA LEU D 420 -32.40 -30.08 16.65
C LEU D 420 -32.61 -29.16 15.45
N VAL D 421 -33.03 -27.89 15.68
CA VAL D 421 -33.27 -26.95 14.59
C VAL D 421 -31.95 -26.39 14.07
N PHE D 422 -30.87 -26.58 14.80
CA PHE D 422 -29.57 -26.10 14.36
C PHE D 422 -28.81 -27.24 13.68
N LEU D 423 -28.84 -28.43 14.28
CA LEU D 423 -28.16 -29.62 13.76
C LEU D 423 -28.74 -30.00 12.40
N ILE D 424 -30.09 -29.98 12.27
CA ILE D 424 -30.77 -30.34 11.02
C ILE D 424 -30.39 -29.33 9.92
N PHE D 425 -30.27 -28.07 10.31
CA PHE D 425 -29.93 -27.00 9.37
C PHE D 425 -28.46 -27.09 8.97
N ASN D 426 -27.55 -27.26 9.95
CA ASN D 426 -26.12 -27.32 9.65
C ASN D 426 -25.82 -28.51 8.74
N ILE D 427 -26.39 -29.68 9.08
CA ILE D 427 -26.17 -30.89 8.26
C ILE D 427 -26.77 -30.65 6.88
N PHE D 428 -27.96 -30.03 6.83
CA PHE D 428 -28.65 -29.77 5.55
C PHE D 428 -27.81 -28.86 4.68
N TYR D 429 -27.22 -27.81 5.27
CA TYR D 429 -26.40 -26.86 4.53
C TYR D 429 -25.19 -27.55 3.94
N TRP D 430 -24.52 -28.38 4.77
CA TRP D 430 -23.34 -29.08 4.30
C TRP D 430 -23.70 -30.05 3.18
N ILE D 431 -24.83 -30.78 3.31
CA ILE D 431 -25.21 -31.73 2.25
C ILE D 431 -25.54 -30.98 0.97
N THR D 432 -26.19 -29.80 1.09
CA THR D 432 -26.62 -29.02 -0.08
C THR D 432 -25.46 -28.29 -0.73
N TYR D 433 -24.28 -28.41 -0.16
CA TYR D 433 -23.10 -27.78 -0.73
C TYR D 433 -22.09 -28.84 -1.13
N LYS D 434 -22.10 -29.99 -0.44
CA LYS D 434 -21.27 -31.13 -0.82
C LYS D 434 -21.80 -31.77 -2.09
N ILE D 435 -23.13 -31.83 -2.25
CA ILE D 435 -23.66 -32.45 -3.46
C ILE D 435 -23.54 -31.52 -4.65
N ILE D 436 -23.53 -30.20 -4.44
CA ILE D 436 -23.30 -29.29 -5.56
C ILE D 436 -21.81 -29.22 -5.87
N ARG D 437 -20.95 -29.52 -4.88
CA ARG D 437 -19.53 -29.64 -5.15
C ARG D 437 -19.23 -30.89 -5.97
N SER D 438 -19.90 -32.01 -5.63
CA SER D 438 -19.71 -33.24 -6.38
C SER D 438 -20.38 -33.17 -7.76
N GLU D 439 -21.42 -32.35 -7.91
CA GLU D 439 -22.04 -32.15 -9.22
C GLU D 439 -21.20 -31.22 -10.09
N ASP D 440 -20.50 -30.26 -9.48
CA ASP D 440 -19.59 -29.41 -10.24
C ASP D 440 -18.32 -30.17 -10.62
N ILE D 441 -17.82 -31.00 -9.71
CA ILE D 441 -16.66 -31.84 -9.99
C ILE D 441 -17.11 -33.20 -10.49
N PRO E 31 36.77 36.38 -31.64
CA PRO E 31 37.99 35.59 -31.85
C PRO E 31 37.71 34.11 -32.13
N MET E 32 38.15 33.22 -31.24
CA MET E 32 37.92 31.81 -31.43
C MET E 32 36.50 31.44 -31.00
N PRO E 33 35.89 30.43 -31.63
CA PRO E 33 34.52 30.04 -31.25
C PRO E 33 34.52 29.21 -29.98
N PRO E 34 33.48 29.30 -29.17
CA PRO E 34 33.43 28.50 -27.94
C PRO E 34 33.18 27.02 -28.21
N SER E 35 32.38 26.69 -29.24
CA SER E 35 32.12 25.29 -29.53
C SER E 35 33.32 24.64 -30.18
N GLU E 36 34.09 25.40 -30.97
CA GLU E 36 35.35 24.90 -31.52
C GLU E 36 36.35 24.59 -30.41
N PHE E 37 36.42 25.45 -29.39
CA PHE E 37 37.30 25.19 -28.24
C PHE E 37 36.80 24.02 -27.41
N LEU E 38 35.48 23.87 -27.30
CA LEU E 38 34.91 22.76 -26.53
C LEU E 38 35.14 21.43 -27.24
N ASP E 39 35.13 21.43 -28.57
CA ASP E 39 35.43 20.22 -29.31
C ASP E 39 36.93 19.94 -29.32
N LYS E 40 37.77 20.98 -29.34
CA LYS E 40 39.21 20.79 -29.27
C LYS E 40 39.64 20.26 -27.90
N LEU E 41 38.94 20.66 -26.83
CA LEU E 41 39.34 20.25 -25.49
C LEU E 41 38.95 18.80 -25.22
N MET E 42 37.72 18.43 -25.57
CA MET E 42 37.23 17.07 -25.39
C MET E 42 36.71 16.55 -26.72
N GLY E 43 37.24 15.41 -27.16
CA GLY E 43 36.82 14.84 -28.43
C GLY E 43 37.94 14.13 -29.17
N LYS E 44 38.02 14.38 -30.48
CA LYS E 44 39.03 13.71 -31.30
C LYS E 44 40.40 14.34 -31.15
N VAL E 45 40.46 15.63 -30.79
CA VAL E 45 41.74 16.30 -30.61
C VAL E 45 42.39 15.85 -29.31
N SER E 46 41.58 15.53 -28.31
CA SER E 46 42.07 15.10 -27.02
C SER E 46 42.58 13.67 -27.13
N GLY E 47 43.76 13.41 -26.56
CA GLY E 47 44.32 12.08 -26.65
C GLY E 47 43.66 11.10 -25.70
N TYR E 48 43.08 11.59 -24.62
CA TYR E 48 42.45 10.73 -23.64
C TYR E 48 41.07 10.33 -24.15
N ASP E 49 40.71 9.07 -23.92
CA ASP E 49 39.45 8.48 -24.34
C ASP E 49 38.42 8.56 -23.21
N ALA E 50 38.88 8.95 -22.01
CA ALA E 50 38.17 9.14 -20.74
C ALA E 50 37.89 7.80 -20.08
N ARG E 51 38.39 6.69 -20.61
CA ARG E 51 38.18 5.41 -19.97
C ARG E 51 39.33 5.08 -19.03
N ILE E 52 40.36 5.93 -18.98
CA ILE E 52 41.53 5.72 -18.14
C ILE E 52 41.51 6.75 -17.01
N ARG E 53 41.85 6.29 -15.80
CA ARG E 53 41.87 7.18 -14.65
C ARG E 53 42.92 8.29 -14.84
N PRO E 54 42.64 9.53 -14.39
CA PRO E 54 43.62 10.63 -14.57
C PRO E 54 44.87 10.31 -13.77
N ASN E 55 46.03 10.73 -14.30
CA ASN E 55 47.36 10.49 -13.70
C ASN E 55 47.59 9.00 -13.48
N PHE E 56 47.32 8.21 -14.53
CA PHE E 56 47.47 6.75 -14.49
C PHE E 56 48.93 6.40 -14.21
N LYS E 57 49.11 5.32 -13.44
CA LYS E 57 50.41 4.81 -12.96
C LYS E 57 51.07 5.89 -12.09
N GLY E 58 50.25 6.54 -11.28
CA GLY E 58 50.63 7.60 -10.37
C GLY E 58 49.79 7.50 -9.12
N PRO E 59 50.13 8.28 -8.09
CA PRO E 59 49.36 8.25 -6.80
C PRO E 59 47.90 8.56 -7.03
N PRO E 60 46.99 7.81 -6.39
CA PRO E 60 45.54 8.02 -6.59
C PRO E 60 45.04 9.44 -6.39
N VAL E 61 44.18 9.89 -7.31
CA VAL E 61 43.65 11.24 -7.20
C VAL E 61 42.53 11.28 -6.16
N ASN E 62 42.73 12.06 -5.09
CA ASN E 62 41.70 12.16 -4.06
C ASN E 62 40.50 12.97 -4.56
N VAL E 63 39.30 12.69 -4.02
CA VAL E 63 38.12 13.42 -4.48
C VAL E 63 37.45 14.01 -3.24
N THR E 64 37.25 15.33 -3.24
CA THR E 64 36.60 16.03 -2.12
C THR E 64 35.07 15.95 -2.24
N CYS E 65 34.36 15.53 -1.18
CA CYS E 65 32.91 15.40 -1.29
C CYS E 65 32.19 16.29 -0.29
N ASN E 66 31.36 17.21 -0.77
CA ASN E 66 30.53 18.10 0.08
C ASN E 66 29.09 17.60 -0.04
N ILE E 67 28.41 17.35 1.08
CA ILE E 67 27.03 16.86 1.02
C ILE E 67 26.03 17.92 1.53
N PHE E 68 25.01 18.23 0.72
CA PHE E 68 23.96 19.18 1.07
C PHE E 68 22.64 18.41 1.12
N ILE E 69 21.91 18.48 2.22
CA ILE E 69 20.65 17.73 2.34
C ILE E 69 19.50 18.63 1.86
N ASN E 70 18.95 18.32 0.67
CA ASN E 70 17.86 19.13 0.12
C ASN E 70 16.59 19.05 0.98
N SER E 71 16.21 17.84 1.44
CA SER E 71 14.99 17.67 2.24
C SER E 71 15.01 16.33 2.97
N PHE E 72 15.32 16.38 4.25
CA PHE E 72 15.26 15.25 5.17
C PHE E 72 13.79 15.02 5.57
N GLY E 73 13.44 13.78 5.93
CA GLY E 73 12.08 13.49 6.32
C GLY E 73 11.60 12.15 5.82
N SER E 74 10.28 11.89 6.02
CA SER E 74 9.60 10.65 5.61
C SER E 74 10.31 9.40 6.14
N ILE E 75 10.81 9.49 7.37
CA ILE E 75 11.54 8.39 7.98
C ILE E 75 10.56 7.29 8.40
N ALA E 76 10.77 6.09 7.87
CA ALA E 76 9.91 4.94 8.14
C ALA E 76 10.42 4.22 9.39
N GLU E 77 9.57 4.08 10.41
CA GLU E 77 10.00 3.41 11.62
C GLU E 77 9.79 1.91 11.58
N THR E 78 8.77 1.44 10.85
CA THR E 78 8.46 0.02 10.79
C THR E 78 9.42 -0.78 9.91
N THR E 79 10.16 -0.13 9.02
CA THR E 79 11.09 -0.83 8.14
C THR E 79 12.52 -0.32 8.26
N MET E 80 12.79 0.62 9.18
CA MET E 80 14.11 1.14 9.53
C MET E 80 14.83 1.74 8.32
N ASP E 81 14.21 2.78 7.76
CA ASP E 81 14.77 3.46 6.60
C ASP E 81 14.35 4.92 6.64
N TYR E 82 14.85 5.69 5.68
CA TYR E 82 14.54 7.12 5.59
C TYR E 82 14.84 7.61 4.20
N ARG E 83 14.10 8.62 3.77
CA ARG E 83 14.22 9.22 2.46
C ARG E 83 14.92 10.56 2.56
N VAL E 84 15.98 10.73 1.80
CA VAL E 84 16.77 11.96 1.80
C VAL E 84 17.34 12.16 0.41
N ASN E 85 17.34 13.40 -0.07
CA ASN E 85 17.93 13.74 -1.35
C ASN E 85 19.12 14.65 -1.11
N ILE E 86 20.32 14.16 -1.40
CA ILE E 86 21.52 14.94 -1.27
C ILE E 86 21.94 15.45 -2.64
N PHE E 87 22.92 16.36 -2.66
CA PHE E 87 23.37 16.98 -3.90
C PHE E 87 24.72 16.50 -4.41
N LEU E 88 25.63 16.06 -3.53
CA LEU E 88 26.83 15.25 -3.84
C LEU E 88 27.76 15.99 -4.81
N ARG E 89 28.26 17.14 -4.36
CA ARG E 89 29.20 17.92 -5.15
C ARG E 89 30.61 17.33 -4.92
N GLN E 90 31.26 16.88 -5.99
CA GLN E 90 32.56 16.25 -5.83
C GLN E 90 33.62 16.90 -6.73
N GLN E 91 34.77 17.22 -6.13
CA GLN E 91 35.88 17.86 -6.83
C GLN E 91 37.12 16.98 -6.80
N TRP E 92 37.78 16.89 -7.96
CA TRP E 92 39.06 16.22 -8.13
C TRP E 92 39.89 16.99 -9.15
N ASN E 93 41.21 16.75 -9.13
CA ASN E 93 42.13 17.44 -10.02
C ASN E 93 42.71 16.45 -11.03
N ASP E 94 42.88 16.90 -12.26
CA ASP E 94 43.51 16.09 -13.30
C ASP E 94 44.58 16.90 -14.02
N PRO E 95 45.67 16.26 -14.43
CA PRO E 95 46.66 16.98 -15.26
C PRO E 95 46.13 17.29 -16.64
N ARG E 96 45.25 16.45 -17.18
CA ARG E 96 44.59 16.75 -18.44
C ARG E 96 43.52 17.83 -18.23
N LEU E 97 42.94 18.25 -19.36
CA LEU E 97 41.89 19.27 -19.44
C LEU E 97 42.35 20.60 -18.84
N ALA E 98 43.60 20.96 -19.09
CA ALA E 98 44.16 22.24 -18.66
C ALA E 98 44.40 23.08 -19.91
N TYR E 99 43.47 24.00 -20.17
CA TYR E 99 43.57 24.83 -21.36
C TYR E 99 44.60 25.95 -21.17
N SER E 100 44.46 26.71 -20.08
CA SER E 100 45.32 27.84 -19.70
C SER E 100 45.41 28.90 -20.80
N GLU E 101 44.29 29.13 -21.50
CA GLU E 101 44.27 30.11 -22.58
C GLU E 101 43.07 31.04 -22.55
N TYR E 102 42.04 30.76 -21.73
CA TYR E 102 40.92 31.67 -21.61
C TYR E 102 41.17 32.68 -20.49
N PRO E 103 40.65 33.91 -20.60
CA PRO E 103 40.94 34.93 -19.58
C PRO E 103 40.17 34.76 -18.27
N ASP E 104 39.21 33.85 -18.18
CA ASP E 104 38.45 33.68 -16.96
C ASP E 104 38.99 32.52 -16.14
N ASP E 105 38.47 32.40 -14.90
CA ASP E 105 38.98 31.38 -13.99
C ASP E 105 38.36 30.02 -14.24
N SER E 106 37.04 29.97 -14.41
CA SER E 106 36.33 28.70 -14.58
C SER E 106 35.39 28.80 -15.78
N LEU E 107 34.87 27.64 -16.18
CA LEU E 107 33.96 27.53 -17.33
C LEU E 107 32.77 26.67 -16.94
N ASP E 108 31.58 27.10 -17.34
CA ASP E 108 30.34 26.38 -17.05
C ASP E 108 29.98 25.51 -18.25
N LEU E 109 30.22 24.21 -18.13
CA LEU E 109 30.04 23.31 -19.26
C LEU E 109 28.59 22.85 -19.39
N ASP E 110 28.30 22.23 -20.53
CA ASP E 110 26.98 21.72 -20.82
C ASP E 110 26.75 20.47 -19.98
N PRO E 111 25.50 20.13 -19.66
CA PRO E 111 25.22 18.85 -19.01
C PRO E 111 25.02 17.67 -19.96
N SER E 112 25.41 17.81 -21.23
CA SER E 112 25.40 16.72 -22.18
C SER E 112 26.79 16.12 -22.40
N MET E 113 27.83 16.69 -21.79
CA MET E 113 29.20 16.22 -21.94
C MET E 113 29.70 15.47 -20.70
N LEU E 114 28.83 14.65 -20.12
CA LEU E 114 29.17 14.01 -18.85
C LEU E 114 30.10 12.82 -19.02
N ASP E 115 30.10 12.20 -20.20
CA ASP E 115 30.94 11.03 -20.46
C ASP E 115 32.40 11.40 -20.70
N SER E 116 32.67 12.66 -21.07
CA SER E 116 34.03 13.09 -21.35
C SER E 116 34.81 13.41 -20.09
N ILE E 117 34.12 13.67 -18.97
CA ILE E 117 34.78 14.09 -17.75
C ILE E 117 35.41 12.91 -17.04
N TRP E 118 34.80 11.71 -17.16
CA TRP E 118 35.11 10.50 -16.40
C TRP E 118 35.03 10.75 -14.89
N LYS E 119 33.80 10.97 -14.46
CA LYS E 119 33.54 11.08 -13.04
C LYS E 119 33.81 9.75 -12.33
N PRO E 120 34.26 9.80 -11.07
CA PRO E 120 34.60 8.58 -10.33
C PRO E 120 33.36 7.82 -9.87
N ASP E 121 33.57 6.53 -9.61
CA ASP E 121 32.50 5.67 -9.15
C ASP E 121 32.19 5.92 -7.68
N LEU E 122 30.92 5.84 -7.33
CA LEU E 122 30.49 6.04 -5.95
C LEU E 122 29.17 5.30 -5.75
N PHE E 123 29.07 4.51 -4.69
CA PHE E 123 27.82 3.84 -4.36
C PHE E 123 27.63 3.85 -2.86
N PHE E 124 26.40 3.63 -2.43
CA PHE E 124 26.03 3.58 -1.03
C PHE E 124 25.79 2.13 -0.64
N ALA E 125 26.39 1.70 0.48
CA ALA E 125 26.34 0.28 0.83
C ALA E 125 25.08 -0.12 1.57
N ASN E 126 24.21 0.83 1.94
CA ASN E 126 22.98 0.54 2.64
C ASN E 126 21.82 1.21 1.92
N GLU E 127 21.78 1.03 0.60
CA GLU E 127 20.89 1.78 -0.28
C GLU E 127 19.78 0.93 -0.85
N LYS E 128 18.55 1.45 -0.79
CA LYS E 128 17.39 0.83 -1.41
C LYS E 128 16.87 1.76 -2.51
N GLY E 129 16.62 1.20 -3.70
CA GLY E 129 16.06 1.98 -4.79
C GLY E 129 16.98 3.04 -5.37
N ALA E 130 16.70 4.30 -4.99
CA ALA E 130 17.49 5.49 -5.31
C ALA E 130 17.62 5.72 -6.81
N ASN E 131 16.49 6.02 -7.44
CA ASN E 131 16.50 6.37 -8.85
C ASN E 131 16.98 7.81 -9.04
N PHE E 132 17.29 8.15 -10.29
CA PHE E 132 17.72 9.51 -10.63
C PHE E 132 16.51 10.42 -10.82
N HIS E 133 16.79 11.71 -10.98
CA HIS E 133 15.78 12.72 -11.26
C HIS E 133 15.92 13.17 -12.71
N GLU E 134 14.77 13.51 -13.31
CA GLU E 134 14.76 13.97 -14.71
C GLU E 134 13.58 14.92 -14.91
N VAL E 135 13.86 16.23 -14.85
CA VAL E 135 12.88 17.25 -15.20
C VAL E 135 13.53 18.22 -16.16
N THR E 136 13.18 18.07 -17.44
CA THR E 136 13.46 18.80 -18.69
C THR E 136 14.89 18.66 -19.20
N THR E 137 15.80 18.17 -18.35
CA THR E 137 17.22 17.91 -18.60
C THR E 137 17.72 16.91 -17.58
N ASP E 138 19.00 16.54 -17.73
CA ASP E 138 19.72 15.94 -16.63
C ASP E 138 19.98 16.98 -15.55
N ASN E 139 19.65 16.64 -14.31
CA ASN E 139 19.83 17.51 -13.15
C ASN E 139 21.24 17.36 -12.59
N LYS E 140 22.20 17.88 -13.37
CA LYS E 140 23.62 17.74 -13.09
C LYS E 140 24.30 19.08 -13.28
N LEU E 141 25.39 19.28 -12.54
CA LEU E 141 26.21 20.48 -12.62
C LEU E 141 27.60 20.11 -13.10
N LEU E 142 28.21 21.00 -13.89
CA LEU E 142 29.52 20.73 -14.47
C LEU E 142 30.31 22.03 -14.55
N ARG E 143 31.54 21.99 -14.02
CA ARG E 143 32.44 23.13 -14.05
C ARG E 143 33.86 22.62 -14.30
N ILE E 144 34.72 23.52 -14.79
CA ILE E 144 36.12 23.19 -15.09
C ILE E 144 36.93 24.48 -15.02
N SER E 145 38.04 24.43 -14.30
CA SER E 145 38.92 25.58 -14.12
C SER E 145 40.18 25.39 -14.96
N LYS E 146 41.08 26.36 -14.85
CA LYS E 146 42.34 26.32 -15.61
C LYS E 146 43.26 25.22 -15.11
N ASN E 147 43.27 24.99 -13.79
CA ASN E 147 44.13 23.96 -13.22
C ASN E 147 43.55 22.56 -13.41
N GLY E 148 42.22 22.44 -13.44
CA GLY E 148 41.58 21.14 -13.59
C GLY E 148 40.64 20.78 -12.46
N ASN E 149 40.42 21.66 -11.48
CA ASN E 149 39.51 21.39 -10.38
C ASN E 149 38.07 21.52 -10.86
N VAL E 150 37.33 20.42 -10.82
CA VAL E 150 35.99 20.35 -11.38
C VAL E 150 34.97 20.41 -10.25
N LEU E 151 33.71 20.64 -10.61
CA LEU E 151 32.60 20.71 -9.66
C LEU E 151 31.43 19.94 -10.26
N TYR E 152 31.00 18.87 -9.58
CA TYR E 152 29.97 17.99 -10.13
C TYR E 152 29.01 17.57 -9.03
N SER E 153 27.79 18.11 -9.05
CA SER E 153 26.75 17.81 -8.07
C SER E 153 25.52 17.22 -8.73
N ILE E 154 24.85 16.33 -8.00
CA ILE E 154 23.73 15.54 -8.54
C ILE E 154 22.68 15.33 -7.45
N ARG E 155 21.46 15.81 -7.67
CA ARG E 155 20.39 15.62 -6.70
C ARG E 155 19.81 14.22 -6.90
N ILE E 156 19.98 13.34 -5.90
CA ILE E 156 19.52 11.95 -5.94
C ILE E 156 18.74 11.67 -4.67
N THR E 157 17.49 11.24 -4.83
CA THR E 157 16.64 10.86 -3.71
C THR E 157 17.02 9.47 -3.25
N LEU E 158 17.61 9.36 -2.06
CA LEU E 158 18.20 8.13 -1.56
C LEU E 158 17.39 7.59 -0.39
N VAL E 159 16.85 6.39 -0.55
CA VAL E 159 16.28 5.66 0.58
C VAL E 159 17.40 4.81 1.16
N LEU E 160 17.76 5.08 2.40
CA LEU E 160 18.86 4.40 3.08
C LEU E 160 18.38 3.67 4.32
N ALA E 161 18.85 2.43 4.49
CA ALA E 161 18.50 1.60 5.63
C ALA E 161 19.44 1.88 6.80
N CYS E 162 18.87 2.22 7.96
CA CYS E 162 19.66 2.50 9.14
C CYS E 162 19.32 1.50 10.25
N PRO E 163 20.32 0.89 10.88
CA PRO E 163 20.06 -0.09 11.96
C PRO E 163 19.83 0.58 13.31
N MET E 164 18.66 1.19 13.46
CA MET E 164 18.30 1.89 14.68
C MET E 164 18.08 0.90 15.83
N ASP E 165 18.58 1.27 17.01
CA ASP E 165 18.43 0.46 18.21
C ASP E 165 17.34 1.10 19.07
N LEU E 166 16.21 0.41 19.18
CA LEU E 166 15.08 0.91 19.95
C LEU E 166 15.12 0.33 21.36
N LYS E 167 16.15 0.75 22.10
CA LYS E 167 16.30 0.28 23.48
C LYS E 167 15.28 0.97 24.37
N ASN E 168 15.09 2.28 24.20
CA ASN E 168 14.00 2.99 24.87
C ASN E 168 13.22 3.64 23.75
N PHE E 169 11.96 3.25 23.60
CA PHE E 169 11.11 3.78 22.53
C PHE E 169 10.75 5.29 22.64
N PRO E 170 10.39 5.87 23.83
CA PRO E 170 10.03 7.31 23.80
C PRO E 170 11.18 8.26 23.62
N MET E 171 12.31 8.05 24.28
CA MET E 171 13.45 8.95 24.12
C MET E 171 14.07 8.72 22.76
N ASP E 172 14.62 7.51 22.55
CA ASP E 172 15.00 6.95 21.24
C ASP E 172 16.00 7.83 20.49
N VAL E 173 17.19 7.95 21.09
CA VAL E 173 18.32 8.54 20.39
C VAL E 173 18.75 7.58 19.29
N GLN E 174 18.67 8.05 18.05
CA GLN E 174 18.98 7.23 16.89
C GLN E 174 20.16 7.84 16.14
N THR E 175 20.89 6.99 15.42
CA THR E 175 22.01 7.41 14.60
C THR E 175 21.83 6.89 13.18
N CYS E 176 21.79 7.80 12.22
CA CYS E 176 21.60 7.51 10.81
C CYS E 176 22.91 7.79 10.10
N ILE E 177 23.29 6.91 9.17
CA ILE E 177 24.59 6.95 8.51
C ILE E 177 24.38 6.93 7.00
N MET E 178 25.39 7.44 6.29
CA MET E 178 25.43 7.33 4.84
C MET E 178 26.85 6.94 4.47
N GLN E 179 27.03 5.88 3.69
CA GLN E 179 28.36 5.31 3.46
C GLN E 179 28.77 5.54 2.01
N LEU E 180 29.58 6.57 1.79
CA LEU E 180 30.11 6.88 0.46
C LEU E 180 31.23 5.91 0.16
N GLU E 181 31.04 5.04 -0.83
CA GLU E 181 31.98 3.96 -1.09
C GLU E 181 32.21 3.85 -2.59
N SER E 182 33.44 3.51 -2.96
CA SER E 182 33.78 3.26 -4.35
C SER E 182 33.56 1.80 -4.70
N PHE E 183 33.52 1.51 -6.00
CA PHE E 183 33.23 0.15 -6.46
C PHE E 183 34.03 -0.10 -7.72
N GLY E 184 35.17 -0.75 -7.58
CA GLY E 184 36.05 -1.05 -8.70
C GLY E 184 37.42 -0.42 -8.62
N TYR E 185 37.64 0.55 -7.74
CA TYR E 185 38.94 1.19 -7.60
C TYR E 185 39.40 1.07 -6.16
N THR E 186 40.54 0.42 -5.95
CA THR E 186 41.09 0.04 -4.65
C THR E 186 41.67 1.24 -3.91
N MET E 187 42.23 0.95 -2.72
CA MET E 187 42.82 2.00 -1.89
C MET E 187 44.07 2.57 -2.54
N ASN E 188 44.81 1.77 -3.29
CA ASN E 188 45.99 2.31 -3.95
C ASN E 188 45.65 2.81 -5.35
N ASP E 189 44.36 2.99 -5.67
CA ASP E 189 43.89 3.45 -6.97
C ASP E 189 42.99 4.68 -6.88
N LEU E 190 42.10 4.74 -5.89
CA LEU E 190 41.20 5.89 -5.72
C LEU E 190 40.79 6.01 -4.26
N ILE E 191 41.10 7.14 -3.61
CA ILE E 191 40.76 7.37 -2.20
C ILE E 191 39.88 8.61 -2.09
N PHE E 192 38.72 8.46 -1.46
CA PHE E 192 37.83 9.58 -1.22
C PHE E 192 38.21 10.26 0.10
N GLU E 193 37.85 11.54 0.21
CA GLU E 193 38.12 12.31 1.41
C GLU E 193 36.98 13.31 1.62
N TRP E 194 36.94 13.89 2.82
CA TRP E 194 35.95 14.90 3.16
C TRP E 194 36.50 16.29 2.82
N ASP E 195 35.81 17.32 3.29
CA ASP E 195 36.18 18.71 3.08
C ASP E 195 36.52 19.35 4.42
N GLU E 196 37.17 20.52 4.36
CA GLU E 196 37.56 21.26 5.56
C GLU E 196 36.77 22.55 5.75
N LYS E 197 36.32 23.19 4.69
CA LYS E 197 35.45 24.36 4.79
C LYS E 197 34.03 23.84 4.62
N GLY E 198 33.43 23.41 5.74
CA GLY E 198 32.10 22.84 5.71
C GLY E 198 32.12 21.35 5.39
N ALA E 199 31.40 20.54 6.18
CA ALA E 199 31.40 19.10 5.95
C ALA E 199 30.07 18.64 5.38
N VAL E 200 28.96 18.81 6.11
CA VAL E 200 27.66 18.45 5.57
C VAL E 200 26.75 19.64 5.83
N GLN E 201 26.25 20.26 4.76
CA GLN E 201 25.37 21.39 4.91
C GLN E 201 23.92 20.92 4.95
N VAL E 202 23.02 21.79 5.39
CA VAL E 202 21.63 21.38 5.44
C VAL E 202 20.80 22.53 4.87
N ALA E 203 19.63 22.17 4.34
CA ALA E 203 18.70 23.13 3.76
C ALA E 203 18.19 24.08 4.83
N ASP E 204 18.25 25.38 4.55
CA ASP E 204 17.79 26.41 5.48
C ASP E 204 16.28 26.28 5.70
N GLY E 205 15.88 26.50 6.95
CA GLY E 205 14.50 26.45 7.43
C GLY E 205 13.71 25.17 7.24
N LEU E 206 14.35 24.03 7.49
CA LEU E 206 13.80 22.67 7.41
C LEU E 206 13.73 22.03 8.77
N THR E 207 12.54 21.54 9.13
CA THR E 207 12.35 20.91 10.42
C THR E 207 11.55 19.65 10.15
N LEU E 208 11.68 18.72 11.08
CA LEU E 208 11.01 17.44 11.03
C LEU E 208 10.09 17.25 12.23
N PRO E 209 8.83 16.84 12.00
CA PRO E 209 7.91 16.65 13.14
C PRO E 209 8.35 15.54 14.08
N GLN E 210 8.79 14.41 13.54
CA GLN E 210 9.24 13.27 14.34
C GLN E 210 10.52 13.55 15.15
N PHE E 211 11.55 14.15 14.53
CA PHE E 211 12.81 14.34 15.27
C PHE E 211 13.45 15.69 14.96
N ILE E 212 14.30 16.17 15.86
CA ILE E 212 14.98 17.44 15.63
C ILE E 212 16.43 17.11 15.26
N LEU E 213 16.87 17.58 14.09
CA LEU E 213 18.23 17.25 13.63
C LEU E 213 19.34 17.91 14.45
N LYS E 214 20.20 17.10 15.08
CA LYS E 214 21.32 17.62 15.85
C LYS E 214 22.32 18.29 14.90
N GLU E 215 22.91 19.39 15.35
CA GLU E 215 23.86 20.14 14.55
C GLU E 215 25.30 19.76 14.83
N GLU E 216 25.52 18.69 15.61
CA GLU E 216 26.86 18.24 15.94
C GLU E 216 27.53 17.70 14.69
N LYS E 217 26.79 16.88 13.93
CA LYS E 217 27.21 16.26 12.65
C LYS E 217 28.53 15.51 12.73
N ASP E 218 28.69 14.70 13.80
CA ASP E 218 29.90 13.89 14.01
C ASP E 218 30.20 13.06 12.76
N LEU E 219 31.44 13.15 12.29
CA LEU E 219 31.83 12.44 11.09
C LEU E 219 33.25 11.92 11.18
N ARG E 220 33.48 10.79 10.51
CA ARG E 220 34.75 10.08 10.44
C ARG E 220 34.64 9.15 9.25
N TYR E 221 35.63 8.28 9.07
CA TYR E 221 35.56 7.34 7.96
C TYR E 221 36.18 6.02 8.34
N CYS E 222 35.52 4.95 7.90
CA CYS E 222 35.98 3.57 8.09
C CYS E 222 36.78 3.12 6.87
N THR E 223 36.96 1.82 6.73
CA THR E 223 37.54 1.23 5.53
C THR E 223 36.92 -0.15 5.34
N LYS E 224 37.06 -0.69 4.13
CA LYS E 224 36.51 -2.00 3.79
C LYS E 224 37.62 -2.94 3.34
N HIS E 225 37.50 -4.20 3.74
CA HIS E 225 38.44 -5.26 3.39
C HIS E 225 37.66 -6.46 2.86
N TYR E 226 37.51 -6.54 1.54
CA TYR E 226 36.82 -7.65 0.92
C TYR E 226 37.86 -8.69 0.49
N ASN E 227 37.43 -9.68 -0.28
CA ASN E 227 38.34 -10.72 -0.76
C ASN E 227 39.02 -10.35 -2.06
N THR E 228 38.73 -9.16 -2.61
CA THR E 228 39.33 -8.70 -3.85
C THR E 228 40.29 -7.54 -3.67
N GLY E 229 40.26 -6.86 -2.54
CA GLY E 229 41.16 -5.76 -2.31
C GLY E 229 40.63 -4.85 -1.20
N LYS E 230 41.36 -3.77 -1.01
CA LYS E 230 41.04 -2.76 0.00
C LYS E 230 40.32 -1.59 -0.67
N PHE E 231 39.07 -1.36 -0.28
CA PHE E 231 38.23 -0.30 -0.83
C PHE E 231 37.95 0.75 0.23
N THR E 232 37.95 2.02 -0.19
CA THR E 232 37.68 3.11 0.73
C THR E 232 36.19 3.22 1.02
N CYS E 233 35.87 3.69 2.22
CA CYS E 233 34.48 3.82 2.63
C CYS E 233 34.37 5.02 3.55
N ILE E 234 33.81 6.10 3.06
CA ILE E 234 33.70 7.35 3.80
C ILE E 234 32.28 7.48 4.30
N GLU E 235 32.11 7.89 5.55
CA GLU E 235 30.78 7.90 6.11
C GLU E 235 30.51 9.23 6.81
N ALA E 236 29.28 9.36 7.30
CA ALA E 236 28.84 10.54 8.02
C ALA E 236 27.69 10.12 8.91
N ARG E 237 27.74 10.52 10.18
CA ARG E 237 26.77 10.09 11.17
C ARG E 237 25.84 11.23 11.55
N PHE E 238 24.54 10.98 11.49
CA PHE E 238 23.58 11.94 11.98
C PHE E 238 23.05 11.49 13.33
N HIS E 239 22.38 12.40 14.00
CA HIS E 239 21.81 12.16 15.32
C HIS E 239 20.37 12.65 15.39
N LEU E 240 19.43 11.75 15.65
CA LEU E 240 18.00 12.06 15.71
C LEU E 240 17.42 11.64 17.06
N GLU E 241 16.91 12.60 17.83
CA GLU E 241 16.16 12.33 19.05
C GLU E 241 14.68 12.65 18.85
N ARG E 242 13.83 11.96 19.57
CA ARG E 242 12.38 12.14 19.44
C ARG E 242 11.95 13.44 20.11
N GLN E 243 11.14 14.23 19.39
CA GLN E 243 10.51 15.40 19.97
C GLN E 243 9.29 14.91 20.74
N MET E 244 9.44 14.81 22.05
CA MET E 244 8.41 14.25 22.91
C MET E 244 7.19 15.16 22.99
N GLY E 245 6.02 14.53 23.17
CA GLY E 245 4.79 15.28 23.23
C GLY E 245 3.62 14.49 22.71
N TYR E 246 3.79 14.06 21.45
CA TYR E 246 2.78 13.29 20.75
C TYR E 246 2.56 11.96 21.44
N TYR E 247 3.66 11.32 21.87
CA TYR E 247 3.61 10.03 22.52
C TYR E 247 2.85 10.12 23.82
N LEU E 248 3.11 11.20 24.57
CA LEU E 248 2.48 11.44 25.86
C LEU E 248 0.97 11.59 25.72
N ILE E 249 0.54 12.40 24.73
CA ILE E 249 -0.90 12.63 24.51
C ILE E 249 -1.59 11.34 24.04
N GLN E 250 -0.96 10.62 23.09
CA GLN E 250 -1.53 9.42 22.50
C GLN E 250 -1.67 8.25 23.45
N MET E 251 -0.63 7.96 24.24
CA MET E 251 -0.74 6.78 25.10
C MET E 251 -0.50 7.04 26.58
N TYR E 252 0.41 7.94 26.96
CA TYR E 252 0.67 8.14 28.38
C TYR E 252 -0.57 8.73 29.06
N ILE E 253 -1.20 9.75 28.47
CA ILE E 253 -2.37 10.39 29.07
C ILE E 253 -3.55 9.38 29.11
N PRO E 254 -3.90 8.59 28.03
CA PRO E 254 -5.04 7.65 28.16
C PRO E 254 -4.85 6.55 29.20
N SER E 255 -3.63 5.99 29.27
CA SER E 255 -3.28 4.93 30.22
C SER E 255 -3.43 5.44 31.63
N LEU E 256 -2.97 6.69 31.87
CA LEU E 256 -3.05 7.30 33.19
C LEU E 256 -4.52 7.37 33.59
N LEU E 257 -5.35 8.04 32.75
CA LEU E 257 -6.79 8.18 33.02
C LEU E 257 -7.42 6.82 33.36
N ILE E 258 -7.02 5.77 32.61
CA ILE E 258 -7.56 4.42 32.82
C ILE E 258 -7.25 3.94 34.24
N VAL E 259 -6.00 4.19 34.67
CA VAL E 259 -5.56 3.83 36.03
C VAL E 259 -6.36 4.61 37.06
N ILE E 260 -6.61 5.90 36.75
CA ILE E 260 -7.36 6.79 37.61
C ILE E 260 -8.79 6.26 37.76
N LEU E 261 -9.36 5.74 36.64
CA LEU E 261 -10.72 5.21 36.63
C LEU E 261 -10.82 4.04 37.58
N SER E 262 -9.77 3.19 37.56
CA SER E 262 -9.75 2.03 38.44
C SER E 262 -9.73 2.49 39.89
N TRP E 263 -8.94 3.55 40.18
CA TRP E 263 -8.86 4.06 41.55
C TRP E 263 -10.21 4.55 42.05
N VAL E 264 -10.94 5.25 41.17
CA VAL E 264 -12.24 5.81 41.53
C VAL E 264 -13.25 4.71 41.85
N SER E 265 -13.11 3.52 41.19
CA SER E 265 -14.01 2.35 41.36
C SER E 265 -14.29 1.99 42.81
N PHE E 266 -13.25 2.01 43.64
CA PHE E 266 -13.32 1.69 45.06
C PHE E 266 -14.21 2.69 45.78
N TRP E 267 -14.01 3.96 45.49
CA TRP E 267 -14.81 5.04 46.00
C TRP E 267 -16.17 5.09 45.28
N ILE E 268 -16.23 4.74 43.98
CA ILE E 268 -17.49 4.79 43.22
C ILE E 268 -18.51 3.81 43.79
N ASN E 269 -18.07 2.59 44.09
CA ASN E 269 -18.96 1.55 44.60
C ASN E 269 -18.51 0.93 45.91
N MET E 270 -19.39 0.98 46.90
CA MET E 270 -19.07 0.38 48.18
C MET E 270 -20.16 -0.61 48.53
N ASP E 271 -21.42 -0.15 48.46
CA ASP E 271 -22.57 -0.99 48.81
C ASP E 271 -22.73 -2.19 47.88
N ALA E 272 -22.56 -1.99 46.57
CA ALA E 272 -22.73 -3.07 45.62
C ALA E 272 -21.44 -3.42 44.93
N ALA E 273 -21.07 -4.68 45.07
CA ALA E 273 -19.90 -5.31 44.51
C ALA E 273 -19.85 -5.49 42.97
N PRO E 274 -21.03 -5.92 42.21
CA PRO E 274 -20.98 -6.10 40.73
C PRO E 274 -20.27 -5.06 39.90
N ALA E 275 -20.71 -3.82 40.15
CA ALA E 275 -20.20 -2.62 39.46
C ALA E 275 -18.67 -2.54 39.49
N ARG E 276 -18.06 -2.81 40.67
CA ARG E 276 -16.60 -2.85 40.78
C ARG E 276 -16.03 -3.96 39.93
N VAL E 277 -16.69 -5.14 39.96
CA VAL E 277 -16.22 -6.31 39.18
C VAL E 277 -16.14 -5.93 37.70
N GLY E 278 -17.27 -5.45 37.16
CA GLY E 278 -17.32 -5.06 35.76
C GLY E 278 -16.41 -3.92 35.34
N LEU E 279 -16.26 -2.88 36.19
CA LEU E 279 -15.23 -1.86 36.00
C LEU E 279 -13.85 -2.46 35.85
N GLY E 280 -13.46 -3.33 36.78
CA GLY E 280 -12.13 -3.92 36.75
C GLY E 280 -11.89 -4.83 35.55
N ILE E 281 -12.94 -5.57 35.14
CA ILE E 281 -12.88 -6.45 33.97
C ILE E 281 -12.64 -5.68 32.70
N THR E 282 -13.44 -4.67 32.48
CA THR E 282 -13.34 -3.97 31.23
C THR E 282 -12.16 -3.02 31.23
N THR E 283 -11.77 -2.51 32.40
CA THR E 283 -10.56 -1.72 32.43
C THR E 283 -9.34 -2.58 32.06
N VAL E 284 -9.28 -3.84 32.55
CA VAL E 284 -8.20 -4.75 32.14
C VAL E 284 -8.30 -5.08 30.65
N LEU E 285 -9.51 -5.23 30.12
CA LEU E 285 -9.68 -5.56 28.71
C LEU E 285 -9.32 -4.40 27.80
N THR E 286 -9.70 -3.18 28.16
CA THR E 286 -9.33 -2.02 27.36
C THR E 286 -7.85 -1.70 27.51
N MET E 287 -7.25 -2.04 28.65
CA MET E 287 -5.80 -1.86 28.80
C MET E 287 -5.04 -2.83 27.90
N THR E 288 -5.51 -4.08 27.81
CA THR E 288 -4.90 -5.06 26.91
C THR E 288 -5.12 -4.69 25.44
N THR E 289 -6.30 -4.13 25.13
CA THR E 289 -6.60 -3.61 23.80
C THR E 289 -5.67 -2.46 23.42
N GLN E 290 -5.46 -1.51 24.34
CA GLN E 290 -4.55 -0.40 24.09
C GLN E 290 -3.09 -0.85 23.99
N SER E 291 -2.71 -1.86 24.79
CA SER E 291 -1.34 -2.38 24.74
C SER E 291 -1.09 -3.17 23.46
N SER E 292 -2.13 -3.81 22.92
CA SER E 292 -2.04 -4.50 21.64
C SER E 292 -2.02 -3.51 20.48
N GLY E 293 -2.79 -2.43 20.60
CA GLY E 293 -2.87 -1.42 19.55
C GLY E 293 -1.68 -0.48 19.52
N SER E 294 -0.89 -0.44 20.60
CA SER E 294 0.26 0.46 20.66
C SER E 294 1.43 -0.04 19.85
N ARG E 295 1.51 -1.34 19.59
CA ARG E 295 2.61 -1.94 18.86
C ARG E 295 2.29 -2.17 17.39
N ALA E 296 1.30 -1.47 16.83
CA ALA E 296 0.97 -1.72 15.44
C ALA E 296 1.97 -1.04 14.51
N SER E 297 2.35 0.20 14.82
CA SER E 297 3.35 0.91 14.04
C SER E 297 4.76 0.41 14.30
N LEU E 298 4.98 -0.28 15.42
CA LEU E 298 6.28 -0.78 15.82
C LEU E 298 6.68 -1.99 14.99
N PRO E 299 7.97 -2.13 14.66
CA PRO E 299 8.44 -3.37 14.04
C PRO E 299 8.57 -4.45 15.10
N LYS E 300 8.50 -5.70 14.65
CA LYS E 300 8.58 -6.82 15.57
C LYS E 300 10.00 -6.94 16.11
N VAL E 301 10.17 -6.86 17.45
CA VAL E 301 11.50 -6.88 18.07
C VAL E 301 11.37 -7.71 19.36
N SER E 302 12.46 -8.37 19.76
CA SER E 302 12.43 -9.31 20.89
C SER E 302 12.48 -8.61 22.24
N TYR E 303 13.34 -7.60 22.39
CA TYR E 303 13.61 -7.04 23.71
C TYR E 303 12.48 -6.10 24.15
N VAL E 304 12.59 -5.60 25.38
CA VAL E 304 11.53 -4.92 26.07
C VAL E 304 11.83 -3.43 26.06
N LYS E 305 10.86 -2.63 25.62
CA LYS E 305 10.97 -1.19 25.59
C LYS E 305 10.39 -0.59 26.87
N ALA E 306 10.44 0.75 26.96
CA ALA E 306 9.90 1.44 28.13
C ALA E 306 8.38 1.39 28.12
N ILE E 307 7.78 1.45 26.94
CA ILE E 307 6.33 1.29 26.82
C ILE E 307 5.88 -0.07 27.27
N ASP E 308 6.67 -1.11 26.98
CA ASP E 308 6.32 -2.46 27.38
C ASP E 308 6.58 -2.71 28.86
N ILE E 309 7.24 -1.79 29.56
CA ILE E 309 7.29 -1.84 31.02
C ILE E 309 6.12 -1.04 31.62
N TRP E 310 5.87 0.15 31.07
CA TRP E 310 4.81 1.04 31.57
C TRP E 310 3.43 0.40 31.46
N MET E 311 3.09 -0.14 30.27
CA MET E 311 1.80 -0.77 30.06
C MET E 311 1.64 -2.02 30.92
N ALA E 312 2.73 -2.77 31.11
CA ALA E 312 2.69 -3.99 31.90
C ALA E 312 2.49 -3.69 33.38
N VAL E 313 3.10 -2.61 33.87
CA VAL E 313 2.98 -2.27 35.28
C VAL E 313 1.62 -1.62 35.55
N CYS E 314 1.07 -0.87 34.60
CA CYS E 314 -0.27 -0.29 34.78
C CYS E 314 -1.36 -1.36 34.67
N LEU E 315 -1.15 -2.36 33.82
CA LEU E 315 -2.02 -3.52 33.74
C LEU E 315 -1.91 -4.37 35.01
N LEU E 316 -0.73 -4.35 35.64
CA LEU E 316 -0.51 -5.02 36.92
C LEU E 316 -1.31 -4.30 37.99
N PHE E 317 -1.24 -2.96 38.03
CA PHE E 317 -1.95 -2.15 39.03
C PHE E 317 -3.47 -2.39 38.92
N VAL E 318 -4.04 -2.26 37.72
CA VAL E 318 -5.47 -2.42 37.49
C VAL E 318 -5.90 -3.85 37.88
N PHE E 319 -5.08 -4.85 37.50
CA PHE E 319 -5.35 -6.24 37.81
C PHE E 319 -5.34 -6.44 39.32
N SER E 320 -4.24 -6.02 39.96
CA SER E 320 -4.01 -6.10 41.40
C SER E 320 -5.21 -5.52 42.15
N ALA E 321 -5.74 -4.39 41.65
CA ALA E 321 -6.90 -3.75 42.26
C ALA E 321 -8.09 -4.69 42.23
N LEU E 322 -8.27 -5.35 41.08
CA LEU E 322 -9.39 -6.30 40.91
C LEU E 322 -9.19 -7.46 41.91
N LEU E 323 -7.93 -7.91 42.03
CA LEU E 323 -7.58 -9.00 42.96
C LEU E 323 -7.97 -8.62 44.38
N GLU E 324 -7.50 -7.43 44.84
CA GLU E 324 -7.78 -6.85 46.16
C GLU E 324 -9.29 -6.94 46.42
N TYR E 325 -10.05 -6.63 45.37
CA TYR E 325 -11.49 -6.67 45.33
C TYR E 325 -12.01 -8.08 45.57
N ALA E 326 -11.35 -9.07 44.96
CA ALA E 326 -11.76 -10.47 45.12
C ALA E 326 -11.62 -10.84 46.58
N ALA E 327 -10.52 -10.39 47.19
CA ALA E 327 -10.26 -10.65 48.60
C ALA E 327 -11.35 -10.00 49.46
N VAL E 328 -11.75 -8.75 49.11
CA VAL E 328 -12.82 -8.06 49.86
C VAL E 328 -14.13 -8.84 49.77
N ASN E 329 -14.42 -9.40 48.58
CA ASN E 329 -15.66 -10.15 48.43
C ASN E 329 -15.60 -11.49 49.14
N PHE E 330 -14.38 -12.00 49.35
CA PHE E 330 -14.20 -13.23 50.11
C PHE E 330 -14.43 -12.99 51.59
N ILE E 331 -13.92 -11.87 52.11
CA ILE E 331 -14.20 -11.48 53.49
C ILE E 331 -15.69 -11.21 53.69
N ALA E 332 -16.34 -10.59 52.68
CA ALA E 332 -17.78 -10.34 52.74
C ALA E 332 -18.59 -11.64 52.70
N ARG E 333 -18.15 -12.63 51.91
CA ARG E 333 -18.84 -13.90 51.85
C ARG E 333 -18.65 -14.73 53.11
N GLN E 334 -17.46 -14.65 53.71
CA GLN E 334 -17.21 -15.27 55.01
C GLN E 334 -18.07 -14.66 56.10
N HIS E 335 -18.21 -13.33 56.09
CA HIS E 335 -19.09 -12.64 57.03
C HIS E 335 -20.57 -13.00 56.79
N LYS E 336 -20.95 -13.21 55.53
CA LYS E 336 -22.32 -13.60 55.18
C LYS E 336 -22.63 -15.03 55.64
N GLU E 337 -21.68 -15.94 55.45
CA GLU E 337 -21.89 -17.34 55.83
C GLU E 337 -21.74 -17.52 57.33
N LEU E 338 -21.08 -16.58 58.00
CA LEU E 338 -21.05 -16.59 59.46
C LEU E 338 -22.37 -16.06 60.03
N LEU E 339 -22.94 -15.01 59.44
CA LEU E 339 -24.20 -14.49 59.96
C LEU E 339 -25.36 -15.41 59.60
N MET E 399 -17.91 -12.47 65.93
CA MET E 399 -16.85 -12.26 64.94
C MET E 399 -17.37 -11.39 63.80
N ARG E 400 -18.66 -11.03 63.89
CA ARG E 400 -19.31 -10.18 62.89
C ARG E 400 -18.63 -8.83 62.82
N LYS E 401 -18.35 -8.25 64.01
CA LYS E 401 -17.71 -6.94 64.10
C LYS E 401 -16.32 -7.02 63.50
N LEU E 402 -15.60 -8.11 63.79
CA LEU E 402 -14.24 -8.31 63.30
C LEU E 402 -14.23 -8.35 61.77
N PHE E 403 -15.19 -9.08 61.18
CA PHE E 403 -15.24 -9.20 59.71
C PHE E 403 -15.51 -7.83 59.09
N ILE E 404 -16.46 -7.07 59.68
CA ILE E 404 -16.82 -5.75 59.15
C ILE E 404 -15.60 -4.84 59.23
N SER E 405 -14.88 -4.91 60.36
CA SER E 405 -13.69 -4.08 60.60
C SER E 405 -12.62 -4.41 59.58
N ARG E 406 -12.42 -5.71 59.31
CA ARG E 406 -11.40 -6.16 58.35
C ARG E 406 -11.72 -5.62 56.96
N ALA E 407 -13.00 -5.70 56.56
CA ALA E 407 -13.42 -5.23 55.24
C ALA E 407 -13.17 -3.72 55.13
N LYS E 408 -13.53 -3.00 56.20
CA LYS E 408 -13.38 -1.54 56.22
C LYS E 408 -11.91 -1.18 56.12
N ARG E 409 -11.07 -1.96 56.84
CA ARG E 409 -9.64 -1.75 56.87
C ARG E 409 -9.04 -1.92 55.48
N ILE E 410 -9.47 -2.98 54.77
CA ILE E 410 -8.97 -3.27 53.43
C ILE E 410 -9.34 -2.11 52.50
N ASP E 411 -10.58 -1.62 52.64
CA ASP E 411 -11.12 -0.51 51.83
C ASP E 411 -10.34 0.79 52.06
N THR E 412 -9.97 1.07 53.31
CA THR E 412 -9.31 2.33 53.67
C THR E 412 -7.80 2.23 53.46
N VAL E 413 -7.20 1.05 53.44
CA VAL E 413 -5.76 0.86 53.26
C VAL E 413 -5.45 0.81 51.76
N SER E 414 -6.38 0.21 51.01
CA SER E 414 -6.32 0.04 49.56
C SER E 414 -6.14 1.38 48.87
N ARG E 415 -7.13 2.26 49.09
CA ARG E 415 -7.23 3.57 48.47
C ARG E 415 -6.07 4.46 48.89
N VAL E 416 -5.58 4.36 50.14
CA VAL E 416 -4.44 5.15 50.57
C VAL E 416 -3.17 4.68 49.85
N ALA E 417 -3.01 3.35 49.74
CA ALA E 417 -1.86 2.67 49.16
C ALA E 417 -1.67 2.88 47.67
N PHE E 418 -2.74 2.90 46.84
CA PHE E 418 -2.59 2.95 45.38
C PHE E 418 -1.85 4.22 44.90
N PRO E 419 -2.17 5.47 45.35
CA PRO E 419 -1.46 6.67 44.86
C PRO E 419 0.02 6.71 45.21
N LEU E 420 0.38 6.38 46.46
CA LEU E 420 1.77 6.40 46.90
C LEU E 420 2.59 5.37 46.14
N VAL E 421 2.03 4.17 45.87
CA VAL E 421 2.77 3.12 45.17
C VAL E 421 2.77 3.40 43.68
N PHE E 422 1.94 4.32 43.21
CA PHE E 422 1.92 4.66 41.80
C PHE E 422 2.78 5.89 41.57
N LEU E 423 2.64 6.90 42.42
CA LEU E 423 3.38 8.16 42.33
C LEU E 423 4.87 7.91 42.48
N ILE E 424 5.26 7.05 43.46
CA ILE E 424 6.69 6.74 43.71
C ILE E 424 7.26 6.01 42.49
N PHE E 425 6.44 5.15 41.87
CA PHE E 425 6.87 4.39 40.70
C PHE E 425 6.96 5.28 39.48
N ASN E 426 5.94 6.12 39.23
CA ASN E 426 5.93 6.98 38.04
C ASN E 426 7.11 7.95 38.11
N ILE E 427 7.32 8.58 39.28
CA ILE E 427 8.43 9.52 39.45
C ILE E 427 9.74 8.77 39.26
N PHE E 428 9.84 7.54 39.84
CA PHE E 428 11.04 6.73 39.77
C PHE E 428 11.38 6.41 38.32
N TYR E 429 10.35 6.03 37.54
CA TYR E 429 10.53 5.67 36.14
C TYR E 429 11.06 6.86 35.35
N TRP E 430 10.43 8.03 35.58
CA TRP E 430 10.86 9.23 34.87
C TRP E 430 12.30 9.60 35.23
N ILE E 431 12.66 9.49 36.53
CA ILE E 431 14.02 9.85 36.93
C ILE E 431 15.02 8.87 36.33
N THR E 432 14.64 7.58 36.25
CA THR E 432 15.53 6.53 35.74
C THR E 432 15.65 6.56 34.24
N TYR E 433 14.92 7.45 33.59
CA TYR E 433 14.98 7.59 32.15
C TYR E 433 15.50 8.96 31.78
N LYS E 434 15.26 9.96 32.64
CA LYS E 434 15.81 11.29 32.46
C LYS E 434 17.32 11.28 32.74
N ILE E 435 17.76 10.50 33.73
CA ILE E 435 19.19 10.48 34.02
C ILE E 435 19.94 9.64 33.00
N ILE E 436 19.29 8.65 32.38
CA ILE E 436 19.97 7.91 31.31
C ILE E 436 19.92 8.70 30.01
N ARG E 437 18.94 9.61 29.87
CA ARG E 437 18.93 10.53 28.75
C ARG E 437 20.04 11.56 28.87
N SER E 438 20.24 12.08 30.09
CA SER E 438 21.32 13.05 30.31
C SER E 438 22.70 12.38 30.29
N GLU E 439 22.77 11.08 30.60
CA GLU E 439 24.02 10.35 30.48
C GLU E 439 24.34 10.00 29.04
N ASP E 440 23.32 9.76 28.22
CA ASP E 440 23.53 9.54 26.80
C ASP E 440 23.87 10.84 26.08
N ILE E 441 23.21 11.93 26.47
CA ILE E 441 23.51 13.24 25.91
C ILE E 441 24.53 13.95 26.78
#